data_3QPD
# 
_entry.id   3QPD 
# 
_audit_conform.dict_name       mmcif_pdbx.dic 
_audit_conform.dict_version    5.398 
_audit_conform.dict_location   http://mmcif.pdb.org/dictionaries/ascii/mmcif_pdbx.dic 
# 
loop_
_database_2.database_id 
_database_2.database_code 
_database_2.pdbx_database_accession 
_database_2.pdbx_DOI 
PDB   3QPD         pdb_00003qpd 10.2210/pdb3qpd/pdb 
RCSB  RCSB063934   ?            ?                   
WWPDB D_1000063934 ?            ?                   
# 
loop_
_pdbx_audit_revision_history.ordinal 
_pdbx_audit_revision_history.data_content_type 
_pdbx_audit_revision_history.major_revision 
_pdbx_audit_revision_history.minor_revision 
_pdbx_audit_revision_history.revision_date 
1 'Structure model' 1 0 2012-02-29 
2 'Structure model' 1 1 2024-11-06 
# 
_pdbx_audit_revision_details.ordinal             1 
_pdbx_audit_revision_details.revision_ordinal    1 
_pdbx_audit_revision_details.data_content_type   'Structure model' 
_pdbx_audit_revision_details.provider            repository 
_pdbx_audit_revision_details.type                'Initial release' 
_pdbx_audit_revision_details.description         ? 
_pdbx_audit_revision_details.details             ? 
# 
loop_
_pdbx_audit_revision_group.ordinal 
_pdbx_audit_revision_group.revision_ordinal 
_pdbx_audit_revision_group.data_content_type 
_pdbx_audit_revision_group.group 
1 2 'Structure model' 'Data collection'      
2 2 'Structure model' 'Database references'  
3 2 'Structure model' 'Derived calculations' 
4 2 'Structure model' 'Structure summary'    
# 
loop_
_pdbx_audit_revision_category.ordinal 
_pdbx_audit_revision_category.revision_ordinal 
_pdbx_audit_revision_category.data_content_type 
_pdbx_audit_revision_category.category 
1 2 'Structure model' chem_comp_atom            
2 2 'Structure model' chem_comp_bond            
3 2 'Structure model' database_2                
4 2 'Structure model' pdbx_entry_details        
5 2 'Structure model' pdbx_modification_feature 
6 2 'Structure model' struct_conn               
# 
loop_
_pdbx_audit_revision_item.ordinal 
_pdbx_audit_revision_item.revision_ordinal 
_pdbx_audit_revision_item.data_content_type 
_pdbx_audit_revision_item.item 
1 2 'Structure model' '_database_2.pdbx_DOI'                
2 2 'Structure model' '_database_2.pdbx_database_accession' 
3 2 'Structure model' '_struct_conn.pdbx_leaving_atom_flag' 
# 
_pdbx_database_status.status_code                     REL 
_pdbx_database_status.entry_id                        3QPD 
_pdbx_database_status.recvd_initial_deposition_date   2011-02-11 
_pdbx_database_status.deposit_site                    RCSB 
_pdbx_database_status.process_site                    RCSB 
_pdbx_database_status.status_code_sf                  REL 
_pdbx_database_status.status_code_mr                  ? 
_pdbx_database_status.SG_entry                        ? 
_pdbx_database_status.status_code_cs                  ? 
_pdbx_database_status.methods_development_category    ? 
_pdbx_database_status.pdb_format_compatible           Y 
_pdbx_database_status.status_code_nmr_data            ? 
# 
loop_
_pdbx_database_related.db_name 
_pdbx_database_related.db_id 
_pdbx_database_related.details 
_pdbx_database_related.content_type 
PDB 3QPC 'High resolution structure of FsC cutianse in the presence of Paroxon' unspecified 
PDB 3GBS 'Crystal structure of Aspergillus oryzae cutinase'                     unspecified 
PDB 3QPA .                                                                      unspecified 
# 
loop_
_audit_author.name 
_audit_author.pdbx_ordinal 
'Lu, A.'          1 
'Gosser, Y.'      2 
'Montclare, J.K.' 3 
'Liu, Z.'         4 
'Kong, X.'        5 
# 
_citation.id                        primary 
_citation.title                     
'Structure of Aspergillus oryzae cutinase expressed in Pichia pastoris, crystallized in the presence of Paraoxon' 
_citation.journal_abbrev            'To be Published' 
_citation.journal_volume            ? 
_citation.page_first                ? 
_citation.page_last                 ? 
_citation.year                      ? 
_citation.journal_id_ASTM           ? 
_citation.country                   ? 
_citation.journal_id_ISSN           ? 
_citation.journal_id_CSD            0353 
_citation.book_publisher            ? 
_citation.pdbx_database_id_PubMed   ? 
_citation.pdbx_database_id_DOI      ? 
# 
loop_
_citation_author.citation_id 
_citation_author.name 
_citation_author.ordinal 
_citation_author.identifier_ORCID 
primary 'Lu, A.'          1 ? 
primary 'Gosser, Y.'      2 ? 
primary 'Montclare, J.K.' 3 ? 
primary 'Liu, Z.'         4 ? 
primary 'Kong, X.'        5 ? 
# 
loop_
_entity.id 
_entity.type 
_entity.src_method 
_entity.pdbx_description 
_entity.formula_weight 
_entity.pdbx_number_of_molecules 
_entity.pdbx_ec 
_entity.pdbx_mutation 
_entity.pdbx_fragment 
_entity.details 
1 polymer man 'Cutinase 1' 19619.162 1   3.1.1.74 ? 'unp residues 26-212' ? 
2 water   nat water        18.015    237 ?        ? ?                     ? 
# 
_entity_name_com.entity_id   1 
_entity_name_com.name        'Cutin hydrolase 1, L1' 
# 
_entity_poly.entity_id                      1 
_entity_poly.type                           'polypeptide(L)' 
_entity_poly.nstd_linkage                   no 
_entity_poly.nstd_monomer                   yes 
_entity_poly.pdbx_seq_one_letter_code       
;LTGGDELRDGPCKPITFIFARASTEPGLLGISTGPAVCNRLKLARSGDVACQGVGPRYTADLPSNALPEGTSQAAIAEAQ
GLFEQAVSKCPDTQIVAGGY(SEP)QGTAVMNGAIKRLSADVQDKIKGVVLFGYTRNAQERGQIANFPKDKVKVYCAVGD
LVCLGTLIVAPPHFSYLSDTGDASDFLLSQL
;
_entity_poly.pdbx_seq_one_letter_code_can   
;LTGGDELRDGPCKPITFIFARASTEPGLLGISTGPAVCNRLKLARSGDVACQGVGPRYTADLPSNALPEGTSQAAIAEAQ
GLFEQAVSKCPDTQIVAGGYSQGTAVMNGAIKRLSADVQDKIKGVVLFGYTRNAQERGQIANFPKDKVKVYCAVGDLVCL
GTLIVAPPHFSYLSDTGDASDFLLSQL
;
_entity_poly.pdbx_strand_id                 A 
_entity_poly.pdbx_target_identifier         ? 
# 
_pdbx_entity_nonpoly.entity_id   2 
_pdbx_entity_nonpoly.name        water 
_pdbx_entity_nonpoly.comp_id     HOH 
# 
loop_
_entity_poly_seq.entity_id 
_entity_poly_seq.num 
_entity_poly_seq.mon_id 
_entity_poly_seq.hetero 
1 1   LEU n 
1 2   THR n 
1 3   GLY n 
1 4   GLY n 
1 5   ASP n 
1 6   GLU n 
1 7   LEU n 
1 8   ARG n 
1 9   ASP n 
1 10  GLY n 
1 11  PRO n 
1 12  CYS n 
1 13  LYS n 
1 14  PRO n 
1 15  ILE n 
1 16  THR n 
1 17  PHE n 
1 18  ILE n 
1 19  PHE n 
1 20  ALA n 
1 21  ARG n 
1 22  ALA n 
1 23  SER n 
1 24  THR n 
1 25  GLU n 
1 26  PRO n 
1 27  GLY n 
1 28  LEU n 
1 29  LEU n 
1 30  GLY n 
1 31  ILE n 
1 32  SER n 
1 33  THR n 
1 34  GLY n 
1 35  PRO n 
1 36  ALA n 
1 37  VAL n 
1 38  CYS n 
1 39  ASN n 
1 40  ARG n 
1 41  LEU n 
1 42  LYS n 
1 43  LEU n 
1 44  ALA n 
1 45  ARG n 
1 46  SER n 
1 47  GLY n 
1 48  ASP n 
1 49  VAL n 
1 50  ALA n 
1 51  CYS n 
1 52  GLN n 
1 53  GLY n 
1 54  VAL n 
1 55  GLY n 
1 56  PRO n 
1 57  ARG n 
1 58  TYR n 
1 59  THR n 
1 60  ALA n 
1 61  ASP n 
1 62  LEU n 
1 63  PRO n 
1 64  SER n 
1 65  ASN n 
1 66  ALA n 
1 67  LEU n 
1 68  PRO n 
1 69  GLU n 
1 70  GLY n 
1 71  THR n 
1 72  SER n 
1 73  GLN n 
1 74  ALA n 
1 75  ALA n 
1 76  ILE n 
1 77  ALA n 
1 78  GLU n 
1 79  ALA n 
1 80  GLN n 
1 81  GLY n 
1 82  LEU n 
1 83  PHE n 
1 84  GLU n 
1 85  GLN n 
1 86  ALA n 
1 87  VAL n 
1 88  SER n 
1 89  LYS n 
1 90  CYS n 
1 91  PRO n 
1 92  ASP n 
1 93  THR n 
1 94  GLN n 
1 95  ILE n 
1 96  VAL n 
1 97  ALA n 
1 98  GLY n 
1 99  GLY n 
1 100 TYR n 
1 101 SEP n 
1 102 GLN n 
1 103 GLY n 
1 104 THR n 
1 105 ALA n 
1 106 VAL n 
1 107 MET n 
1 108 ASN n 
1 109 GLY n 
1 110 ALA n 
1 111 ILE n 
1 112 LYS n 
1 113 ARG n 
1 114 LEU n 
1 115 SER n 
1 116 ALA n 
1 117 ASP n 
1 118 VAL n 
1 119 GLN n 
1 120 ASP n 
1 121 LYS n 
1 122 ILE n 
1 123 LYS n 
1 124 GLY n 
1 125 VAL n 
1 126 VAL n 
1 127 LEU n 
1 128 PHE n 
1 129 GLY n 
1 130 TYR n 
1 131 THR n 
1 132 ARG n 
1 133 ASN n 
1 134 ALA n 
1 135 GLN n 
1 136 GLU n 
1 137 ARG n 
1 138 GLY n 
1 139 GLN n 
1 140 ILE n 
1 141 ALA n 
1 142 ASN n 
1 143 PHE n 
1 144 PRO n 
1 145 LYS n 
1 146 ASP n 
1 147 LYS n 
1 148 VAL n 
1 149 LYS n 
1 150 VAL n 
1 151 TYR n 
1 152 CYS n 
1 153 ALA n 
1 154 VAL n 
1 155 GLY n 
1 156 ASP n 
1 157 LEU n 
1 158 VAL n 
1 159 CYS n 
1 160 LEU n 
1 161 GLY n 
1 162 THR n 
1 163 LEU n 
1 164 ILE n 
1 165 VAL n 
1 166 ALA n 
1 167 PRO n 
1 168 PRO n 
1 169 HIS n 
1 170 PHE n 
1 171 SER n 
1 172 TYR n 
1 173 LEU n 
1 174 SER n 
1 175 ASP n 
1 176 THR n 
1 177 GLY n 
1 178 ASP n 
1 179 ALA n 
1 180 SER n 
1 181 ASP n 
1 182 PHE n 
1 183 LEU n 
1 184 LEU n 
1 185 SER n 
1 186 GLN n 
1 187 LEU n 
# 
_entity_src_gen.entity_id                          1 
_entity_src_gen.pdbx_src_id                        1 
_entity_src_gen.pdbx_alt_source_flag               sample 
_entity_src_gen.pdbx_seq_type                      ? 
_entity_src_gen.pdbx_beg_seq_num                   ? 
_entity_src_gen.pdbx_end_seq_num                   ? 
_entity_src_gen.gene_src_common_name               ? 
_entity_src_gen.gene_src_genus                     ? 
_entity_src_gen.pdbx_gene_src_gene                 'cutL, AO090005000029' 
_entity_src_gen.gene_src_species                   ? 
_entity_src_gen.gene_src_strain                    ? 
_entity_src_gen.gene_src_tissue                    ? 
_entity_src_gen.gene_src_tissue_fraction           ? 
_entity_src_gen.gene_src_details                   ? 
_entity_src_gen.pdbx_gene_src_fragment             ? 
_entity_src_gen.pdbx_gene_src_scientific_name      'Aspergillus oryzae' 
_entity_src_gen.pdbx_gene_src_ncbi_taxonomy_id     5062 
_entity_src_gen.pdbx_gene_src_variant              ? 
_entity_src_gen.pdbx_gene_src_cell_line            ? 
_entity_src_gen.pdbx_gene_src_atcc                 ? 
_entity_src_gen.pdbx_gene_src_organ                ? 
_entity_src_gen.pdbx_gene_src_organelle            ? 
_entity_src_gen.pdbx_gene_src_cell                 ? 
_entity_src_gen.pdbx_gene_src_cellular_location    ? 
_entity_src_gen.host_org_common_name               ? 
_entity_src_gen.pdbx_host_org_scientific_name      'Pichia pastoris' 
_entity_src_gen.pdbx_host_org_ncbi_taxonomy_id     4922 
_entity_src_gen.host_org_genus                     ? 
_entity_src_gen.pdbx_host_org_gene                 ? 
_entity_src_gen.pdbx_host_org_organ                ? 
_entity_src_gen.host_org_species                   ? 
_entity_src_gen.pdbx_host_org_tissue               ? 
_entity_src_gen.pdbx_host_org_tissue_fraction      ? 
_entity_src_gen.pdbx_host_org_strain               ? 
_entity_src_gen.pdbx_host_org_variant              ? 
_entity_src_gen.pdbx_host_org_cell_line            ? 
_entity_src_gen.pdbx_host_org_atcc                 ? 
_entity_src_gen.pdbx_host_org_culture_collection   ? 
_entity_src_gen.pdbx_host_org_cell                 ? 
_entity_src_gen.pdbx_host_org_organelle            ? 
_entity_src_gen.pdbx_host_org_cellular_location    ? 
_entity_src_gen.pdbx_host_org_vector_type          ? 
_entity_src_gen.pdbx_host_org_vector               ? 
_entity_src_gen.host_org_details                   ? 
_entity_src_gen.expression_system_id               ? 
_entity_src_gen.plasmid_name                       ? 
_entity_src_gen.plasmid_details                    ? 
_entity_src_gen.pdbx_description                   ? 
# 
loop_
_chem_comp.id 
_chem_comp.type 
_chem_comp.mon_nstd_flag 
_chem_comp.name 
_chem_comp.pdbx_synonyms 
_chem_comp.formula 
_chem_comp.formula_weight 
ALA 'L-peptide linking' y ALANINE         ?               'C3 H7 N O2'     89.093  
ARG 'L-peptide linking' y ARGININE        ?               'C6 H15 N4 O2 1' 175.209 
ASN 'L-peptide linking' y ASPARAGINE      ?               'C4 H8 N2 O3'    132.118 
ASP 'L-peptide linking' y 'ASPARTIC ACID' ?               'C4 H7 N O4'     133.103 
CYS 'L-peptide linking' y CYSTEINE        ?               'C3 H7 N O2 S'   121.158 
GLN 'L-peptide linking' y GLUTAMINE       ?               'C5 H10 N2 O3'   146.144 
GLU 'L-peptide linking' y 'GLUTAMIC ACID' ?               'C5 H9 N O4'     147.129 
GLY 'peptide linking'   y GLYCINE         ?               'C2 H5 N O2'     75.067  
HIS 'L-peptide linking' y HISTIDINE       ?               'C6 H10 N3 O2 1' 156.162 
HOH non-polymer         . WATER           ?               'H2 O'           18.015  
ILE 'L-peptide linking' y ISOLEUCINE      ?               'C6 H13 N O2'    131.173 
LEU 'L-peptide linking' y LEUCINE         ?               'C6 H13 N O2'    131.173 
LYS 'L-peptide linking' y LYSINE          ?               'C6 H15 N2 O2 1' 147.195 
MET 'L-peptide linking' y METHIONINE      ?               'C5 H11 N O2 S'  149.211 
PHE 'L-peptide linking' y PHENYLALANINE   ?               'C9 H11 N O2'    165.189 
PRO 'L-peptide linking' y PROLINE         ?               'C5 H9 N O2'     115.130 
SEP 'L-peptide linking' n PHOSPHOSERINE   PHOSPHONOSERINE 'C3 H8 N O6 P'   185.072 
SER 'L-peptide linking' y SERINE          ?               'C3 H7 N O3'     105.093 
THR 'L-peptide linking' y THREONINE       ?               'C4 H9 N O3'     119.119 
TYR 'L-peptide linking' y TYROSINE        ?               'C9 H11 N O3'    181.189 
VAL 'L-peptide linking' y VALINE          ?               'C5 H11 N O2'    117.146 
# 
loop_
_pdbx_poly_seq_scheme.asym_id 
_pdbx_poly_seq_scheme.entity_id 
_pdbx_poly_seq_scheme.seq_id 
_pdbx_poly_seq_scheme.mon_id 
_pdbx_poly_seq_scheme.ndb_seq_num 
_pdbx_poly_seq_scheme.pdb_seq_num 
_pdbx_poly_seq_scheme.auth_seq_num 
_pdbx_poly_seq_scheme.pdb_mon_id 
_pdbx_poly_seq_scheme.auth_mon_id 
_pdbx_poly_seq_scheme.pdb_strand_id 
_pdbx_poly_seq_scheme.pdb_ins_code 
_pdbx_poly_seq_scheme.hetero 
A 1 1   LEU 1   26  26  LEU LEU A . n 
A 1 2   THR 2   27  27  THR THR A . n 
A 1 3   GLY 3   28  28  GLY GLY A . n 
A 1 4   GLY 4   29  29  GLY GLY A . n 
A 1 5   ASP 5   30  30  ASP ASP A . n 
A 1 6   GLU 6   31  31  GLU GLU A . n 
A 1 7   LEU 7   32  32  LEU LEU A . n 
A 1 8   ARG 8   33  33  ARG ARG A . n 
A 1 9   ASP 9   34  34  ASP ASP A . n 
A 1 10  GLY 10  35  35  GLY GLY A . n 
A 1 11  PRO 11  36  36  PRO PRO A . n 
A 1 12  CYS 12  37  37  CYS CYS A . n 
A 1 13  LYS 13  38  38  LYS LYS A . n 
A 1 14  PRO 14  39  39  PRO PRO A . n 
A 1 15  ILE 15  40  40  ILE ILE A . n 
A 1 16  THR 16  41  41  THR THR A . n 
A 1 17  PHE 17  42  42  PHE PHE A . n 
A 1 18  ILE 18  43  43  ILE ILE A . n 
A 1 19  PHE 19  44  44  PHE PHE A . n 
A 1 20  ALA 20  45  45  ALA ALA A . n 
A 1 21  ARG 21  46  46  ARG ARG A . n 
A 1 22  ALA 22  47  47  ALA ALA A . n 
A 1 23  SER 23  48  48  SER SER A . n 
A 1 24  THR 24  49  49  THR THR A . n 
A 1 25  GLU 25  50  50  GLU GLU A . n 
A 1 26  PRO 26  51  51  PRO PRO A . n 
A 1 27  GLY 27  52  52  GLY GLY A . n 
A 1 28  LEU 28  53  53  LEU LEU A . n 
A 1 29  LEU 29  54  54  LEU LEU A . n 
A 1 30  GLY 30  55  55  GLY GLY A . n 
A 1 31  ILE 31  56  56  ILE ILE A . n 
A 1 32  SER 32  57  57  SER SER A . n 
A 1 33  THR 33  58  58  THR THR A . n 
A 1 34  GLY 34  59  59  GLY GLY A . n 
A 1 35  PRO 35  60  60  PRO PRO A . n 
A 1 36  ALA 36  61  61  ALA ALA A . n 
A 1 37  VAL 37  62  62  VAL VAL A . n 
A 1 38  CYS 38  63  63  CYS CYS A . n 
A 1 39  ASN 39  64  64  ASN ASN A . n 
A 1 40  ARG 40  65  65  ARG ARG A . n 
A 1 41  LEU 41  66  66  LEU LEU A . n 
A 1 42  LYS 42  67  67  LYS LYS A . n 
A 1 43  LEU 43  68  68  LEU LEU A . n 
A 1 44  ALA 44  69  69  ALA ALA A . n 
A 1 45  ARG 45  70  70  ARG ARG A . n 
A 1 46  SER 46  71  71  SER SER A . n 
A 1 47  GLY 47  72  72  GLY GLY A . n 
A 1 48  ASP 48  73  73  ASP ASP A . n 
A 1 49  VAL 49  74  74  VAL VAL A . n 
A 1 50  ALA 50  75  75  ALA ALA A . n 
A 1 51  CYS 51  76  76  CYS CYS A . n 
A 1 52  GLN 52  77  77  GLN GLN A . n 
A 1 53  GLY 53  78  78  GLY GLY A . n 
A 1 54  VAL 54  79  79  VAL VAL A . n 
A 1 55  GLY 55  80  80  GLY GLY A . n 
A 1 56  PRO 56  81  81  PRO PRO A . n 
A 1 57  ARG 57  82  82  ARG ARG A . n 
A 1 58  TYR 58  83  83  TYR TYR A . n 
A 1 59  THR 59  84  84  THR THR A . n 
A 1 60  ALA 60  85  85  ALA ALA A . n 
A 1 61  ASP 61  86  86  ASP ASP A . n 
A 1 62  LEU 62  87  87  LEU LEU A . n 
A 1 63  PRO 63  88  88  PRO PRO A . n 
A 1 64  SER 64  89  89  SER SER A . n 
A 1 65  ASN 65  90  90  ASN ASN A . n 
A 1 66  ALA 66  91  91  ALA ALA A . n 
A 1 67  LEU 67  92  92  LEU LEU A . n 
A 1 68  PRO 68  93  93  PRO PRO A . n 
A 1 69  GLU 69  94  94  GLU GLU A . n 
A 1 70  GLY 70  95  95  GLY GLY A . n 
A 1 71  THR 71  96  96  THR THR A . n 
A 1 72  SER 72  97  97  SER SER A . n 
A 1 73  GLN 73  98  98  GLN GLN A . n 
A 1 74  ALA 74  99  99  ALA ALA A . n 
A 1 75  ALA 75  100 100 ALA ALA A . n 
A 1 76  ILE 76  101 101 ILE ILE A . n 
A 1 77  ALA 77  102 102 ALA ALA A . n 
A 1 78  GLU 78  103 103 GLU GLU A . n 
A 1 79  ALA 79  104 104 ALA ALA A . n 
A 1 80  GLN 80  105 105 GLN GLN A . n 
A 1 81  GLY 81  106 106 GLY GLY A . n 
A 1 82  LEU 82  107 107 LEU LEU A . n 
A 1 83  PHE 83  108 108 PHE PHE A . n 
A 1 84  GLU 84  109 109 GLU GLU A . n 
A 1 85  GLN 85  110 110 GLN GLN A . n 
A 1 86  ALA 86  111 111 ALA ALA A . n 
A 1 87  VAL 87  112 112 VAL VAL A . n 
A 1 88  SER 88  113 113 SER SER A . n 
A 1 89  LYS 89  114 114 LYS LYS A . n 
A 1 90  CYS 90  115 115 CYS CYS A . n 
A 1 91  PRO 91  116 116 PRO PRO A . n 
A 1 92  ASP 92  117 117 ASP ASP A . n 
A 1 93  THR 93  118 118 THR THR A . n 
A 1 94  GLN 94  119 119 GLN GLN A . n 
A 1 95  ILE 95  120 120 ILE ILE A . n 
A 1 96  VAL 96  121 121 VAL VAL A . n 
A 1 97  ALA 97  122 122 ALA ALA A . n 
A 1 98  GLY 98  123 123 GLY GLY A . n 
A 1 99  GLY 99  124 124 GLY GLY A . n 
A 1 100 TYR 100 125 125 TYR TYR A . n 
A 1 101 SEP 101 126 126 SEP SEP A . n 
A 1 102 GLN 102 127 127 GLN GLN A . n 
A 1 103 GLY 103 128 128 GLY GLY A . n 
A 1 104 THR 104 129 129 THR THR A . n 
A 1 105 ALA 105 130 130 ALA ALA A . n 
A 1 106 VAL 106 131 131 VAL VAL A . n 
A 1 107 MET 107 132 132 MET MET A . n 
A 1 108 ASN 108 133 133 ASN ASN A . n 
A 1 109 GLY 109 134 134 GLY GLY A . n 
A 1 110 ALA 110 135 135 ALA ALA A . n 
A 1 111 ILE 111 136 136 ILE ILE A . n 
A 1 112 LYS 112 137 137 LYS LYS A . n 
A 1 113 ARG 113 138 138 ARG ARG A . n 
A 1 114 LEU 114 139 139 LEU LEU A . n 
A 1 115 SER 115 140 140 SER SER A . n 
A 1 116 ALA 116 141 141 ALA ALA A . n 
A 1 117 ASP 117 142 142 ASP ASP A . n 
A 1 118 VAL 118 143 143 VAL VAL A . n 
A 1 119 GLN 119 144 144 GLN GLN A . n 
A 1 120 ASP 120 145 145 ASP ASP A . n 
A 1 121 LYS 121 146 146 LYS LYS A . n 
A 1 122 ILE 122 147 147 ILE ILE A . n 
A 1 123 LYS 123 148 148 LYS LYS A . n 
A 1 124 GLY 124 149 149 GLY GLY A . n 
A 1 125 VAL 125 150 150 VAL VAL A . n 
A 1 126 VAL 126 151 151 VAL VAL A . n 
A 1 127 LEU 127 152 152 LEU LEU A . n 
A 1 128 PHE 128 153 153 PHE PHE A . n 
A 1 129 GLY 129 154 154 GLY GLY A . n 
A 1 130 TYR 130 155 155 TYR TYR A . n 
A 1 131 THR 131 156 156 THR THR A . n 
A 1 132 ARG 132 157 157 ARG ARG A . n 
A 1 133 ASN 133 158 158 ASN ASN A . n 
A 1 134 ALA 134 159 159 ALA ALA A . n 
A 1 135 GLN 135 160 160 GLN GLN A . n 
A 1 136 GLU 136 161 161 GLU GLU A . n 
A 1 137 ARG 137 162 162 ARG ARG A . n 
A 1 138 GLY 138 163 163 GLY GLY A . n 
A 1 139 GLN 139 164 164 GLN GLN A . n 
A 1 140 ILE 140 165 165 ILE ILE A . n 
A 1 141 ALA 141 166 166 ALA ALA A . n 
A 1 142 ASN 142 167 167 ASN ASN A . n 
A 1 143 PHE 143 168 168 PHE PHE A . n 
A 1 144 PRO 144 169 169 PRO PRO A . n 
A 1 145 LYS 145 170 170 LYS LYS A . n 
A 1 146 ASP 146 171 171 ASP ASP A . n 
A 1 147 LYS 147 172 172 LYS LYS A . n 
A 1 148 VAL 148 173 173 VAL VAL A . n 
A 1 149 LYS 149 174 174 LYS LYS A . n 
A 1 150 VAL 150 175 175 VAL VAL A . n 
A 1 151 TYR 151 176 176 TYR TYR A . n 
A 1 152 CYS 152 177 177 CYS CYS A . n 
A 1 153 ALA 153 178 178 ALA ALA A . n 
A 1 154 VAL 154 179 179 VAL VAL A . n 
A 1 155 GLY 155 180 180 GLY GLY A . n 
A 1 156 ASP 156 181 181 ASP ASP A . n 
A 1 157 LEU 157 182 182 LEU LEU A . n 
A 1 158 VAL 158 183 183 VAL VAL A . n 
A 1 159 CYS 159 184 184 CYS CYS A . n 
A 1 160 LEU 160 185 185 LEU LEU A . n 
A 1 161 GLY 161 186 186 GLY GLY A . n 
A 1 162 THR 162 187 187 THR THR A . n 
A 1 163 LEU 163 188 188 LEU LEU A . n 
A 1 164 ILE 164 189 189 ILE ILE A . n 
A 1 165 VAL 165 190 190 VAL VAL A . n 
A 1 166 ALA 166 191 191 ALA ALA A . n 
A 1 167 PRO 167 192 192 PRO PRO A . n 
A 1 168 PRO 168 193 193 PRO PRO A . n 
A 1 169 HIS 169 194 194 HIS HIS A . n 
A 1 170 PHE 170 195 195 PHE PHE A . n 
A 1 171 SER 171 196 196 SER SER A . n 
A 1 172 TYR 172 197 197 TYR TYR A . n 
A 1 173 LEU 173 198 198 LEU LEU A . n 
A 1 174 SER 174 199 199 SER SER A . n 
A 1 175 ASP 175 200 200 ASP ASP A . n 
A 1 176 THR 176 201 201 THR THR A . n 
A 1 177 GLY 177 202 202 GLY GLY A . n 
A 1 178 ASP 178 203 203 ASP ASP A . n 
A 1 179 ALA 179 204 204 ALA ALA A . n 
A 1 180 SER 180 205 205 SER SER A . n 
A 1 181 ASP 181 206 206 ASP ASP A . n 
A 1 182 PHE 182 207 207 PHE PHE A . n 
A 1 183 LEU 183 208 208 LEU LEU A . n 
A 1 184 LEU 184 209 209 LEU LEU A . n 
A 1 185 SER 185 210 210 SER SER A . n 
A 1 186 GLN 186 211 211 GLN GLN A . n 
A 1 187 LEU 187 212 212 LEU LEU A . n 
# 
loop_
_pdbx_nonpoly_scheme.asym_id 
_pdbx_nonpoly_scheme.entity_id 
_pdbx_nonpoly_scheme.mon_id 
_pdbx_nonpoly_scheme.ndb_seq_num 
_pdbx_nonpoly_scheme.pdb_seq_num 
_pdbx_nonpoly_scheme.auth_seq_num 
_pdbx_nonpoly_scheme.pdb_mon_id 
_pdbx_nonpoly_scheme.auth_mon_id 
_pdbx_nonpoly_scheme.pdb_strand_id 
_pdbx_nonpoly_scheme.pdb_ins_code 
B 2 HOH 1   1   1   HOH HOH A . 
B 2 HOH 2   2   2   HOH HOH A . 
B 2 HOH 3   3   3   HOH HOH A . 
B 2 HOH 4   4   4   HOH HOH A . 
B 2 HOH 5   5   5   HOH HOH A . 
B 2 HOH 6   6   6   HOH HOH A . 
B 2 HOH 7   7   7   HOH HOH A . 
B 2 HOH 8   8   8   HOH HOH A . 
B 2 HOH 9   9   9   HOH HOH A . 
B 2 HOH 10  10  10  HOH HOH A . 
B 2 HOH 11  11  11  HOH HOH A . 
B 2 HOH 12  12  12  HOH HOH A . 
B 2 HOH 13  13  13  HOH HOH A . 
B 2 HOH 14  14  14  HOH HOH A . 
B 2 HOH 15  15  15  HOH HOH A . 
B 2 HOH 16  16  16  HOH HOH A . 
B 2 HOH 17  17  17  HOH HOH A . 
B 2 HOH 18  18  18  HOH HOH A . 
B 2 HOH 19  19  19  HOH HOH A . 
B 2 HOH 20  20  20  HOH HOH A . 
B 2 HOH 21  21  21  HOH HOH A . 
B 2 HOH 22  22  22  HOH HOH A . 
B 2 HOH 23  23  23  HOH HOH A . 
B 2 HOH 24  24  24  HOH HOH A . 
B 2 HOH 25  25  25  HOH HOH A . 
B 2 HOH 26  213 213 HOH HOH A . 
B 2 HOH 27  214 214 HOH HOH A . 
B 2 HOH 28  215 215 HOH HOH A . 
B 2 HOH 29  216 216 HOH HOH A . 
B 2 HOH 30  217 217 HOH HOH A . 
B 2 HOH 31  218 218 HOH HOH A . 
B 2 HOH 32  219 219 HOH HOH A . 
B 2 HOH 33  220 220 HOH HOH A . 
B 2 HOH 34  221 221 HOH HOH A . 
B 2 HOH 35  222 222 HOH HOH A . 
B 2 HOH 36  223 223 HOH HOH A . 
B 2 HOH 37  224 224 HOH HOH A . 
B 2 HOH 38  225 225 HOH HOH A . 
B 2 HOH 39  226 226 HOH HOH A . 
B 2 HOH 40  227 227 HOH HOH A . 
B 2 HOH 41  228 228 HOH HOH A . 
B 2 HOH 42  229 229 HOH HOH A . 
B 2 HOH 43  230 230 HOH HOH A . 
B 2 HOH 44  231 231 HOH HOH A . 
B 2 HOH 45  232 232 HOH HOH A . 
B 2 HOH 46  233 233 HOH HOH A . 
B 2 HOH 47  234 234 HOH HOH A . 
B 2 HOH 48  235 235 HOH HOH A . 
B 2 HOH 49  236 236 HOH HOH A . 
B 2 HOH 50  237 237 HOH HOH A . 
B 2 HOH 51  238 26  HOH HOH A . 
B 2 HOH 52  239 27  HOH HOH A . 
B 2 HOH 53  240 28  HOH HOH A . 
B 2 HOH 54  241 29  HOH HOH A . 
B 2 HOH 55  242 30  HOH HOH A . 
B 2 HOH 56  243 31  HOH HOH A . 
B 2 HOH 57  244 32  HOH HOH A . 
B 2 HOH 58  245 33  HOH HOH A . 
B 2 HOH 59  246 34  HOH HOH A . 
B 2 HOH 60  247 35  HOH HOH A . 
B 2 HOH 61  248 36  HOH HOH A . 
B 2 HOH 62  249 37  HOH HOH A . 
B 2 HOH 63  250 38  HOH HOH A . 
B 2 HOH 64  251 39  HOH HOH A . 
B 2 HOH 65  252 40  HOH HOH A . 
B 2 HOH 66  253 41  HOH HOH A . 
B 2 HOH 67  254 42  HOH HOH A . 
B 2 HOH 68  255 43  HOH HOH A . 
B 2 HOH 69  256 44  HOH HOH A . 
B 2 HOH 70  257 45  HOH HOH A . 
B 2 HOH 71  258 46  HOH HOH A . 
B 2 HOH 72  259 47  HOH HOH A . 
B 2 HOH 73  260 48  HOH HOH A . 
B 2 HOH 74  261 49  HOH HOH A . 
B 2 HOH 75  262 50  HOH HOH A . 
B 2 HOH 76  263 51  HOH HOH A . 
B 2 HOH 77  264 52  HOH HOH A . 
B 2 HOH 78  265 53  HOH HOH A . 
B 2 HOH 79  266 54  HOH HOH A . 
B 2 HOH 80  267 55  HOH HOH A . 
B 2 HOH 81  268 56  HOH HOH A . 
B 2 HOH 82  269 57  HOH HOH A . 
B 2 HOH 83  270 58  HOH HOH A . 
B 2 HOH 84  271 59  HOH HOH A . 
B 2 HOH 85  272 60  HOH HOH A . 
B 2 HOH 86  273 61  HOH HOH A . 
B 2 HOH 87  274 62  HOH HOH A . 
B 2 HOH 88  275 63  HOH HOH A . 
B 2 HOH 89  276 64  HOH HOH A . 
B 2 HOH 90  277 65  HOH HOH A . 
B 2 HOH 91  278 66  HOH HOH A . 
B 2 HOH 92  279 67  HOH HOH A . 
B 2 HOH 93  280 68  HOH HOH A . 
B 2 HOH 94  281 69  HOH HOH A . 
B 2 HOH 95  282 70  HOH HOH A . 
B 2 HOH 96  283 71  HOH HOH A . 
B 2 HOH 97  284 72  HOH HOH A . 
B 2 HOH 98  285 73  HOH HOH A . 
B 2 HOH 99  286 74  HOH HOH A . 
B 2 HOH 100 287 75  HOH HOH A . 
B 2 HOH 101 288 76  HOH HOH A . 
B 2 HOH 102 289 77  HOH HOH A . 
B 2 HOH 103 290 78  HOH HOH A . 
B 2 HOH 104 291 79  HOH HOH A . 
B 2 HOH 105 292 80  HOH HOH A . 
B 2 HOH 106 293 81  HOH HOH A . 
B 2 HOH 107 294 82  HOH HOH A . 
B 2 HOH 108 295 83  HOH HOH A . 
B 2 HOH 109 296 84  HOH HOH A . 
B 2 HOH 110 297 85  HOH HOH A . 
B 2 HOH 111 298 86  HOH HOH A . 
B 2 HOH 112 299 87  HOH HOH A . 
B 2 HOH 113 300 88  HOH HOH A . 
B 2 HOH 114 301 89  HOH HOH A . 
B 2 HOH 115 302 90  HOH HOH A . 
B 2 HOH 116 303 91  HOH HOH A . 
B 2 HOH 117 304 92  HOH HOH A . 
B 2 HOH 118 305 93  HOH HOH A . 
B 2 HOH 119 306 94  HOH HOH A . 
B 2 HOH 120 307 95  HOH HOH A . 
B 2 HOH 121 308 96  HOH HOH A . 
B 2 HOH 122 309 97  HOH HOH A . 
B 2 HOH 123 310 98  HOH HOH A . 
B 2 HOH 124 311 99  HOH HOH A . 
B 2 HOH 125 312 100 HOH HOH A . 
B 2 HOH 126 313 101 HOH HOH A . 
B 2 HOH 127 314 102 HOH HOH A . 
B 2 HOH 128 315 103 HOH HOH A . 
B 2 HOH 129 316 104 HOH HOH A . 
B 2 HOH 130 317 105 HOH HOH A . 
B 2 HOH 131 318 106 HOH HOH A . 
B 2 HOH 132 319 107 HOH HOH A . 
B 2 HOH 133 320 108 HOH HOH A . 
B 2 HOH 134 321 109 HOH HOH A . 
B 2 HOH 135 322 110 HOH HOH A . 
B 2 HOH 136 323 111 HOH HOH A . 
B 2 HOH 137 324 112 HOH HOH A . 
B 2 HOH 138 325 113 HOH HOH A . 
B 2 HOH 139 326 114 HOH HOH A . 
B 2 HOH 140 327 115 HOH HOH A . 
B 2 HOH 141 328 116 HOH HOH A . 
B 2 HOH 142 329 117 HOH HOH A . 
B 2 HOH 143 330 118 HOH HOH A . 
B 2 HOH 144 331 119 HOH HOH A . 
B 2 HOH 145 332 120 HOH HOH A . 
B 2 HOH 146 333 121 HOH HOH A . 
B 2 HOH 147 334 122 HOH HOH A . 
B 2 HOH 148 335 123 HOH HOH A . 
B 2 HOH 149 336 124 HOH HOH A . 
B 2 HOH 150 337 125 HOH HOH A . 
B 2 HOH 151 338 126 HOH HOH A . 
B 2 HOH 152 339 127 HOH HOH A . 
B 2 HOH 153 340 128 HOH HOH A . 
B 2 HOH 154 341 129 HOH HOH A . 
B 2 HOH 155 342 130 HOH HOH A . 
B 2 HOH 156 343 131 HOH HOH A . 
B 2 HOH 157 344 132 HOH HOH A . 
B 2 HOH 158 345 133 HOH HOH A . 
B 2 HOH 159 346 134 HOH HOH A . 
B 2 HOH 160 347 135 HOH HOH A . 
B 2 HOH 161 348 136 HOH HOH A . 
B 2 HOH 162 349 137 HOH HOH A . 
B 2 HOH 163 350 138 HOH HOH A . 
B 2 HOH 164 351 139 HOH HOH A . 
B 2 HOH 165 352 140 HOH HOH A . 
B 2 HOH 166 353 141 HOH HOH A . 
B 2 HOH 167 354 142 HOH HOH A . 
B 2 HOH 168 355 143 HOH HOH A . 
B 2 HOH 169 356 144 HOH HOH A . 
B 2 HOH 170 357 145 HOH HOH A . 
B 2 HOH 171 358 146 HOH HOH A . 
B 2 HOH 172 359 147 HOH HOH A . 
B 2 HOH 173 360 148 HOH HOH A . 
B 2 HOH 174 361 149 HOH HOH A . 
B 2 HOH 175 362 150 HOH HOH A . 
B 2 HOH 176 363 151 HOH HOH A . 
B 2 HOH 177 364 152 HOH HOH A . 
B 2 HOH 178 365 153 HOH HOH A . 
B 2 HOH 179 366 154 HOH HOH A . 
B 2 HOH 180 367 155 HOH HOH A . 
B 2 HOH 181 368 156 HOH HOH A . 
B 2 HOH 182 369 157 HOH HOH A . 
B 2 HOH 183 370 158 HOH HOH A . 
B 2 HOH 184 371 159 HOH HOH A . 
B 2 HOH 185 372 160 HOH HOH A . 
B 2 HOH 186 373 161 HOH HOH A . 
B 2 HOH 187 374 162 HOH HOH A . 
B 2 HOH 188 375 163 HOH HOH A . 
B 2 HOH 189 376 164 HOH HOH A . 
B 2 HOH 190 377 165 HOH HOH A . 
B 2 HOH 191 378 166 HOH HOH A . 
B 2 HOH 192 379 167 HOH HOH A . 
B 2 HOH 193 380 168 HOH HOH A . 
B 2 HOH 194 381 169 HOH HOH A . 
B 2 HOH 195 382 170 HOH HOH A . 
B 2 HOH 196 383 171 HOH HOH A . 
B 2 HOH 197 384 172 HOH HOH A . 
B 2 HOH 198 385 173 HOH HOH A . 
B 2 HOH 199 386 174 HOH HOH A . 
B 2 HOH 200 387 175 HOH HOH A . 
B 2 HOH 201 388 176 HOH HOH A . 
B 2 HOH 202 389 177 HOH HOH A . 
B 2 HOH 203 390 178 HOH HOH A . 
B 2 HOH 204 391 179 HOH HOH A . 
B 2 HOH 205 392 180 HOH HOH A . 
B 2 HOH 206 393 181 HOH HOH A . 
B 2 HOH 207 394 182 HOH HOH A . 
B 2 HOH 208 395 183 HOH HOH A . 
B 2 HOH 209 396 184 HOH HOH A . 
B 2 HOH 210 397 185 HOH HOH A . 
B 2 HOH 211 398 186 HOH HOH A . 
B 2 HOH 212 399 187 HOH HOH A . 
B 2 HOH 213 400 188 HOH HOH A . 
B 2 HOH 214 401 189 HOH HOH A . 
B 2 HOH 215 402 190 HOH HOH A . 
B 2 HOH 216 403 191 HOH HOH A . 
B 2 HOH 217 404 192 HOH HOH A . 
B 2 HOH 218 405 193 HOH HOH A . 
B 2 HOH 219 406 194 HOH HOH A . 
B 2 HOH 220 407 195 HOH HOH A . 
B 2 HOH 221 408 196 HOH HOH A . 
B 2 HOH 222 409 197 HOH HOH A . 
B 2 HOH 223 410 198 HOH HOH A . 
B 2 HOH 224 411 199 HOH HOH A . 
B 2 HOH 225 412 200 HOH HOH A . 
B 2 HOH 226 413 201 HOH HOH A . 
B 2 HOH 227 414 202 HOH HOH A . 
B 2 HOH 228 415 203 HOH HOH A . 
B 2 HOH 229 416 204 HOH HOH A . 
B 2 HOH 230 417 205 HOH HOH A . 
B 2 HOH 231 418 206 HOH HOH A . 
B 2 HOH 232 419 207 HOH HOH A . 
B 2 HOH 233 420 208 HOH HOH A . 
B 2 HOH 234 421 209 HOH HOH A . 
B 2 HOH 235 422 210 HOH HOH A . 
B 2 HOH 236 423 211 HOH HOH A . 
B 2 HOH 237 424 212 HOH HOH A . 
# 
loop_
_software.name 
_software.classification 
_software.version 
_software.citation_id 
_software.pdbx_ordinal 
ADSC     'data collection' Quantum                      ? 1 
MOLREP   phasing           .                            ? 2 
PHENIX   refinement        '(phenix.refine: 1.6.1_357)' ? 3 
HKL-2000 'data reduction'  .                            ? 4 
HKL-2000 'data scaling'    .                            ? 5 
# 
_cell.entry_id           3QPD 
_cell.length_a           45.078 
_cell.length_b           45.078 
_cell.length_c           157.711 
_cell.angle_alpha        90.00 
_cell.angle_beta         90.00 
_cell.angle_gamma        120.00 
_cell.Z_PDB              6 
_cell.pdbx_unique_axis   ? 
_cell.length_a_esd       ? 
_cell.length_b_esd       ? 
_cell.length_c_esd       ? 
_cell.angle_alpha_esd    ? 
_cell.angle_beta_esd     ? 
_cell.angle_gamma_esd    ? 
# 
_symmetry.entry_id                         3QPD 
_symmetry.space_group_name_H-M             'P 32 2 1' 
_symmetry.pdbx_full_space_group_name_H-M   ? 
_symmetry.cell_setting                     ? 
_symmetry.Int_Tables_number                154 
_symmetry.space_group_name_Hall            ? 
# 
_exptl.entry_id          3QPD 
_exptl.method            'X-RAY DIFFRACTION' 
_exptl.crystals_number   1 
# 
_exptl_crystal.id                    1 
_exptl_crystal.density_meas          ? 
_exptl_crystal.density_Matthews      2.36 
_exptl_crystal.density_percent_sol   47.83 
_exptl_crystal.description           ? 
_exptl_crystal.F_000                 ? 
_exptl_crystal.preparation           ? 
# 
_exptl_crystal_grow.crystal_id      1 
_exptl_crystal_grow.method          'VAPOR DIFFUSION, HANGING DROP' 
_exptl_crystal_grow.temp            298 
_exptl_crystal_grow.temp_details    ? 
_exptl_crystal_grow.pH              7.5 
_exptl_crystal_grow.pdbx_details    
'30% PEG2KMME, 0.1M Potassium Thiocyanate, pH 7.5, VAPOR DIFFUSION, HANGING DROP, temperature 298K' 
_exptl_crystal_grow.pdbx_pH_range   ? 
# 
_diffrn.id                     1 
_diffrn.ambient_temp           100 
_diffrn.ambient_temp_details   ? 
_diffrn.crystal_id             1 
# 
_diffrn_detector.diffrn_id              1 
_diffrn_detector.detector               CCD 
_diffrn_detector.type                   'ADSC QUANTUM 270' 
_diffrn_detector.pdbx_collection_date   2010-02-05 
_diffrn_detector.details                ? 
# 
_diffrn_radiation.diffrn_id                        1 
_diffrn_radiation.wavelength_id                    1 
_diffrn_radiation.pdbx_monochromatic_or_laue_m_l   M 
_diffrn_radiation.monochromator                    'Si(111)' 
_diffrn_radiation.pdbx_diffrn_protocol             'SINGLE WAVELENGTH' 
_diffrn_radiation.pdbx_scattering_type             x-ray 
# 
_diffrn_radiation_wavelength.id           1 
_diffrn_radiation_wavelength.wavelength   0.77009 
_diffrn_radiation_wavelength.wt           1.0 
# 
_diffrn_source.diffrn_id                   1 
_diffrn_source.source                      SYNCHROTRON 
_diffrn_source.type                        'NSLS BEAMLINE X6A' 
_diffrn_source.pdbx_synchrotron_site       NSLS 
_diffrn_source.pdbx_synchrotron_beamline   X6A 
_diffrn_source.pdbx_wavelength             ? 
_diffrn_source.pdbx_wavelength_list        0.77009 
# 
_reflns.entry_id                     3QPD 
_reflns.observed_criterion_sigma_I   0 
_reflns.observed_criterion_sigma_F   0 
_reflns.d_resolution_low             37.90 
_reflns.d_resolution_high            1.57 
_reflns.number_obs                   26363 
_reflns.number_all                   26646 
_reflns.percent_possible_obs         98.94 
_reflns.pdbx_Rmerge_I_obs            ? 
_reflns.pdbx_Rsym_value              ? 
_reflns.pdbx_netI_over_sigmaI        ? 
_reflns.B_iso_Wilson_estimate        ? 
_reflns.pdbx_redundancy              ? 
_reflns.R_free_details               ? 
_reflns.limit_h_max                  ? 
_reflns.limit_h_min                  ? 
_reflns.limit_k_max                  ? 
_reflns.limit_k_min                  ? 
_reflns.limit_l_max                  ? 
_reflns.limit_l_min                  ? 
_reflns.observed_criterion_F_max     ? 
_reflns.observed_criterion_F_min     ? 
_reflns.pdbx_chi_squared             ? 
_reflns.pdbx_scaling_rejects         ? 
_reflns.pdbx_ordinal                 1 
_reflns.pdbx_diffrn_id               1 
# 
_reflns_shell.d_res_high             1.57 
_reflns_shell.d_res_low              1.63 
_reflns_shell.percent_possible_all   98 
_reflns_shell.Rmerge_I_obs           ? 
_reflns_shell.pdbx_Rsym_value        ? 
_reflns_shell.meanI_over_sigI_obs    ? 
_reflns_shell.pdbx_redundancy        ? 
_reflns_shell.percent_possible_obs   ? 
_reflns_shell.number_unique_all      ? 
_reflns_shell.number_measured_all    ? 
_reflns_shell.number_measured_obs    ? 
_reflns_shell.number_unique_obs      ? 
_reflns_shell.pdbx_chi_squared       ? 
_reflns_shell.pdbx_ordinal           1 
_reflns_shell.pdbx_diffrn_id         1 
# 
_refine.entry_id                                 3QPD 
_refine.ls_number_reflns_obs                     26363 
_refine.ls_number_reflns_all                     26646 
_refine.pdbx_ls_sigma_I                          ? 
_refine.pdbx_ls_sigma_F                          0.23 
_refine.pdbx_data_cutoff_high_absF               ? 
_refine.pdbx_data_cutoff_low_absF                ? 
_refine.pdbx_data_cutoff_high_rms_absF           ? 
_refine.ls_d_res_low                             37.895 
_refine.ls_d_res_high                            1.571 
_refine.ls_percent_reflns_obs                    98.94 
_refine.ls_R_factor_obs                          0.1607 
_refine.ls_R_factor_all                          ? 
_refine.ls_R_factor_R_work                       0.1595 
_refine.ls_R_factor_R_free                       0.1844 
_refine.ls_R_factor_R_free_error                 ? 
_refine.ls_R_factor_R_free_error_details         ? 
_refine.ls_percent_reflns_R_free                 5.05 
_refine.ls_number_reflns_R_free                  1345 
_refine.ls_number_parameters                     ? 
_refine.ls_number_restraints                     ? 
_refine.occupancy_min                            ? 
_refine.occupancy_max                            ? 
_refine.correlation_coeff_Fo_to_Fc               ? 
_refine.correlation_coeff_Fo_to_Fc_free          ? 
_refine.B_iso_mean                               ? 
_refine.aniso_B[1][1]                            0.7401 
_refine.aniso_B[2][2]                            0.7401 
_refine.aniso_B[3][3]                            -1.9902 
_refine.aniso_B[1][2]                            -0.0000 
_refine.aniso_B[1][3]                            -0.0000 
_refine.aniso_B[2][3]                            0.0000 
_refine.solvent_model_details                    'FLAT BULK SOLVENT MODEL' 
_refine.solvent_model_param_ksol                 0.364 
_refine.solvent_model_param_bsol                 41.673 
_refine.pdbx_solvent_vdw_probe_radii             1.11 
_refine.pdbx_solvent_ion_probe_radii             ? 
_refine.pdbx_solvent_shrinkage_radii             0.90 
_refine.pdbx_ls_cross_valid_method               ? 
_refine.details                                  ? 
_refine.pdbx_starting_model                      ? 
_refine.pdbx_method_to_determine_struct          'MOLECULAR REPLACEMENT' 
_refine.pdbx_isotropic_thermal_model             ? 
_refine.pdbx_stereochemistry_target_values       ML 
_refine.pdbx_stereochem_target_val_spec_case     ? 
_refine.pdbx_R_Free_selection_details            Random 
_refine.pdbx_overall_ESU_R_Free                  ? 
_refine.overall_SU_ML                            0.16 
_refine.overall_SU_B                             ? 
_refine.overall_SU_R_Cruickshank_DPI             ? 
_refine.ls_redundancy_reflns_obs                 ? 
_refine.B_iso_min                                ? 
_refine.B_iso_max                                ? 
_refine.overall_SU_R_free                        ? 
_refine.ls_wR_factor_R_free                      ? 
_refine.ls_wR_factor_R_work                      ? 
_refine.overall_FOM_free_R_set                   ? 
_refine.overall_FOM_work_R_set                   ? 
_refine.pdbx_overall_phase_error                 14.33 
_refine.pdbx_refine_id                           'X-RAY DIFFRACTION' 
_refine.pdbx_overall_ESU_R                       ? 
_refine.pdbx_diffrn_id                           1 
_refine.pdbx_TLS_residual_ADP_flag               ? 
_refine.pdbx_overall_SU_R_free_Cruickshank_DPI   ? 
_refine.pdbx_overall_SU_R_Blow_DPI               ? 
_refine.pdbx_overall_SU_R_free_Blow_DPI          ? 
# 
_refine_hist.pdbx_refine_id                   'X-RAY DIFFRACTION' 
_refine_hist.cycle_id                         LAST 
_refine_hist.pdbx_number_atoms_protein        1374 
_refine_hist.pdbx_number_atoms_nucleic_acid   0 
_refine_hist.pdbx_number_atoms_ligand         0 
_refine_hist.number_atoms_solvent             237 
_refine_hist.number_atoms_total               1611 
_refine_hist.d_res_high                       1.571 
_refine_hist.d_res_low                        37.895 
# 
loop_
_refine_ls_restr.type 
_refine_ls_restr.dev_ideal 
_refine_ls_restr.dev_ideal_target 
_refine_ls_restr.weight 
_refine_ls_restr.number 
_refine_ls_restr.pdbx_refine_id 
_refine_ls_restr.pdbx_restraint_function 
f_bond_d           0.014  ? ? 1418 'X-RAY DIFFRACTION' ? 
f_angle_d          1.570  ? ? 1929 'X-RAY DIFFRACTION' ? 
f_dihedral_angle_d 14.261 ? ? 529  'X-RAY DIFFRACTION' ? 
f_chiral_restr     0.099  ? ? 222  'X-RAY DIFFRACTION' ? 
f_plane_restr      0.009  ? ? 257  'X-RAY DIFFRACTION' ? 
# 
loop_
_refine_ls_shell.pdbx_total_number_of_bins_used 
_refine_ls_shell.d_res_high 
_refine_ls_shell.d_res_low 
_refine_ls_shell.number_reflns_R_work 
_refine_ls_shell.R_factor_R_work 
_refine_ls_shell.percent_reflns_obs 
_refine_ls_shell.R_factor_R_free 
_refine_ls_shell.R_factor_R_free_error 
_refine_ls_shell.percent_reflns_R_free 
_refine_ls_shell.number_reflns_R_free 
_refine_ls_shell.number_reflns_all 
_refine_ls_shell.R_factor_all 
_refine_ls_shell.number_reflns_obs 
_refine_ls_shell.redundancy_reflns_obs 
_refine_ls_shell.pdbx_refine_id 
. 1.5708 1.6269  2471 0.1386 98.00  0.1582 . . 130 . . . . 'X-RAY DIFFRACTION' 
. 1.6269 1.6920  2478 0.1355 99.00  0.1802 . . 128 . . . . 'X-RAY DIFFRACTION' 
. 1.6920 1.7690  2484 0.1410 99.00  0.1747 . . 140 . . . . 'X-RAY DIFFRACTION' 
. 1.7690 1.8623  2521 0.1450 99.00  0.2093 . . 110 . . . . 'X-RAY DIFFRACTION' 
. 1.8623 1.9790  2517 0.1472 100.00 0.1777 . . 139 . . . . 'X-RAY DIFFRACTION' 
. 1.9790 2.1318  2537 0.1514 100.00 0.1807 . . 144 . . . . 'X-RAY DIFFRACTION' 
. 2.1318 2.3463  2518 0.1466 100.00 0.1666 . . 145 . . . . 'X-RAY DIFFRACTION' 
. 2.3463 2.6857  2556 0.1564 100.00 0.1762 . . 133 . . . . 'X-RAY DIFFRACTION' 
. 2.6857 3.3834  2606 0.1686 100.00 0.1961 . . 136 . . . . 'X-RAY DIFFRACTION' 
. 3.3834 37.9060 2613 0.1580 94.00  0.1715 . . 140 . . . . 'X-RAY DIFFRACTION' 
# 
_struct.entry_id                  3QPD 
_struct.title                     
'Structure of Aspergillus oryzae cutinase expressed in Pichia pastoris, crystallized in the presence of Paraoxon' 
_struct.pdbx_model_details        ? 
_struct.pdbx_CASP_flag            ? 
_struct.pdbx_model_type_details   ? 
# 
_struct_keywords.entry_id        3QPD 
_struct_keywords.pdbx_keywords   HYDROLASE 
_struct_keywords.text            
;alpha-beta hydrolase fold, esterase, hydrolase, cutin, mono-ethyl phosphorylated serine residue, secreted, phosphorylated serine residue
;
# 
loop_
_struct_asym.id 
_struct_asym.pdbx_blank_PDB_chainid_flag 
_struct_asym.pdbx_modified 
_struct_asym.entity_id 
_struct_asym.details 
A N N 1 ? 
B N N 2 ? 
# 
_struct_ref.id                         1 
_struct_ref.db_name                    UNP 
_struct_ref.db_code                    CUTI1_ASPOR 
_struct_ref.pdbx_db_accession          P52956 
_struct_ref.entity_id                  1 
_struct_ref.pdbx_seq_one_letter_code   
;LTGGDELRDGPCKPITFIFARASTEPGLLGISTGPAVCNRLKLARSGDVACQGVGPRYTADLPSNALPEGTSQAAIAEAQ
GLFEQAVSKCPDTQIVAGGYSQGTAVMNGAIKRLSADVQDKIKGVVLFGYTRNAQERGQIANFPKDKVKVYCAVGDLVCL
GTLIVAPPHFSYLSDTGDASDFLLSQL
;
_struct_ref.pdbx_align_begin           26 
_struct_ref.pdbx_db_isoform            ? 
# 
_struct_ref_seq.align_id                      1 
_struct_ref_seq.ref_id                        1 
_struct_ref_seq.pdbx_PDB_id_code              3QPD 
_struct_ref_seq.pdbx_strand_id                A 
_struct_ref_seq.seq_align_beg                 1 
_struct_ref_seq.pdbx_seq_align_beg_ins_code   ? 
_struct_ref_seq.seq_align_end                 187 
_struct_ref_seq.pdbx_seq_align_end_ins_code   ? 
_struct_ref_seq.pdbx_db_accession             P52956 
_struct_ref_seq.db_align_beg                  26 
_struct_ref_seq.pdbx_db_align_beg_ins_code    ? 
_struct_ref_seq.db_align_end                  212 
_struct_ref_seq.pdbx_db_align_end_ins_code    ? 
_struct_ref_seq.pdbx_auth_seq_align_beg       26 
_struct_ref_seq.pdbx_auth_seq_align_end       212 
# 
_pdbx_struct_assembly.id                   1 
_pdbx_struct_assembly.details              author_and_software_defined_assembly 
_pdbx_struct_assembly.method_details       PISA 
_pdbx_struct_assembly.oligomeric_details   monomeric 
_pdbx_struct_assembly.oligomeric_count     1 
# 
_pdbx_struct_assembly_gen.assembly_id       1 
_pdbx_struct_assembly_gen.oper_expression   1 
_pdbx_struct_assembly_gen.asym_id_list      A,B 
# 
_pdbx_struct_oper_list.id                   1 
_pdbx_struct_oper_list.type                 'identity operation' 
_pdbx_struct_oper_list.name                 1_555 
_pdbx_struct_oper_list.symmetry_operation   x,y,z 
_pdbx_struct_oper_list.matrix[1][1]         1.0000000000 
_pdbx_struct_oper_list.matrix[1][2]         0.0000000000 
_pdbx_struct_oper_list.matrix[1][3]         0.0000000000 
_pdbx_struct_oper_list.vector[1]            0.0000000000 
_pdbx_struct_oper_list.matrix[2][1]         0.0000000000 
_pdbx_struct_oper_list.matrix[2][2]         1.0000000000 
_pdbx_struct_oper_list.matrix[2][3]         0.0000000000 
_pdbx_struct_oper_list.vector[2]            0.0000000000 
_pdbx_struct_oper_list.matrix[3][1]         0.0000000000 
_pdbx_struct_oper_list.matrix[3][2]         0.0000000000 
_pdbx_struct_oper_list.matrix[3][3]         1.0000000000 
_pdbx_struct_oper_list.vector[3]            0.0000000000 
# 
_struct_biol.id        1 
_struct_biol.details   ? 
# 
loop_
_struct_conf.conf_type_id 
_struct_conf.id 
_struct_conf.pdbx_PDB_helix_id 
_struct_conf.beg_label_comp_id 
_struct_conf.beg_label_asym_id 
_struct_conf.beg_label_seq_id 
_struct_conf.pdbx_beg_PDB_ins_code 
_struct_conf.end_label_comp_id 
_struct_conf.end_label_asym_id 
_struct_conf.end_label_seq_id 
_struct_conf.pdbx_end_PDB_ins_code 
_struct_conf.beg_auth_comp_id 
_struct_conf.beg_auth_asym_id 
_struct_conf.beg_auth_seq_id 
_struct_conf.end_auth_comp_id 
_struct_conf.end_auth_asym_id 
_struct_conf.end_auth_seq_id 
_struct_conf.pdbx_PDB_helix_class 
_struct_conf.details 
_struct_conf.pdbx_PDB_helix_length 
HELX_P HELX_P1  1  ASP A 5   ? GLY A 10  ? ASP A 30  GLY A 35  1 ? 6  
HELX_P HELX_P2  2  SER A 32  ? ARG A 45  ? SER A 57  ARG A 70  1 ? 14 
HELX_P HELX_P3  3  ASP A 61  ? LEU A 67  ? ASP A 86  LEU A 92  5 ? 7  
HELX_P HELX_P4  4  SER A 72  ? CYS A 90  ? SER A 97  CYS A 115 1 ? 19 
HELX_P HELX_P5  5  SEP A 101 ? LYS A 112 ? SEP A 126 LYS A 137 1 ? 12 
HELX_P HELX_P6  6  SER A 115 ? LYS A 121 ? SER A 140 LYS A 146 1 ? 7  
HELX_P HELX_P7  7  PRO A 144 ? ASP A 146 ? PRO A 169 ASP A 171 5 ? 3  
HELX_P HELX_P8  8  ASP A 156 ? GLY A 161 ? ASP A 181 GLY A 186 5 ? 6  
HELX_P HELX_P9  9  ALA A 166 ? SER A 174 ? ALA A 191 SER A 199 5 ? 9  
HELX_P HELX_P10 10 ASP A 175 ? LEU A 187 ? ASP A 200 LEU A 212 1 ? 13 
# 
_struct_conf_type.id          HELX_P 
_struct_conf_type.criteria    ? 
_struct_conf_type.reference   ? 
# 
loop_
_struct_conn.id 
_struct_conn.conn_type_id 
_struct_conn.pdbx_leaving_atom_flag 
_struct_conn.pdbx_PDB_id 
_struct_conn.ptnr1_label_asym_id 
_struct_conn.ptnr1_label_comp_id 
_struct_conn.ptnr1_label_seq_id 
_struct_conn.ptnr1_label_atom_id 
_struct_conn.pdbx_ptnr1_label_alt_id 
_struct_conn.pdbx_ptnr1_PDB_ins_code 
_struct_conn.pdbx_ptnr1_standard_comp_id 
_struct_conn.ptnr1_symmetry 
_struct_conn.ptnr2_label_asym_id 
_struct_conn.ptnr2_label_comp_id 
_struct_conn.ptnr2_label_seq_id 
_struct_conn.ptnr2_label_atom_id 
_struct_conn.pdbx_ptnr2_label_alt_id 
_struct_conn.pdbx_ptnr2_PDB_ins_code 
_struct_conn.ptnr1_auth_asym_id 
_struct_conn.ptnr1_auth_comp_id 
_struct_conn.ptnr1_auth_seq_id 
_struct_conn.ptnr2_auth_asym_id 
_struct_conn.ptnr2_auth_comp_id 
_struct_conn.ptnr2_auth_seq_id 
_struct_conn.ptnr2_symmetry 
_struct_conn.pdbx_ptnr3_label_atom_id 
_struct_conn.pdbx_ptnr3_label_seq_id 
_struct_conn.pdbx_ptnr3_label_comp_id 
_struct_conn.pdbx_ptnr3_label_asym_id 
_struct_conn.pdbx_ptnr3_label_alt_id 
_struct_conn.pdbx_ptnr3_PDB_ins_code 
_struct_conn.details 
_struct_conn.pdbx_dist_value 
_struct_conn.pdbx_value_order 
_struct_conn.pdbx_role 
disulf1 disulf ?    ? A CYS 12  SG ? ? ? 1_555 A CYS 90  SG ? ? A CYS 37  A CYS 115 1_555 ? ? ? ? ? ? ? 2.056 ? ? 
disulf2 disulf ?    ? A CYS 38  SG ? ? ? 1_555 A CYS 51  SG ? ? A CYS 63  A CYS 76  1_555 ? ? ? ? ? ? ? 2.078 ? ? 
disulf3 disulf ?    ? A CYS 152 SG ? ? ? 1_555 A CYS 159 SG ? ? A CYS 177 A CYS 184 1_555 ? ? ? ? ? ? ? 2.062 ? ? 
covale1 covale both ? A TYR 100 C  ? ? ? 1_555 A SEP 101 N  ? ? A TYR 125 A SEP 126 1_555 ? ? ? ? ? ? ? 1.334 ? ? 
covale2 covale both ? A SEP 101 C  ? ? ? 1_555 A GLN 102 N  ? ? A SEP 126 A GLN 127 1_555 ? ? ? ? ? ? ? 1.340 ? ? 
# 
loop_
_struct_conn_type.id 
_struct_conn_type.criteria 
_struct_conn_type.reference 
disulf ? ? 
covale ? ? 
# 
loop_
_pdbx_modification_feature.ordinal 
_pdbx_modification_feature.label_comp_id 
_pdbx_modification_feature.label_asym_id 
_pdbx_modification_feature.label_seq_id 
_pdbx_modification_feature.label_alt_id 
_pdbx_modification_feature.modified_residue_label_comp_id 
_pdbx_modification_feature.modified_residue_label_asym_id 
_pdbx_modification_feature.modified_residue_label_seq_id 
_pdbx_modification_feature.modified_residue_label_alt_id 
_pdbx_modification_feature.auth_comp_id 
_pdbx_modification_feature.auth_asym_id 
_pdbx_modification_feature.auth_seq_id 
_pdbx_modification_feature.PDB_ins_code 
_pdbx_modification_feature.symmetry 
_pdbx_modification_feature.modified_residue_auth_comp_id 
_pdbx_modification_feature.modified_residue_auth_asym_id 
_pdbx_modification_feature.modified_residue_auth_seq_id 
_pdbx_modification_feature.modified_residue_PDB_ins_code 
_pdbx_modification_feature.modified_residue_symmetry 
_pdbx_modification_feature.comp_id_linking_atom 
_pdbx_modification_feature.modified_residue_id_linking_atom 
_pdbx_modification_feature.modified_residue_id 
_pdbx_modification_feature.ref_pcm_id 
_pdbx_modification_feature.ref_comp_id 
_pdbx_modification_feature.type 
_pdbx_modification_feature.category 
1 SEP A 101 ? .   . .   . SEP A 126 ? 1_555 .   . .   . .     .  .  SER 1 SEP Phosphorylation 'Named protein modification' 
2 CYS A 12  ? CYS A 90  ? CYS A 37  ? 1_555 CYS A 115 ? 1_555 SG SG .   . .   None            'Disulfide bridge'           
3 CYS A 38  ? CYS A 51  ? CYS A 63  ? 1_555 CYS A 76  ? 1_555 SG SG .   . .   None            'Disulfide bridge'           
4 CYS A 152 ? CYS A 159 ? CYS A 177 ? 1_555 CYS A 184 ? 1_555 SG SG .   . .   None            'Disulfide bridge'           
# 
loop_
_struct_mon_prot_cis.pdbx_id 
_struct_mon_prot_cis.label_comp_id 
_struct_mon_prot_cis.label_seq_id 
_struct_mon_prot_cis.label_asym_id 
_struct_mon_prot_cis.label_alt_id 
_struct_mon_prot_cis.pdbx_PDB_ins_code 
_struct_mon_prot_cis.auth_comp_id 
_struct_mon_prot_cis.auth_seq_id 
_struct_mon_prot_cis.auth_asym_id 
_struct_mon_prot_cis.pdbx_label_comp_id_2 
_struct_mon_prot_cis.pdbx_label_seq_id_2 
_struct_mon_prot_cis.pdbx_label_asym_id_2 
_struct_mon_prot_cis.pdbx_PDB_ins_code_2 
_struct_mon_prot_cis.pdbx_auth_comp_id_2 
_struct_mon_prot_cis.pdbx_auth_seq_id_2 
_struct_mon_prot_cis.pdbx_auth_asym_id_2 
_struct_mon_prot_cis.pdbx_PDB_model_num 
_struct_mon_prot_cis.pdbx_omega_angle 
1 GLY 10 A . ? GLY 35 A PRO 11 A ? PRO 36 A 1 2.03 
2 GLY 55 A . ? GLY 80 A PRO 56 A ? PRO 81 A 1 7.08 
# 
_struct_sheet.id               A 
_struct_sheet.type             ? 
_struct_sheet.number_strands   5 
_struct_sheet.details          ? 
# 
loop_
_struct_sheet_order.sheet_id 
_struct_sheet_order.range_id_1 
_struct_sheet_order.range_id_2 
_struct_sheet_order.offset 
_struct_sheet_order.sense 
A 1 2 ? parallel 
A 2 3 ? parallel 
A 3 4 ? parallel 
A 4 5 ? parallel 
# 
loop_
_struct_sheet_range.sheet_id 
_struct_sheet_range.id 
_struct_sheet_range.beg_label_comp_id 
_struct_sheet_range.beg_label_asym_id 
_struct_sheet_range.beg_label_seq_id 
_struct_sheet_range.pdbx_beg_PDB_ins_code 
_struct_sheet_range.end_label_comp_id 
_struct_sheet_range.end_label_asym_id 
_struct_sheet_range.end_label_seq_id 
_struct_sheet_range.pdbx_end_PDB_ins_code 
_struct_sheet_range.beg_auth_comp_id 
_struct_sheet_range.beg_auth_asym_id 
_struct_sheet_range.beg_auth_seq_id 
_struct_sheet_range.end_auth_comp_id 
_struct_sheet_range.end_auth_asym_id 
_struct_sheet_range.end_auth_seq_id 
A 1 VAL A 49  ? GLY A 53  ? VAL A 74  GLY A 78  
A 2 ILE A 15  ? ALA A 20  ? ILE A 40  ALA A 45  
A 3 GLN A 94  ? TYR A 100 ? GLN A 119 TYR A 125 
A 4 ILE A 122 ? PHE A 128 ? ILE A 147 PHE A 153 
A 5 VAL A 148 ? TYR A 151 ? VAL A 173 TYR A 176 
# 
loop_
_pdbx_struct_sheet_hbond.sheet_id 
_pdbx_struct_sheet_hbond.range_id_1 
_pdbx_struct_sheet_hbond.range_id_2 
_pdbx_struct_sheet_hbond.range_1_label_atom_id 
_pdbx_struct_sheet_hbond.range_1_label_comp_id 
_pdbx_struct_sheet_hbond.range_1_label_asym_id 
_pdbx_struct_sheet_hbond.range_1_label_seq_id 
_pdbx_struct_sheet_hbond.range_1_PDB_ins_code 
_pdbx_struct_sheet_hbond.range_1_auth_atom_id 
_pdbx_struct_sheet_hbond.range_1_auth_comp_id 
_pdbx_struct_sheet_hbond.range_1_auth_asym_id 
_pdbx_struct_sheet_hbond.range_1_auth_seq_id 
_pdbx_struct_sheet_hbond.range_2_label_atom_id 
_pdbx_struct_sheet_hbond.range_2_label_comp_id 
_pdbx_struct_sheet_hbond.range_2_label_asym_id 
_pdbx_struct_sheet_hbond.range_2_label_seq_id 
_pdbx_struct_sheet_hbond.range_2_PDB_ins_code 
_pdbx_struct_sheet_hbond.range_2_auth_atom_id 
_pdbx_struct_sheet_hbond.range_2_auth_comp_id 
_pdbx_struct_sheet_hbond.range_2_auth_asym_id 
_pdbx_struct_sheet_hbond.range_2_auth_seq_id 
A 1 2 O ALA A 50  ? O ALA A 75  N PHE A 17  ? N PHE A 42  
A 2 3 N THR A 16  ? N THR A 41  O VAL A 96  ? O VAL A 121 
A 3 4 N ILE A 95  ? N ILE A 120 O LYS A 123 ? O LYS A 148 
A 4 5 N LEU A 127 ? N LEU A 152 O TYR A 151 ? O TYR A 176 
# 
_pdbx_entry_details.entry_id                   3QPD 
_pdbx_entry_details.compound_details           ? 
_pdbx_entry_details.source_details             ? 
_pdbx_entry_details.nonpolymer_details         ? 
_pdbx_entry_details.sequence_details           ? 
_pdbx_entry_details.has_ligand_of_interest     ? 
_pdbx_entry_details.has_protein_modification   Y 
# 
loop_
_pdbx_validate_torsion.id 
_pdbx_validate_torsion.PDB_model_num 
_pdbx_validate_torsion.auth_comp_id 
_pdbx_validate_torsion.auth_asym_id 
_pdbx_validate_torsion.auth_seq_id 
_pdbx_validate_torsion.PDB_ins_code 
_pdbx_validate_torsion.label_alt_id 
_pdbx_validate_torsion.phi 
_pdbx_validate_torsion.psi 
1 1 THR A 49  ? ? 77.36   -13.13  
2 1 SER A 57  ? ? -132.94 -100.88 
3 1 SEP A 126 ? ? 56.23   -122.85 
# 
_pdbx_struct_mod_residue.id               1 
_pdbx_struct_mod_residue.label_asym_id    A 
_pdbx_struct_mod_residue.label_comp_id    SEP 
_pdbx_struct_mod_residue.label_seq_id     101 
_pdbx_struct_mod_residue.auth_asym_id     A 
_pdbx_struct_mod_residue.auth_comp_id     SEP 
_pdbx_struct_mod_residue.auth_seq_id      126 
_pdbx_struct_mod_residue.PDB_ins_code     ? 
_pdbx_struct_mod_residue.parent_comp_id   SER 
_pdbx_struct_mod_residue.details          PHOSPHOSERINE 
# 
_pdbx_struct_special_symmetry.id              1 
_pdbx_struct_special_symmetry.PDB_model_num   1 
_pdbx_struct_special_symmetry.auth_asym_id    A 
_pdbx_struct_special_symmetry.auth_comp_id    HOH 
_pdbx_struct_special_symmetry.auth_seq_id     409 
_pdbx_struct_special_symmetry.PDB_ins_code    ? 
_pdbx_struct_special_symmetry.label_asym_id   B 
_pdbx_struct_special_symmetry.label_comp_id   HOH 
_pdbx_struct_special_symmetry.label_seq_id    . 
# 
loop_
_chem_comp_atom.comp_id 
_chem_comp_atom.atom_id 
_chem_comp_atom.type_symbol 
_chem_comp_atom.pdbx_aromatic_flag 
_chem_comp_atom.pdbx_stereo_config 
_chem_comp_atom.pdbx_ordinal 
ALA N    N N N 1   
ALA CA   C N S 2   
ALA C    C N N 3   
ALA O    O N N 4   
ALA CB   C N N 5   
ALA OXT  O N N 6   
ALA H    H N N 7   
ALA H2   H N N 8   
ALA HA   H N N 9   
ALA HB1  H N N 10  
ALA HB2  H N N 11  
ALA HB3  H N N 12  
ALA HXT  H N N 13  
ARG N    N N N 14  
ARG CA   C N S 15  
ARG C    C N N 16  
ARG O    O N N 17  
ARG CB   C N N 18  
ARG CG   C N N 19  
ARG CD   C N N 20  
ARG NE   N N N 21  
ARG CZ   C N N 22  
ARG NH1  N N N 23  
ARG NH2  N N N 24  
ARG OXT  O N N 25  
ARG H    H N N 26  
ARG H2   H N N 27  
ARG HA   H N N 28  
ARG HB2  H N N 29  
ARG HB3  H N N 30  
ARG HG2  H N N 31  
ARG HG3  H N N 32  
ARG HD2  H N N 33  
ARG HD3  H N N 34  
ARG HE   H N N 35  
ARG HH11 H N N 36  
ARG HH12 H N N 37  
ARG HH21 H N N 38  
ARG HH22 H N N 39  
ARG HXT  H N N 40  
ASN N    N N N 41  
ASN CA   C N S 42  
ASN C    C N N 43  
ASN O    O N N 44  
ASN CB   C N N 45  
ASN CG   C N N 46  
ASN OD1  O N N 47  
ASN ND2  N N N 48  
ASN OXT  O N N 49  
ASN H    H N N 50  
ASN H2   H N N 51  
ASN HA   H N N 52  
ASN HB2  H N N 53  
ASN HB3  H N N 54  
ASN HD21 H N N 55  
ASN HD22 H N N 56  
ASN HXT  H N N 57  
ASP N    N N N 58  
ASP CA   C N S 59  
ASP C    C N N 60  
ASP O    O N N 61  
ASP CB   C N N 62  
ASP CG   C N N 63  
ASP OD1  O N N 64  
ASP OD2  O N N 65  
ASP OXT  O N N 66  
ASP H    H N N 67  
ASP H2   H N N 68  
ASP HA   H N N 69  
ASP HB2  H N N 70  
ASP HB3  H N N 71  
ASP HD2  H N N 72  
ASP HXT  H N N 73  
CYS N    N N N 74  
CYS CA   C N R 75  
CYS C    C N N 76  
CYS O    O N N 77  
CYS CB   C N N 78  
CYS SG   S N N 79  
CYS OXT  O N N 80  
CYS H    H N N 81  
CYS H2   H N N 82  
CYS HA   H N N 83  
CYS HB2  H N N 84  
CYS HB3  H N N 85  
CYS HG   H N N 86  
CYS HXT  H N N 87  
GLN N    N N N 88  
GLN CA   C N S 89  
GLN C    C N N 90  
GLN O    O N N 91  
GLN CB   C N N 92  
GLN CG   C N N 93  
GLN CD   C N N 94  
GLN OE1  O N N 95  
GLN NE2  N N N 96  
GLN OXT  O N N 97  
GLN H    H N N 98  
GLN H2   H N N 99  
GLN HA   H N N 100 
GLN HB2  H N N 101 
GLN HB3  H N N 102 
GLN HG2  H N N 103 
GLN HG3  H N N 104 
GLN HE21 H N N 105 
GLN HE22 H N N 106 
GLN HXT  H N N 107 
GLU N    N N N 108 
GLU CA   C N S 109 
GLU C    C N N 110 
GLU O    O N N 111 
GLU CB   C N N 112 
GLU CG   C N N 113 
GLU CD   C N N 114 
GLU OE1  O N N 115 
GLU OE2  O N N 116 
GLU OXT  O N N 117 
GLU H    H N N 118 
GLU H2   H N N 119 
GLU HA   H N N 120 
GLU HB2  H N N 121 
GLU HB3  H N N 122 
GLU HG2  H N N 123 
GLU HG3  H N N 124 
GLU HE2  H N N 125 
GLU HXT  H N N 126 
GLY N    N N N 127 
GLY CA   C N N 128 
GLY C    C N N 129 
GLY O    O N N 130 
GLY OXT  O N N 131 
GLY H    H N N 132 
GLY H2   H N N 133 
GLY HA2  H N N 134 
GLY HA3  H N N 135 
GLY HXT  H N N 136 
HIS N    N N N 137 
HIS CA   C N S 138 
HIS C    C N N 139 
HIS O    O N N 140 
HIS CB   C N N 141 
HIS CG   C Y N 142 
HIS ND1  N Y N 143 
HIS CD2  C Y N 144 
HIS CE1  C Y N 145 
HIS NE2  N Y N 146 
HIS OXT  O N N 147 
HIS H    H N N 148 
HIS H2   H N N 149 
HIS HA   H N N 150 
HIS HB2  H N N 151 
HIS HB3  H N N 152 
HIS HD1  H N N 153 
HIS HD2  H N N 154 
HIS HE1  H N N 155 
HIS HE2  H N N 156 
HIS HXT  H N N 157 
HOH O    O N N 158 
HOH H1   H N N 159 
HOH H2   H N N 160 
ILE N    N N N 161 
ILE CA   C N S 162 
ILE C    C N N 163 
ILE O    O N N 164 
ILE CB   C N S 165 
ILE CG1  C N N 166 
ILE CG2  C N N 167 
ILE CD1  C N N 168 
ILE OXT  O N N 169 
ILE H    H N N 170 
ILE H2   H N N 171 
ILE HA   H N N 172 
ILE HB   H N N 173 
ILE HG12 H N N 174 
ILE HG13 H N N 175 
ILE HG21 H N N 176 
ILE HG22 H N N 177 
ILE HG23 H N N 178 
ILE HD11 H N N 179 
ILE HD12 H N N 180 
ILE HD13 H N N 181 
ILE HXT  H N N 182 
LEU N    N N N 183 
LEU CA   C N S 184 
LEU C    C N N 185 
LEU O    O N N 186 
LEU CB   C N N 187 
LEU CG   C N N 188 
LEU CD1  C N N 189 
LEU CD2  C N N 190 
LEU OXT  O N N 191 
LEU H    H N N 192 
LEU H2   H N N 193 
LEU HA   H N N 194 
LEU HB2  H N N 195 
LEU HB3  H N N 196 
LEU HG   H N N 197 
LEU HD11 H N N 198 
LEU HD12 H N N 199 
LEU HD13 H N N 200 
LEU HD21 H N N 201 
LEU HD22 H N N 202 
LEU HD23 H N N 203 
LEU HXT  H N N 204 
LYS N    N N N 205 
LYS CA   C N S 206 
LYS C    C N N 207 
LYS O    O N N 208 
LYS CB   C N N 209 
LYS CG   C N N 210 
LYS CD   C N N 211 
LYS CE   C N N 212 
LYS NZ   N N N 213 
LYS OXT  O N N 214 
LYS H    H N N 215 
LYS H2   H N N 216 
LYS HA   H N N 217 
LYS HB2  H N N 218 
LYS HB3  H N N 219 
LYS HG2  H N N 220 
LYS HG3  H N N 221 
LYS HD2  H N N 222 
LYS HD3  H N N 223 
LYS HE2  H N N 224 
LYS HE3  H N N 225 
LYS HZ1  H N N 226 
LYS HZ2  H N N 227 
LYS HZ3  H N N 228 
LYS HXT  H N N 229 
MET N    N N N 230 
MET CA   C N S 231 
MET C    C N N 232 
MET O    O N N 233 
MET CB   C N N 234 
MET CG   C N N 235 
MET SD   S N N 236 
MET CE   C N N 237 
MET OXT  O N N 238 
MET H    H N N 239 
MET H2   H N N 240 
MET HA   H N N 241 
MET HB2  H N N 242 
MET HB3  H N N 243 
MET HG2  H N N 244 
MET HG3  H N N 245 
MET HE1  H N N 246 
MET HE2  H N N 247 
MET HE3  H N N 248 
MET HXT  H N N 249 
PHE N    N N N 250 
PHE CA   C N S 251 
PHE C    C N N 252 
PHE O    O N N 253 
PHE CB   C N N 254 
PHE CG   C Y N 255 
PHE CD1  C Y N 256 
PHE CD2  C Y N 257 
PHE CE1  C Y N 258 
PHE CE2  C Y N 259 
PHE CZ   C Y N 260 
PHE OXT  O N N 261 
PHE H    H N N 262 
PHE H2   H N N 263 
PHE HA   H N N 264 
PHE HB2  H N N 265 
PHE HB3  H N N 266 
PHE HD1  H N N 267 
PHE HD2  H N N 268 
PHE HE1  H N N 269 
PHE HE2  H N N 270 
PHE HZ   H N N 271 
PHE HXT  H N N 272 
PRO N    N N N 273 
PRO CA   C N S 274 
PRO C    C N N 275 
PRO O    O N N 276 
PRO CB   C N N 277 
PRO CG   C N N 278 
PRO CD   C N N 279 
PRO OXT  O N N 280 
PRO H    H N N 281 
PRO HA   H N N 282 
PRO HB2  H N N 283 
PRO HB3  H N N 284 
PRO HG2  H N N 285 
PRO HG3  H N N 286 
PRO HD2  H N N 287 
PRO HD3  H N N 288 
PRO HXT  H N N 289 
SEP N    N N N 290 
SEP CA   C N S 291 
SEP CB   C N N 292 
SEP OG   O N N 293 
SEP C    C N N 294 
SEP O    O N N 295 
SEP OXT  O N N 296 
SEP P    P N N 297 
SEP O1P  O N N 298 
SEP O2P  O N N 299 
SEP O3P  O N N 300 
SEP H    H N N 301 
SEP H2   H N N 302 
SEP HA   H N N 303 
SEP HB2  H N N 304 
SEP HB3  H N N 305 
SEP HXT  H N N 306 
SEP HOP2 H N N 307 
SEP HOP3 H N N 308 
SER N    N N N 309 
SER CA   C N S 310 
SER C    C N N 311 
SER O    O N N 312 
SER CB   C N N 313 
SER OG   O N N 314 
SER OXT  O N N 315 
SER H    H N N 316 
SER H2   H N N 317 
SER HA   H N N 318 
SER HB2  H N N 319 
SER HB3  H N N 320 
SER HG   H N N 321 
SER HXT  H N N 322 
THR N    N N N 323 
THR CA   C N S 324 
THR C    C N N 325 
THR O    O N N 326 
THR CB   C N R 327 
THR OG1  O N N 328 
THR CG2  C N N 329 
THR OXT  O N N 330 
THR H    H N N 331 
THR H2   H N N 332 
THR HA   H N N 333 
THR HB   H N N 334 
THR HG1  H N N 335 
THR HG21 H N N 336 
THR HG22 H N N 337 
THR HG23 H N N 338 
THR HXT  H N N 339 
TYR N    N N N 340 
TYR CA   C N S 341 
TYR C    C N N 342 
TYR O    O N N 343 
TYR CB   C N N 344 
TYR CG   C Y N 345 
TYR CD1  C Y N 346 
TYR CD2  C Y N 347 
TYR CE1  C Y N 348 
TYR CE2  C Y N 349 
TYR CZ   C Y N 350 
TYR OH   O N N 351 
TYR OXT  O N N 352 
TYR H    H N N 353 
TYR H2   H N N 354 
TYR HA   H N N 355 
TYR HB2  H N N 356 
TYR HB3  H N N 357 
TYR HD1  H N N 358 
TYR HD2  H N N 359 
TYR HE1  H N N 360 
TYR HE2  H N N 361 
TYR HH   H N N 362 
TYR HXT  H N N 363 
VAL N    N N N 364 
VAL CA   C N S 365 
VAL C    C N N 366 
VAL O    O N N 367 
VAL CB   C N N 368 
VAL CG1  C N N 369 
VAL CG2  C N N 370 
VAL OXT  O N N 371 
VAL H    H N N 372 
VAL H2   H N N 373 
VAL HA   H N N 374 
VAL HB   H N N 375 
VAL HG11 H N N 376 
VAL HG12 H N N 377 
VAL HG13 H N N 378 
VAL HG21 H N N 379 
VAL HG22 H N N 380 
VAL HG23 H N N 381 
VAL HXT  H N N 382 
# 
loop_
_chem_comp_bond.comp_id 
_chem_comp_bond.atom_id_1 
_chem_comp_bond.atom_id_2 
_chem_comp_bond.value_order 
_chem_comp_bond.pdbx_aromatic_flag 
_chem_comp_bond.pdbx_stereo_config 
_chem_comp_bond.pdbx_ordinal 
ALA N   CA   sing N N 1   
ALA N   H    sing N N 2   
ALA N   H2   sing N N 3   
ALA CA  C    sing N N 4   
ALA CA  CB   sing N N 5   
ALA CA  HA   sing N N 6   
ALA C   O    doub N N 7   
ALA C   OXT  sing N N 8   
ALA CB  HB1  sing N N 9   
ALA CB  HB2  sing N N 10  
ALA CB  HB3  sing N N 11  
ALA OXT HXT  sing N N 12  
ARG N   CA   sing N N 13  
ARG N   H    sing N N 14  
ARG N   H2   sing N N 15  
ARG CA  C    sing N N 16  
ARG CA  CB   sing N N 17  
ARG CA  HA   sing N N 18  
ARG C   O    doub N N 19  
ARG C   OXT  sing N N 20  
ARG CB  CG   sing N N 21  
ARG CB  HB2  sing N N 22  
ARG CB  HB3  sing N N 23  
ARG CG  CD   sing N N 24  
ARG CG  HG2  sing N N 25  
ARG CG  HG3  sing N N 26  
ARG CD  NE   sing N N 27  
ARG CD  HD2  sing N N 28  
ARG CD  HD3  sing N N 29  
ARG NE  CZ   sing N N 30  
ARG NE  HE   sing N N 31  
ARG CZ  NH1  sing N N 32  
ARG CZ  NH2  doub N N 33  
ARG NH1 HH11 sing N N 34  
ARG NH1 HH12 sing N N 35  
ARG NH2 HH21 sing N N 36  
ARG NH2 HH22 sing N N 37  
ARG OXT HXT  sing N N 38  
ASN N   CA   sing N N 39  
ASN N   H    sing N N 40  
ASN N   H2   sing N N 41  
ASN CA  C    sing N N 42  
ASN CA  CB   sing N N 43  
ASN CA  HA   sing N N 44  
ASN C   O    doub N N 45  
ASN C   OXT  sing N N 46  
ASN CB  CG   sing N N 47  
ASN CB  HB2  sing N N 48  
ASN CB  HB3  sing N N 49  
ASN CG  OD1  doub N N 50  
ASN CG  ND2  sing N N 51  
ASN ND2 HD21 sing N N 52  
ASN ND2 HD22 sing N N 53  
ASN OXT HXT  sing N N 54  
ASP N   CA   sing N N 55  
ASP N   H    sing N N 56  
ASP N   H2   sing N N 57  
ASP CA  C    sing N N 58  
ASP CA  CB   sing N N 59  
ASP CA  HA   sing N N 60  
ASP C   O    doub N N 61  
ASP C   OXT  sing N N 62  
ASP CB  CG   sing N N 63  
ASP CB  HB2  sing N N 64  
ASP CB  HB3  sing N N 65  
ASP CG  OD1  doub N N 66  
ASP CG  OD2  sing N N 67  
ASP OD2 HD2  sing N N 68  
ASP OXT HXT  sing N N 69  
CYS N   CA   sing N N 70  
CYS N   H    sing N N 71  
CYS N   H2   sing N N 72  
CYS CA  C    sing N N 73  
CYS CA  CB   sing N N 74  
CYS CA  HA   sing N N 75  
CYS C   O    doub N N 76  
CYS C   OXT  sing N N 77  
CYS CB  SG   sing N N 78  
CYS CB  HB2  sing N N 79  
CYS CB  HB3  sing N N 80  
CYS SG  HG   sing N N 81  
CYS OXT HXT  sing N N 82  
GLN N   CA   sing N N 83  
GLN N   H    sing N N 84  
GLN N   H2   sing N N 85  
GLN CA  C    sing N N 86  
GLN CA  CB   sing N N 87  
GLN CA  HA   sing N N 88  
GLN C   O    doub N N 89  
GLN C   OXT  sing N N 90  
GLN CB  CG   sing N N 91  
GLN CB  HB2  sing N N 92  
GLN CB  HB3  sing N N 93  
GLN CG  CD   sing N N 94  
GLN CG  HG2  sing N N 95  
GLN CG  HG3  sing N N 96  
GLN CD  OE1  doub N N 97  
GLN CD  NE2  sing N N 98  
GLN NE2 HE21 sing N N 99  
GLN NE2 HE22 sing N N 100 
GLN OXT HXT  sing N N 101 
GLU N   CA   sing N N 102 
GLU N   H    sing N N 103 
GLU N   H2   sing N N 104 
GLU CA  C    sing N N 105 
GLU CA  CB   sing N N 106 
GLU CA  HA   sing N N 107 
GLU C   O    doub N N 108 
GLU C   OXT  sing N N 109 
GLU CB  CG   sing N N 110 
GLU CB  HB2  sing N N 111 
GLU CB  HB3  sing N N 112 
GLU CG  CD   sing N N 113 
GLU CG  HG2  sing N N 114 
GLU CG  HG3  sing N N 115 
GLU CD  OE1  doub N N 116 
GLU CD  OE2  sing N N 117 
GLU OE2 HE2  sing N N 118 
GLU OXT HXT  sing N N 119 
GLY N   CA   sing N N 120 
GLY N   H    sing N N 121 
GLY N   H2   sing N N 122 
GLY CA  C    sing N N 123 
GLY CA  HA2  sing N N 124 
GLY CA  HA3  sing N N 125 
GLY C   O    doub N N 126 
GLY C   OXT  sing N N 127 
GLY OXT HXT  sing N N 128 
HIS N   CA   sing N N 129 
HIS N   H    sing N N 130 
HIS N   H2   sing N N 131 
HIS CA  C    sing N N 132 
HIS CA  CB   sing N N 133 
HIS CA  HA   sing N N 134 
HIS C   O    doub N N 135 
HIS C   OXT  sing N N 136 
HIS CB  CG   sing N N 137 
HIS CB  HB2  sing N N 138 
HIS CB  HB3  sing N N 139 
HIS CG  ND1  sing Y N 140 
HIS CG  CD2  doub Y N 141 
HIS ND1 CE1  doub Y N 142 
HIS ND1 HD1  sing N N 143 
HIS CD2 NE2  sing Y N 144 
HIS CD2 HD2  sing N N 145 
HIS CE1 NE2  sing Y N 146 
HIS CE1 HE1  sing N N 147 
HIS NE2 HE2  sing N N 148 
HIS OXT HXT  sing N N 149 
HOH O   H1   sing N N 150 
HOH O   H2   sing N N 151 
ILE N   CA   sing N N 152 
ILE N   H    sing N N 153 
ILE N   H2   sing N N 154 
ILE CA  C    sing N N 155 
ILE CA  CB   sing N N 156 
ILE CA  HA   sing N N 157 
ILE C   O    doub N N 158 
ILE C   OXT  sing N N 159 
ILE CB  CG1  sing N N 160 
ILE CB  CG2  sing N N 161 
ILE CB  HB   sing N N 162 
ILE CG1 CD1  sing N N 163 
ILE CG1 HG12 sing N N 164 
ILE CG1 HG13 sing N N 165 
ILE CG2 HG21 sing N N 166 
ILE CG2 HG22 sing N N 167 
ILE CG2 HG23 sing N N 168 
ILE CD1 HD11 sing N N 169 
ILE CD1 HD12 sing N N 170 
ILE CD1 HD13 sing N N 171 
ILE OXT HXT  sing N N 172 
LEU N   CA   sing N N 173 
LEU N   H    sing N N 174 
LEU N   H2   sing N N 175 
LEU CA  C    sing N N 176 
LEU CA  CB   sing N N 177 
LEU CA  HA   sing N N 178 
LEU C   O    doub N N 179 
LEU C   OXT  sing N N 180 
LEU CB  CG   sing N N 181 
LEU CB  HB2  sing N N 182 
LEU CB  HB3  sing N N 183 
LEU CG  CD1  sing N N 184 
LEU CG  CD2  sing N N 185 
LEU CG  HG   sing N N 186 
LEU CD1 HD11 sing N N 187 
LEU CD1 HD12 sing N N 188 
LEU CD1 HD13 sing N N 189 
LEU CD2 HD21 sing N N 190 
LEU CD2 HD22 sing N N 191 
LEU CD2 HD23 sing N N 192 
LEU OXT HXT  sing N N 193 
LYS N   CA   sing N N 194 
LYS N   H    sing N N 195 
LYS N   H2   sing N N 196 
LYS CA  C    sing N N 197 
LYS CA  CB   sing N N 198 
LYS CA  HA   sing N N 199 
LYS C   O    doub N N 200 
LYS C   OXT  sing N N 201 
LYS CB  CG   sing N N 202 
LYS CB  HB2  sing N N 203 
LYS CB  HB3  sing N N 204 
LYS CG  CD   sing N N 205 
LYS CG  HG2  sing N N 206 
LYS CG  HG3  sing N N 207 
LYS CD  CE   sing N N 208 
LYS CD  HD2  sing N N 209 
LYS CD  HD3  sing N N 210 
LYS CE  NZ   sing N N 211 
LYS CE  HE2  sing N N 212 
LYS CE  HE3  sing N N 213 
LYS NZ  HZ1  sing N N 214 
LYS NZ  HZ2  sing N N 215 
LYS NZ  HZ3  sing N N 216 
LYS OXT HXT  sing N N 217 
MET N   CA   sing N N 218 
MET N   H    sing N N 219 
MET N   H2   sing N N 220 
MET CA  C    sing N N 221 
MET CA  CB   sing N N 222 
MET CA  HA   sing N N 223 
MET C   O    doub N N 224 
MET C   OXT  sing N N 225 
MET CB  CG   sing N N 226 
MET CB  HB2  sing N N 227 
MET CB  HB3  sing N N 228 
MET CG  SD   sing N N 229 
MET CG  HG2  sing N N 230 
MET CG  HG3  sing N N 231 
MET SD  CE   sing N N 232 
MET CE  HE1  sing N N 233 
MET CE  HE2  sing N N 234 
MET CE  HE3  sing N N 235 
MET OXT HXT  sing N N 236 
PHE N   CA   sing N N 237 
PHE N   H    sing N N 238 
PHE N   H2   sing N N 239 
PHE CA  C    sing N N 240 
PHE CA  CB   sing N N 241 
PHE CA  HA   sing N N 242 
PHE C   O    doub N N 243 
PHE C   OXT  sing N N 244 
PHE CB  CG   sing N N 245 
PHE CB  HB2  sing N N 246 
PHE CB  HB3  sing N N 247 
PHE CG  CD1  doub Y N 248 
PHE CG  CD2  sing Y N 249 
PHE CD1 CE1  sing Y N 250 
PHE CD1 HD1  sing N N 251 
PHE CD2 CE2  doub Y N 252 
PHE CD2 HD2  sing N N 253 
PHE CE1 CZ   doub Y N 254 
PHE CE1 HE1  sing N N 255 
PHE CE2 CZ   sing Y N 256 
PHE CE2 HE2  sing N N 257 
PHE CZ  HZ   sing N N 258 
PHE OXT HXT  sing N N 259 
PRO N   CA   sing N N 260 
PRO N   CD   sing N N 261 
PRO N   H    sing N N 262 
PRO CA  C    sing N N 263 
PRO CA  CB   sing N N 264 
PRO CA  HA   sing N N 265 
PRO C   O    doub N N 266 
PRO C   OXT  sing N N 267 
PRO CB  CG   sing N N 268 
PRO CB  HB2  sing N N 269 
PRO CB  HB3  sing N N 270 
PRO CG  CD   sing N N 271 
PRO CG  HG2  sing N N 272 
PRO CG  HG3  sing N N 273 
PRO CD  HD2  sing N N 274 
PRO CD  HD3  sing N N 275 
PRO OXT HXT  sing N N 276 
SEP N   CA   sing N N 277 
SEP N   H    sing N N 278 
SEP N   H2   sing N N 279 
SEP CA  CB   sing N N 280 
SEP CA  C    sing N N 281 
SEP CA  HA   sing N N 282 
SEP CB  OG   sing N N 283 
SEP CB  HB2  sing N N 284 
SEP CB  HB3  sing N N 285 
SEP OG  P    sing N N 286 
SEP C   O    doub N N 287 
SEP C   OXT  sing N N 288 
SEP OXT HXT  sing N N 289 
SEP P   O1P  doub N N 290 
SEP P   O2P  sing N N 291 
SEP P   O3P  sing N N 292 
SEP O2P HOP2 sing N N 293 
SEP O3P HOP3 sing N N 294 
SER N   CA   sing N N 295 
SER N   H    sing N N 296 
SER N   H2   sing N N 297 
SER CA  C    sing N N 298 
SER CA  CB   sing N N 299 
SER CA  HA   sing N N 300 
SER C   O    doub N N 301 
SER C   OXT  sing N N 302 
SER CB  OG   sing N N 303 
SER CB  HB2  sing N N 304 
SER CB  HB3  sing N N 305 
SER OG  HG   sing N N 306 
SER OXT HXT  sing N N 307 
THR N   CA   sing N N 308 
THR N   H    sing N N 309 
THR N   H2   sing N N 310 
THR CA  C    sing N N 311 
THR CA  CB   sing N N 312 
THR CA  HA   sing N N 313 
THR C   O    doub N N 314 
THR C   OXT  sing N N 315 
THR CB  OG1  sing N N 316 
THR CB  CG2  sing N N 317 
THR CB  HB   sing N N 318 
THR OG1 HG1  sing N N 319 
THR CG2 HG21 sing N N 320 
THR CG2 HG22 sing N N 321 
THR CG2 HG23 sing N N 322 
THR OXT HXT  sing N N 323 
TYR N   CA   sing N N 324 
TYR N   H    sing N N 325 
TYR N   H2   sing N N 326 
TYR CA  C    sing N N 327 
TYR CA  CB   sing N N 328 
TYR CA  HA   sing N N 329 
TYR C   O    doub N N 330 
TYR C   OXT  sing N N 331 
TYR CB  CG   sing N N 332 
TYR CB  HB2  sing N N 333 
TYR CB  HB3  sing N N 334 
TYR CG  CD1  doub Y N 335 
TYR CG  CD2  sing Y N 336 
TYR CD1 CE1  sing Y N 337 
TYR CD1 HD1  sing N N 338 
TYR CD2 CE2  doub Y N 339 
TYR CD2 HD2  sing N N 340 
TYR CE1 CZ   doub Y N 341 
TYR CE1 HE1  sing N N 342 
TYR CE2 CZ   sing Y N 343 
TYR CE2 HE2  sing N N 344 
TYR CZ  OH   sing N N 345 
TYR OH  HH   sing N N 346 
TYR OXT HXT  sing N N 347 
VAL N   CA   sing N N 348 
VAL N   H    sing N N 349 
VAL N   H2   sing N N 350 
VAL CA  C    sing N N 351 
VAL CA  CB   sing N N 352 
VAL CA  HA   sing N N 353 
VAL C   O    doub N N 354 
VAL C   OXT  sing N N 355 
VAL CB  CG1  sing N N 356 
VAL CB  CG2  sing N N 357 
VAL CB  HB   sing N N 358 
VAL CG1 HG11 sing N N 359 
VAL CG1 HG12 sing N N 360 
VAL CG1 HG13 sing N N 361 
VAL CG2 HG21 sing N N 362 
VAL CG2 HG22 sing N N 363 
VAL CG2 HG23 sing N N 364 
VAL OXT HXT  sing N N 365 
# 
_atom_sites.entry_id                    3QPD 
_atom_sites.fract_transf_matrix[1][1]   -0.00140394 
_atom_sites.fract_transf_matrix[1][2]   0.01142796 
_atom_sites.fract_transf_matrix[1][3]   -0.02288243 
_atom_sites.fract_transf_matrix[2][1]   0.02108655 
_atom_sites.fract_transf_matrix[2][2]   0.00982280 
_atom_sites.fract_transf_matrix[2][3]   -0.01072612 
_atom_sites.fract_transf_matrix[3][1]   0.00114031 
_atom_sites.fract_transf_matrix[3][2]   -0.00555215 
_atom_sites.fract_transf_matrix[3][3]   -0.00284282 
_atom_sites.fract_transf_vector[1]      -0.430797 
_atom_sites.fract_transf_vector[2]      0.216414 
_atom_sites.fract_transf_vector[3]      -0.075471 
# 
loop_
_atom_type.symbol 
C 
N 
O 
P 
S 
# 
loop_
_atom_site.group_PDB 
_atom_site.id 
_atom_site.type_symbol 
_atom_site.label_atom_id 
_atom_site.label_alt_id 
_atom_site.label_comp_id 
_atom_site.label_asym_id 
_atom_site.label_entity_id 
_atom_site.label_seq_id 
_atom_site.pdbx_PDB_ins_code 
_atom_site.Cartn_x 
_atom_site.Cartn_y 
_atom_site.Cartn_z 
_atom_site.occupancy 
_atom_site.B_iso_or_equiv 
_atom_site.pdbx_formal_charge 
_atom_site.auth_seq_id 
_atom_site.auth_comp_id 
_atom_site.auth_asym_id 
_atom_site.auth_atom_id 
_atom_site.pdbx_PDB_model_num 
ATOM   1    N N   . LEU A 1 1   ? -20.685 -6.155  -3.109  1.00 54.70 ? 26  LEU A N   1 
ATOM   2    C CA  . LEU A 1 1   ? -20.534 -7.143  -4.176  1.00 47.05 ? 26  LEU A CA  1 
ATOM   3    C C   . LEU A 1 1   ? -19.322 -6.875  -5.072  1.00 34.82 ? 26  LEU A C   1 
ATOM   4    O O   . LEU A 1 1   ? -18.757 -7.801  -5.637  1.00 31.72 ? 26  LEU A O   1 
ATOM   5    C CB  . LEU A 1 1   ? -21.807 -7.255  -5.037  1.00 38.39 ? 26  LEU A CB  1 
ATOM   6    C CG  . LEU A 1 1   ? -23.098 -7.853  -4.446  1.00 40.07 ? 26  LEU A CG  1 
ATOM   7    C CD1 . LEU A 1 1   ? -22.828 -8.873  -3.346  1.00 47.83 ? 26  LEU A CD1 1 
ATOM   8    C CD2 . LEU A 1 1   ? -24.024 -6.768  -3.948  1.00 60.74 ? 26  LEU A CD2 1 
ATOM   9    N N   . THR A 1 2   ? -18.940 -5.612  -5.248  1.00 43.34 ? 27  THR A N   1 
ATOM   10   C CA  . THR A 1 2   ? -17.725 -5.312  -6.013  1.00 27.64 ? 27  THR A CA  1 
ATOM   11   C C   . THR A 1 2   ? -16.624 -4.888  -5.026  1.00 41.99 ? 27  THR A C   1 
ATOM   12   O O   . THR A 1 2   ? -16.909 -4.542  -3.862  1.00 46.65 ? 27  THR A O   1 
ATOM   13   C CB  . THR A 1 2   ? -17.929 -4.205  -7.085  1.00 53.34 ? 27  THR A CB  1 
ATOM   14   O OG1 . THR A 1 2   ? -18.183 -2.944  -6.448  1.00 49.48 ? 27  THR A OG1 1 
ATOM   15   C CG2 . THR A 1 2   ? -19.086 -4.547  -7.996  1.00 37.71 ? 27  THR A CG2 1 
ATOM   16   N N   . GLY A 1 3   ? -15.375 -4.916  -5.481  1.00 34.84 ? 28  GLY A N   1 
ATOM   17   C CA  . GLY A 1 3   ? -14.260 -4.779  -4.564  1.00 24.32 ? 28  GLY A CA  1 
ATOM   18   C C   . GLY A 1 3   ? -13.499 -3.460  -4.563  1.00 17.29 ? 28  GLY A C   1 
ATOM   19   O O   . GLY A 1 3   ? -13.606 -2.627  -5.454  1.00 22.14 ? 28  GLY A O   1 
ATOM   20   N N   . GLY A 1 4   ? -12.693 -3.313  -3.527  1.00 11.28 ? 29  GLY A N   1 
ATOM   21   C CA  . GLY A 1 4   ? -11.727 -2.240  -3.466  1.00 11.22 ? 29  GLY A CA  1 
ATOM   22   C C   . GLY A 1 4   ? -12.183 -0.892  -2.932  1.00 10.51 ? 29  GLY A C   1 
ATOM   23   O O   . GLY A 1 4   ? -11.386 0.034   -2.814  1.00 10.23 ? 29  GLY A O   1 
ATOM   24   N N   . ASP A 1 5   ? -13.474 -0.764  -2.588  1.00 9.45  ? 30  ASP A N   1 
ATOM   25   C CA  . ASP A 1 5   ? -13.956 0.518   -2.036  1.00 10.38 ? 30  ASP A CA  1 
ATOM   26   C C   . ASP A 1 5   ? -14.603 0.290   -0.679  1.00 10.17 ? 30  ASP A C   1 
ATOM   27   O O   . ASP A 1 5   ? -15.548 0.994   -0.336  1.00 11.93 ? 30  ASP A O   1 
ATOM   28   C CB  . ASP A 1 5   ? -15.014 1.133   -2.985  1.00 10.97 ? 30  ASP A CB  1 
ATOM   29   C CG  . ASP A 1 5   ? -14.796 2.614   -3.245  1.00 18.54 ? 30  ASP A CG  1 
ATOM   30   O OD1 . ASP A 1 5   ? -13.902 3.240   -2.655  1.00 14.31 ? 30  ASP A OD1 1 
ATOM   31   O OD2 . ASP A 1 5   ? -15.553 3.189   -4.064  1.00 25.22 ? 30  ASP A OD2 1 
ATOM   32   N N   . GLU A 1 6   ? -14.098 -0.652  0.104   1.00 9.17  ? 31  GLU A N   1 
ATOM   33   C CA  . GLU A 1 6   ? -14.803 -1.149  1.273   1.00 8.88  ? 31  GLU A CA  1 
ATOM   34   C C   . GLU A 1 6   ? -14.733 -0.221  2.481   1.00 10.05 ? 31  GLU A C   1 
ATOM   35   O O   . GLU A 1 6   ? -15.574 -0.312  3.381   1.00 12.86 ? 31  GLU A O   1 
ATOM   36   C CB  . GLU A 1 6   ? -14.408 -2.592  1.634   1.00 10.54 ? 31  GLU A CB  1 
ATOM   37   C CG  . GLU A 1 6   ? -14.803 -3.523  0.483   1.00 11.77 ? 31  GLU A CG  1 
ATOM   38   C CD  . GLU A 1 6   ? -14.358 -4.961  0.611   1.00 19.01 ? 31  GLU A CD  1 
ATOM   39   O OE1 . GLU A 1 6   ? -13.471 -5.295  1.386   1.00 13.97 ? 31  GLU A OE1 1 
ATOM   40   O OE2 . GLU A 1 6   ? -14.895 -5.783  -0.156  1.00 30.23 ? 31  GLU A OE2 1 
ATOM   41   N N   . LEU A 1 7   ? -13.762 0.691   2.527   1.00 9.19  ? 32  LEU A N   1 
ATOM   42   C CA  . LEU A 1 7   ? -13.746 1.694   3.597   1.00 9.42  ? 32  LEU A CA  1 
ATOM   43   C C   . LEU A 1 7   ? -14.823 2.729   3.278   1.00 13.32 ? 32  LEU A C   1 
ATOM   44   O O   . LEU A 1 7   ? -15.582 3.128   4.178   1.00 13.03 ? 32  LEU A O   1 
ATOM   45   C CB  . LEU A 1 7   ? -12.391 2.380   3.716   1.00 11.44 ? 32  LEU A CB  1 
ATOM   46   C CG  . LEU A 1 7   ? -12.357 3.558   4.719   1.00 10.36 ? 32  LEU A CG  1 
ATOM   47   C CD1 . LEU A 1 7   ? -12.616 3.120   6.178   1.00 11.02 ? 32  LEU A CD1 1 
ATOM   48   C CD2 . LEU A 1 7   ? -11.013 4.252   4.592   1.00 13.67 ? 32  LEU A CD2 1 
ATOM   49   N N   . ARG A 1 8   ? -14.874 3.175   2.030   1.00 11.92 ? 33  ARG A N   1 
ATOM   50   C CA  . ARG A 1 8   ? -15.892 4.166   1.620   1.00 10.25 ? 33  ARG A CA  1 
ATOM   51   C C   . ARG A 1 8   ? -17.291 3.620   1.667   1.00 16.60 ? 33  ARG A C   1 
ATOM   52   O O   . ARG A 1 8   ? -18.213 4.376   2.061   1.00 20.38 ? 33  ARG A O   1 
ATOM   53   C CB  . ARG A 1 8   ? -15.605 4.646   0.213   1.00 14.42 ? 33  ARG A CB  1 
ATOM   54   C CG  . ARG A 1 8   ? -14.358 5.456   0.120   1.00 15.90 ? 33  ARG A CG  1 
ATOM   55   C CD  . ARG A 1 8   ? -14.329 6.073   -1.241  1.00 18.81 ? 33  ARG A CD  1 
ATOM   56   N NE  . ARG A 1 8   ? -13.143 6.865   -1.479  1.00 18.08 ? 33  ARG A NE  1 
ATOM   57   C CZ  . ARG A 1 8   ? -12.294 6.667   -2.490  1.00 11.79 ? 33  ARG A CZ  1 
ATOM   58   N NH1 . ARG A 1 8   ? -12.440 5.676   -3.357  1.00 11.16 ? 33  ARG A NH1 1 
ATOM   59   N NH2 . ARG A 1 8   ? -11.287 7.505   -2.621  1.00 15.12 ? 33  ARG A NH2 1 
ATOM   60   N N   . ASP A 1 9   ? -17.492 2.358   1.265   1.00 17.17 ? 34  ASP A N   1 
ATOM   61   C CA  . ASP A 1 9   ? -18.805 1.675   1.364   1.00 19.85 ? 34  ASP A CA  1 
ATOM   62   C C   . ASP A 1 9   ? -19.260 1.341   2.789   1.00 28.68 ? 34  ASP A C   1 
ATOM   63   O O   . ASP A 1 9   ? -20.466 1.404   3.084   1.00 30.27 ? 34  ASP A O   1 
ATOM   64   C CB  . ASP A 1 9   ? -18.809 0.368   0.578   1.00 32.15 ? 34  ASP A CB  1 
ATOM   65   C CG  . ASP A 1 9   ? -18.744 0.605   -0.900  1.00 39.48 ? 34  ASP A CG  1 
ATOM   66   O OD1 . ASP A 1 9   ? -18.968 1.775   -1.299  1.00 44.14 ? 34  ASP A OD1 1 
ATOM   67   O OD2 . ASP A 1 9   ? -18.479 -0.367  -1.647  1.00 55.52 ? 34  ASP A OD2 1 
ATOM   68   N N   . GLY A 1 10  ? -18.329 1.002   3.682   1.00 30.39 ? 35  GLY A N   1 
ATOM   69   C CA  . GLY A 1 10  ? -18.676 0.586   5.041   1.00 14.65 ? 35  GLY A CA  1 
ATOM   70   C C   . GLY A 1 10  ? -19.271 -0.773  4.879   1.00 21.17 ? 35  GLY A C   1 
ATOM   71   O O   . GLY A 1 10  ? -19.493 -1.201  3.734   1.00 28.72 ? 35  GLY A O   1 
ATOM   72   N N   . PRO A 1 11  ? -19.549 -1.480  5.986   1.00 17.21 ? 36  PRO A N   1 
ATOM   73   C CA  . PRO A 1 11  ? -19.399 -1.121  7.386   1.00 17.99 ? 36  PRO A CA  1 
ATOM   74   C C   . PRO A 1 11  ? -17.952 -1.216  7.784   1.00 17.31 ? 36  PRO A C   1 
ATOM   75   O O   . PRO A 1 11  ? -17.139 -1.852  7.076   1.00 15.83 ? 36  PRO A O   1 
ATOM   76   C CB  . PRO A 1 11  ? -20.142 -2.248  8.101   1.00 21.46 ? 36  PRO A CB  1 
ATOM   77   C CG  . PRO A 1 11  ? -19.913 -3.442  7.201   1.00 23.63 ? 36  PRO A CG  1 
ATOM   78   C CD  . PRO A 1 11  ? -20.041 -2.870  5.830   1.00 20.95 ? 36  PRO A CD  1 
ATOM   79   N N   . CYS A 1 12  ? -17.639 -0.628  8.926   1.00 14.52 ? 37  CYS A N   1 
ATOM   80   C CA  . CYS A 1 12  ? -16.315 -0.763  9.510   1.00 14.17 ? 37  CYS A CA  1 
ATOM   81   C C   . CYS A 1 12  ? -16.020 -2.227  9.819   1.00 15.16 ? 37  CYS A C   1 
ATOM   82   O O   . CYS A 1 12  ? -16.922 -3.015  10.203  1.00 15.42 ? 37  CYS A O   1 
ATOM   83   C CB  . CYS A 1 12  ? -16.186 0.016   10.803  1.00 17.33 ? 37  CYS A CB  1 
ATOM   84   S SG  . CYS A 1 12  ? -16.294 1.828   10.614  1.00 15.33 ? 37  CYS A SG  1 
ATOM   85   N N   . LYS A 1 13  ? -14.748 -2.581  9.637   1.00 13.48 ? 38  LYS A N   1 
ATOM   86   C CA  . LYS A 1 13  ? -14.233 -3.907  9.956   1.00 11.60 ? 38  LYS A CA  1 
ATOM   87   C C   . LYS A 1 13  ? -13.052 -3.794  10.893  1.00 14.38 ? 38  LYS A C   1 
ATOM   88   O O   . LYS A 1 13  ? -12.424 -2.737  10.978  1.00 14.15 ? 38  LYS A O   1 
ATOM   89   C CB  . LYS A 1 13  ? -13.780 -4.608  8.661   1.00 13.63 ? 38  LYS A CB  1 
ATOM   90   C CG  . LYS A 1 13  ? -14.881 -4.757  7.651   1.00 14.91 ? 38  LYS A CG  1 
ATOM   91   C CD  . LYS A 1 13  ? -15.730 -5.885  8.044   1.00 18.21 ? 38  LYS A CD  1 
ATOM   92   C CE  . LYS A 1 13  ? -16.474 -6.389  6.821   1.00 30.57 ? 38  LYS A CE  1 
ATOM   93   N NZ  . LYS A 1 13  ? -17.949 -6.232  6.949   1.00 50.67 ? 38  LYS A NZ  1 
ATOM   94   N N   . PRO A 1 14  ? -12.720 -4.876  11.614  1.00 11.63 ? 39  PRO A N   1 
ATOM   95   C CA  . PRO A 1 14  ? -11.590 -4.799  12.549  1.00 12.59 ? 39  PRO A CA  1 
ATOM   96   C C   . PRO A 1 14  ? -10.263 -4.519  11.833  1.00 9.10  ? 39  PRO A C   1 
ATOM   97   O O   . PRO A 1 14  ? -9.351  -4.003  12.444  1.00 12.57 ? 39  PRO A O   1 
ATOM   98   C CB  . PRO A 1 14  ? -11.566 -6.196  13.183  1.00 18.31 ? 39  PRO A CB  1 
ATOM   99   C CG  . PRO A 1 14  ? -12.986 -6.694  13.025  1.00 17.02 ? 39  PRO A CG  1 
ATOM   100  C CD  . PRO A 1 14  ? -13.520 -6.113  11.780  1.00 13.89 ? 39  PRO A CD  1 
ATOM   101  N N   . ILE A 1 15  ? -10.186 -4.896  10.561  1.00 10.96 ? 40  ILE A N   1 
ATOM   102  C CA  . ILE A 1 15  ? -8.954  -4.711  9.796   1.00 10.32 ? 40  ILE A CA  1 
ATOM   103  C C   . ILE A 1 15  ? -9.293  -3.953  8.531   1.00 10.35 ? 40  ILE A C   1 
ATOM   104  O O   . ILE A 1 15  ? -10.197 -4.326  7.787   1.00 11.36 ? 40  ILE A O   1 
ATOM   105  C CB  . ILE A 1 15  ? -8.295  -6.074  9.431   1.00 7.96  ? 40  ILE A CB  1 
ATOM   106  C CG1 . ILE A 1 15  ? -7.876  -6.851  10.684  1.00 12.02 ? 40  ILE A CG1 1 
ATOM   107  C CG2 . ILE A 1 15  ? -7.072  -5.843  8.582   1.00 11.07 ? 40  ILE A CG2 1 
ATOM   108  C CD1 . ILE A 1 15  ? -7.724  -8.384  10.339  1.00 12.66 ? 40  ILE A CD1 1 
ATOM   109  N N   . THR A 1 16  ? -8.555  -2.865  8.273   1.00 9.50  ? 41  THR A N   1 
ATOM   110  C CA  . THR A 1 16  ? -8.723  -2.122  7.024   1.00 10.19 ? 41  THR A CA  1 
ATOM   111  C C   . THR A 1 16  ? -7.409  -2.167  6.284   1.00 9.30  ? 41  THR A C   1 
ATOM   112  O O   . THR A 1 16  ? -6.393  -1.716  6.813   1.00 9.84  ? 41  THR A O   1 
ATOM   113  C CB  . THR A 1 16  ? -9.055  -0.646  7.290   1.00 9.19  ? 41  THR A CB  1 
ATOM   114  O OG1 . THR A 1 16  ? -10.271 -0.578  8.065   1.00 11.30 ? 41  THR A OG1 1 
ATOM   115  C CG2 . THR A 1 16  ? -9.281  0.099   5.998   1.00 9.90  ? 41  THR A CG2 1 
ATOM   116  N N   . PHE A 1 17  ? -7.452  -2.691  5.059   1.00 8.67  ? 42  PHE A N   1 
ATOM   117  C CA  . PHE A 1 17  ? -6.252  -2.813  4.200   1.00 7.06  ? 42  PHE A CA  1 
ATOM   118  C C   . PHE A 1 17  ? -6.338  -1.772  3.117   1.00 7.58  ? 42  PHE A C   1 
ATOM   119  O O   . PHE A 1 17  ? -7.255  -1.794  2.311   1.00 8.60  ? 42  PHE A O   1 
ATOM   120  C CB  . PHE A 1 17  ? -6.230  -4.221  3.608   1.00 7.32  ? 42  PHE A CB  1 
ATOM   121  C CG  . PHE A 1 17  ? -5.161  -4.439  2.559   1.00 6.99  ? 42  PHE A CG  1 
ATOM   122  C CD1 . PHE A 1 17  ? -3.840  -4.176  2.854   1.00 8.39  ? 42  PHE A CD1 1 
ATOM   123  C CD2 . PHE A 1 17  ? -5.484  -4.943  1.307   1.00 8.13  ? 42  PHE A CD2 1 
ATOM   124  C CE1 . PHE A 1 17  ? -2.815  -4.407  1.900   1.00 8.34  ? 42  PHE A CE1 1 
ATOM   125  C CE2 . PHE A 1 17  ? -4.457  -5.221  0.357   1.00 10.55 ? 42  PHE A CE2 1 
ATOM   126  C CZ  . PHE A 1 17  ? -3.121  -4.923  0.654   1.00 7.95  ? 42  PHE A CZ  1 
ATOM   127  N N   . ILE A 1 18  ? -5.406  -0.821  3.120   1.00 6.07  ? 43  ILE A N   1 
ATOM   128  C CA  . ILE A 1 18  ? -5.388  0.263   2.144   1.00 7.02  ? 43  ILE A CA  1 
ATOM   129  C C   . ILE A 1 18  ? -4.209  0.028   1.176   1.00 6.25  ? 43  ILE A C   1 
ATOM   130  O O   . ILE A 1 18  ? -3.054  -0.137  1.630   1.00 7.82  ? 43  ILE A O   1 
ATOM   131  C CB  . ILE A 1 18  ? -5.289  1.637   2.825   1.00 8.79  ? 43  ILE A CB  1 
ATOM   132  C CG1 . ILE A 1 18  ? -6.486  1.815   3.781   1.00 8.17  ? 43  ILE A CG1 1 
ATOM   133  C CG2 . ILE A 1 18  ? -5.237  2.748   1.727   1.00 9.63  ? 43  ILE A CG2 1 
ATOM   134  C CD1 . ILE A 1 18  ? -6.397  3.102   4.659   1.00 8.43  ? 43  ILE A CD1 1 
ATOM   135  N N   . PHE A 1 19  ? -4.486  -0.014  -0.129  1.00 7.06  ? 44  PHE A N   1 
ATOM   136  C CA  . PHE A 1 19  ? -3.462  -0.457  -1.117  1.00 6.25  ? 44  PHE A CA  1 
ATOM   137  C C   . PHE A 1 19  ? -3.434  0.480   -2.307  1.00 7.38  ? 44  PHE A C   1 
ATOM   138  O O   . PHE A 1 19  ? -4.502  0.894   -2.806  1.00 7.79  ? 44  PHE A O   1 
ATOM   139  C CB  . PHE A 1 19  ? -3.835  -1.838  -1.680  1.00 7.36  ? 44  PHE A CB  1 
ATOM   140  C CG  . PHE A 1 19  ? -2.765  -2.417  -2.529  1.00 7.88  ? 44  PHE A CG  1 
ATOM   141  C CD1 . PHE A 1 19  ? -1.681  -3.016  -1.932  1.00 9.10  ? 44  PHE A CD1 1 
ATOM   142  C CD2 . PHE A 1 19  ? -2.859  -2.353  -3.915  1.00 10.20 ? 44  PHE A CD2 1 
ATOM   143  C CE1 . PHE A 1 19  ? -0.644  -3.584  -2.709  1.00 10.97 ? 44  PHE A CE1 1 
ATOM   144  C CE2 . PHE A 1 19  ? -1.811  -2.878  -4.688  1.00 9.49  ? 44  PHE A CE2 1 
ATOM   145  C CZ  . PHE A 1 19  ? -0.736  -3.478  -4.087  1.00 8.78  ? 44  PHE A CZ  1 
ATOM   146  N N   . ALA A 1 20  ? -2.230  0.817   -2.769  1.00 6.74  ? 45  ALA A N   1 
ATOM   147  C CA  . ALA A 1 20  ? -2.067  1.654   -3.971  1.00 5.70  ? 45  ALA A CA  1 
ATOM   148  C C   . ALA A 1 20  ? -1.424  0.840   -5.086  1.00 7.24  ? 45  ALA A C   1 
ATOM   149  O O   . ALA A 1 20  ? -0.343  0.249   -4.890  1.00 7.11  ? 45  ALA A O   1 
ATOM   150  C CB  . ALA A 1 20  ? -1.218  2.908   -3.645  1.00 6.22  ? 45  ALA A CB  1 
ATOM   151  N N   . ARG A 1 21  ? -2.096  0.796   -6.246  1.00 6.87  ? 46  ARG A N   1 
ATOM   152  C CA  . ARG A 1 21  ? -1.731  -0.107  -7.335  1.00 6.14  ? 46  ARG A CA  1 
ATOM   153  C C   . ARG A 1 21  ? -0.535  0.398   -8.150  1.00 8.85  ? 46  ARG A C   1 
ATOM   154  O O   . ARG A 1 21  ? -0.009  1.523   -7.939  1.00 8.16  ? 46  ARG A O   1 
ATOM   155  C CB  . ARG A 1 21  ? -2.952  -0.274  -8.253  1.00 7.20  ? 46  ARG A CB  1 
ATOM   156  C CG  . ARG A 1 21  ? -3.272  0.979   -9.075  1.00 9.29  ? 46  ARG A CG  1 
ATOM   157  C CD  . ARG A 1 21  ? -4.722  0.926   -9.506  1.00 7.88  ? 46  ARG A CD  1 
ATOM   158  N NE  . ARG A 1 21  ? -5.069  2.023   -10.452 1.00 9.00  ? 46  ARG A NE  1 
ATOM   159  C CZ  . ARG A 1 21  ? -5.397  3.256   -10.078 1.00 10.68 ? 46  ARG A CZ  1 
ATOM   160  N NH1 . ARG A 1 21  ? -5.356  3.625   -8.799  1.00 8.69  ? 46  ARG A NH1 1 
ATOM   161  N NH2 . ARG A 1 21  ? -5.719  4.148   -11.002 1.00 9.83  ? 46  ARG A NH2 1 
ATOM   162  N N   . ALA A 1 22  ? -0.106  -0.447  -9.089  1.00 7.44  ? 47  ALA A N   1 
ATOM   163  C CA  . ALA A 1 22  ? 1.039   -0.121  -9.951  1.00 8.24  ? 47  ALA A CA  1 
ATOM   164  C C   . ALA A 1 22  ? 0.620   0.694   -11.189 1.00 8.40  ? 47  ALA A C   1 
ATOM   165  O O   . ALA A 1 22  ? -0.559  0.701   -11.566 1.00 9.55  ? 47  ALA A O   1 
ATOM   166  C CB  . ALA A 1 22  ? 1.714   -1.433  -10.399 1.00 8.65  ? 47  ALA A CB  1 
ATOM   167  N N   . SER A 1 23  ? 1.578   1.365   -11.832 1.00 8.81  ? 48  SER A N   1 
ATOM   168  C CA  . SER A 1 23  ? 1.238   2.121   -13.042 1.00 8.86  ? 48  SER A CA  1 
ATOM   169  C C   . SER A 1 23  ? 0.563   1.190   -14.051 1.00 8.74  ? 48  SER A C   1 
ATOM   170  O O   . SER A 1 23  ? 0.953   0.039   -14.217 1.00 9.78  ? 48  SER A O   1 
ATOM   171  C CB  . SER A 1 23  ? 2.497   2.677   -13.689 1.00 10.23 ? 48  SER A CB  1 
ATOM   172  O OG  . SER A 1 23  ? 3.193   3.513   -12.793 1.00 10.52 ? 48  SER A OG  1 
ATOM   173  N N   . THR A 1 24  ? -0.433  1.753   -14.735 1.00 9.85  ? 49  THR A N   1 
ATOM   174  C CA  . THR A 1 24  ? -1.254  1.073   -15.749 1.00 10.40 ? 49  THR A CA  1 
ATOM   175  C C   . THR A 1 24  ? -2.324  0.145   -15.210 1.00 12.12 ? 49  THR A C   1 
ATOM   176  O O   . THR A 1 24  ? -3.208  -0.253  -15.987 1.00 14.49 ? 49  THR A O   1 
ATOM   177  C CB  . THR A 1 24  ? -0.484  0.393   -16.910 1.00 11.39 ? 49  THR A CB  1 
ATOM   178  O OG1 . THR A 1 24  ? -0.017  -0.905  -16.510 1.00 11.35 ? 49  THR A OG1 1 
ATOM   179  C CG2 . THR A 1 24  ? 0.692   1.234   -17.407 1.00 13.29 ? 49  THR A CG2 1 
ATOM   180  N N   . GLU A 1 25  ? -2.296  -0.209  -13.917 1.00 9.61  ? 50  GLU A N   1 
ATOM   181  C CA  . GLU A 1 25  ? -3.329  -1.111  -13.432 1.00 9.02  ? 50  GLU A CA  1 
ATOM   182  C C   . GLU A 1 25  ? -4.642  -0.361  -13.337 1.00 10.71 ? 50  GLU A C   1 
ATOM   183  O O   . GLU A 1 25  ? -4.677  0.802   -12.960 1.00 11.29 ? 50  GLU A O   1 
ATOM   184  C CB  . GLU A 1 25  ? -2.986  -1.642  -12.040 1.00 9.27  ? 50  GLU A CB  1 
ATOM   185  C CG  . GLU A 1 25  ? -1.747  -2.527  -12.016 1.00 9.07  ? 50  GLU A CG  1 
ATOM   186  C CD  . GLU A 1 25  ? -1.730  -3.403  -10.786 1.00 10.33 ? 50  GLU A CD  1 
ATOM   187  O OE1 . GLU A 1 25  ? -1.357  -2.909  -9.690  1.00 8.97  ? 50  GLU A OE1 1 
ATOM   188  O OE2 . GLU A 1 25  ? -2.102  -4.584  -10.874 1.00 9.00  ? 50  GLU A OE2 1 
ATOM   189  N N   . PRO A 1 26  ? -5.726  -1.046  -13.720 1.00 10.82 ? 51  PRO A N   1 
ATOM   190  C CA  . PRO A 1 26  ? -7.055  -0.426  -13.652 1.00 12.15 ? 51  PRO A CA  1 
ATOM   191  C C   . PRO A 1 26  ? -7.640  -0.524  -12.243 1.00 16.19 ? 51  PRO A C   1 
ATOM   192  O O   . PRO A 1 26  ? -7.171  -1.302  -11.394 1.00 17.22 ? 51  PRO A O   1 
ATOM   193  C CB  . PRO A 1 26  ? -7.870  -1.310  -14.593 1.00 14.91 ? 51  PRO A CB  1 
ATOM   194  C CG  . PRO A 1 26  ? -7.237  -2.686  -14.402 1.00 19.44 ? 51  PRO A CG  1 
ATOM   195  C CD  . PRO A 1 26  ? -5.748  -2.388  -14.331 1.00 13.27 ? 51  PRO A CD  1 
ATOM   196  N N   . GLY A 1 27  ? -8.673  0.260   -11.985 1.00 15.98 ? 52  GLY A N   1 
ATOM   197  C CA  . GLY A 1 27  ? -9.466  0.053   -10.783 1.00 16.13 ? 52  GLY A CA  1 
ATOM   198  C C   . GLY A 1 27  ? -8.811  0.606   -9.547  1.00 16.77 ? 52  GLY A C   1 
ATOM   199  O O   . GLY A 1 27  ? -7.979  1.506   -9.614  1.00 17.88 ? 52  GLY A O   1 
ATOM   200  N N   . LEU A 1 28  ? -9.262  0.093   -8.417  1.00 11.93 ? 53  LEU A N   1 
ATOM   201  C CA  . LEU A 1 28  ? -8.825  0.598   -7.124  1.00 9.83  ? 53  LEU A CA  1 
ATOM   202  C C   . LEU A 1 28  ? -7.701  -0.249  -6.544  1.00 10.25 ? 53  LEU A C   1 
ATOM   203  O O   . LEU A 1 28  ? -6.688  0.291   -6.134  1.00 10.54 ? 53  LEU A O   1 
ATOM   204  C CB  . LEU A 1 28  ? -10.019 0.656   -6.162  1.00 12.36 ? 53  LEU A CB  1 
ATOM   205  C CG  . LEU A 1 28  ? -11.073 1.691   -6.542  1.00 11.45 ? 53  LEU A CG  1 
ATOM   206  C CD1 . LEU A 1 28  ? -12.344 1.470   -5.734  1.00 13.88 ? 53  LEU A CD1 1 
ATOM   207  C CD2 . LEU A 1 28  ? -10.573 3.103   -6.294  1.00 15.78 ? 53  LEU A CD2 1 
ATOM   208  N N   . LEU A 1 29  ? -7.862  -1.566  -6.482  1.00 9.25  ? 54  LEU A N   1 
ATOM   209  C CA  . LEU A 1 29  ? -6.779  -2.399  -5.969  1.00 8.78  ? 54  LEU A CA  1 
ATOM   210  C C   . LEU A 1 29  ? -5.791  -2.797  -7.047  1.00 9.99  ? 54  LEU A C   1 
ATOM   211  O O   . LEU A 1 29  ? -4.730  -3.380  -6.710  1.00 10.29 ? 54  LEU A O   1 
ATOM   212  C CB  . LEU A 1 29  ? -7.359  -3.701  -5.364  1.00 10.01 ? 54  LEU A CB  1 
ATOM   213  C CG  . LEU A 1 29  ? -8.227  -3.479  -4.102  1.00 10.11 ? 54  LEU A CG  1 
ATOM   214  C CD1 . LEU A 1 29  ? -8.888  -4.757  -3.698  1.00 13.58 ? 54  LEU A CD1 1 
ATOM   215  C CD2 . LEU A 1 29  ? -7.411  -2.965  -2.911  1.00 13.03 ? 54  LEU A CD2 1 
ATOM   216  N N   . GLY A 1 30  ? -6.088  -2.529  -8.318  1.00 9.18  ? 55  GLY A N   1 
ATOM   217  C CA  . GLY A 1 30  ? -5.322  -3.121  -9.414  1.00 8.22  ? 55  GLY A CA  1 
ATOM   218  C C   . GLY A 1 30  ? -5.722  -4.572  -9.643  1.00 9.62  ? 55  GLY A C   1 
ATOM   219  O O   . GLY A 1 30  ? -6.801  -5.016  -9.230  1.00 11.46 ? 55  GLY A O   1 
ATOM   220  N N   . ILE A 1 31  ? -4.844  -5.292  -10.331 1.00 9.91  ? 56  ILE A N   1 
ATOM   221  C CA  . ILE A 1 31  ? -5.163  -6.632  -10.842 1.00 8.34  ? 56  ILE A CA  1 
ATOM   222  C C   . ILE A 1 31  ? -4.067  -7.642  -10.567 1.00 9.37  ? 56  ILE A C   1 
ATOM   223  O O   . ILE A 1 31  ? -4.068  -8.772  -11.100 1.00 11.03 ? 56  ILE A O   1 
ATOM   224  C CB  . ILE A 1 31  ? -5.464  -6.593  -12.348 1.00 10.23 ? 56  ILE A CB  1 
ATOM   225  C CG1 . ILE A 1 31  ? -4.282  -6.064  -13.164 1.00 11.53 ? 56  ILE A CG1 1 
ATOM   226  C CG2 . ILE A 1 31  ? -6.710  -5.762  -12.618 1.00 11.90 ? 56  ILE A CG2 1 
ATOM   227  C CD1 . ILE A 1 31  ? -4.579  -6.098  -14.712 1.00 15.05 ? 56  ILE A CD1 1 
ATOM   228  N N   . SER A 1 32  ? -3.171  -7.269  -9.660  1.00 8.78  ? 57  SER A N   1 
ATOM   229  C CA  . SER A 1 32  ? -2.067  -8.173  -9.357  1.00 8.52  ? 57  SER A CA  1 
ATOM   230  C C   . SER A 1 32  ? -1.885  -8.316  -7.830  1.00 7.96  ? 57  SER A C   1 
ATOM   231  O O   . SER A 1 32  ? -2.603  -9.089  -7.173  1.00 10.11 ? 57  SER A O   1 
ATOM   232  C CB  . SER A 1 32  ? -0.781  -7.717  -10.065 1.00 7.95  ? 57  SER A CB  1 
ATOM   233  O OG  . SER A 1 32  ? -0.410  -6.374  -9.709  1.00 9.72  ? 57  SER A OG  1 
ATOM   234  N N   . THR A 1 33  ? -0.902  -7.611  -7.262  1.00 7.05  ? 58  THR A N   1 
ATOM   235  C CA  . THR A 1 33  ? -0.563  -7.858  -5.877  1.00 6.89  ? 58  THR A CA  1 
ATOM   236  C C   . THR A 1 33  ? -1.620  -7.369  -4.881  1.00 6.27  ? 58  THR A C   1 
ATOM   237  O O   . THR A 1 33  ? -1.759  -7.910  -3.787  1.00 9.21  ? 58  THR A O   1 
ATOM   238  C CB  . THR A 1 33  ? 0.800   -7.225  -5.531  1.00 8.81  ? 58  THR A CB  1 
ATOM   239  O OG1 . THR A 1 33  ? 0.831   -5.834  -5.933  1.00 9.06  ? 58  THR A OG1 1 
ATOM   240  C CG2 . THR A 1 33  ? 1.960   -7.979  -6.190  1.00 10.18 ? 58  THR A CG2 1 
ATOM   241  N N   . GLY A 1 34  ? -2.363  -6.334  -5.270  1.00 8.02  ? 59  GLY A N   1 
ATOM   242  C CA  . GLY A 1 34  ? -3.343  -5.753  -4.365  1.00 6.96  ? 59  GLY A CA  1 
ATOM   243  C C   . GLY A 1 34  ? -4.475  -6.736  -4.062  1.00 8.49  ? 59  GLY A C   1 
ATOM   244  O O   . GLY A 1 34  ? -4.724  -7.047  -2.911  1.00 8.47  ? 59  GLY A O   1 
ATOM   245  N N   . PRO A 1 35  ? -5.150  -7.250  -5.093  1.00 8.56  ? 60  PRO A N   1 
ATOM   246  C CA  . PRO A 1 35  ? -6.127  -8.310  -4.816  1.00 7.94  ? 60  PRO A CA  1 
ATOM   247  C C   . PRO A 1 35  ? -5.510  -9.543  -4.196  1.00 8.12  ? 60  PRO A C   1 
ATOM   248  O O   . PRO A 1 35  ? -6.149  -10.182 -3.356  1.00 9.19  ? 60  PRO A O   1 
ATOM   249  C CB  . PRO A 1 35  ? -6.674  -8.668  -6.215  1.00 9.68  ? 60  PRO A CB  1 
ATOM   250  C CG  . PRO A 1 35  ? -6.474  -7.462  -7.009  1.00 12.10 ? 60  PRO A CG  1 
ATOM   251  C CD  . PRO A 1 35  ? -5.206  -6.780  -6.493  1.00 10.27 ? 60  PRO A CD  1 
ATOM   252  N N   . ALA A 1 36  ? -4.290  -9.912  -4.608  1.00 9.68  ? 61  ALA A N   1 
ATOM   253  C CA  . ALA A 1 36  ? -3.686  -11.113 -4.025  1.00 10.79 ? 61  ALA A CA  1 
ATOM   254  C C   . ALA A 1 36  ? -3.559  -10.990 -2.505  1.00 9.51  ? 61  ALA A C   1 
ATOM   255  O O   . ALA A 1 36  ? -3.891  -11.906 -1.744  1.00 11.69 ? 61  ALA A O   1 
ATOM   256  C CB  . ALA A 1 36  ? -2.368  -11.408 -4.652  1.00 8.96  ? 61  ALA A CB  1 
ATOM   257  N N   . VAL A 1 37  ? -3.084  -9.841  -2.039  1.00 8.24  ? 62  VAL A N   1 
ATOM   258  C CA  . VAL A 1 37  ? -2.960  -9.670  -0.589  1.00 7.42  ? 62  VAL A CA  1 
ATOM   259  C C   . VAL A 1 37  ? -4.321  -9.511  0.097   1.00 10.26 ? 62  VAL A C   1 
ATOM   260  O O   . VAL A 1 37  ? -4.573  -10.086 1.155   1.00 11.11 ? 62  VAL A O   1 
ATOM   261  C CB  . VAL A 1 37  ? -2.031  -8.457  -0.274  1.00 7.07  ? 62  VAL A CB  1 
ATOM   262  C CG1 . VAL A 1 37  ? -1.981  -8.204  1.261   1.00 10.54 ? 62  VAL A CG1 1 
ATOM   263  C CG2 . VAL A 1 37  ? -0.599  -8.757  -0.787  1.00 8.43  ? 62  VAL A CG2 1 
ATOM   264  N N   . CYS A 1 38  ? -5.211  -8.748  -0.513  1.00 8.27  ? 63  CYS A N   1 
ATOM   265  C CA  . CYS A 1 38  ? -6.549  -8.566  0.051   1.00 9.87  ? 63  CYS A CA  1 
ATOM   266  C C   . CYS A 1 38  ? -7.238  -9.920  0.268   1.00 9.05  ? 63  CYS A C   1 
ATOM   267  O O   . CYS A 1 38  ? -7.758  -10.188 1.343   1.00 10.80 ? 63  CYS A O   1 
ATOM   268  C CB  . CYS A 1 38  ? -7.374  -7.683  -0.900  1.00 10.24 ? 63  CYS A CB  1 
ATOM   269  S SG  . CYS A 1 38  ? -9.136  -7.594  -0.457  1.00 11.43 ? 63  CYS A SG  1 
ATOM   270  N N   . ASN A 1 39  ? -7.181  -10.754 -0.764  1.00 9.01  ? 64  ASN A N   1 
ATOM   271  C CA  . ASN A 1 39  ? -7.856  -12.036 -0.696  1.00 10.64 ? 64  ASN A CA  1 
ATOM   272  C C   . ASN A 1 39  ? -7.230  -12.944 0.375   1.00 10.29 ? 64  ASN A C   1 
ATOM   273  O O   . ASN A 1 39  ? -7.954  -13.657 1.080   1.00 10.33 ? 64  ASN A O   1 
ATOM   274  C CB  . ASN A 1 39  ? -7.839  -12.669 -2.086  1.00 12.96 ? 64  ASN A CB  1 
ATOM   275  C CG  . ASN A 1 39  ? -8.711  -11.913 -3.083  1.00 10.51 ? 64  ASN A CG  1 
ATOM   276  O OD1 . ASN A 1 39  ? -9.464  -11.004 -2.720  1.00 14.08 ? 64  ASN A OD1 1 
ATOM   277  N ND2 . ASN A 1 39  ? -8.620  -12.308 -4.333  1.00 14.81 ? 64  ASN A ND2 1 
ATOM   278  N N   . ARG A 1 40  ? -5.894  -12.938 0.495   1.00 8.37  ? 65  ARG A N   1 
ATOM   279  C CA  . ARG A 1 40  ? -5.250  -13.721 1.557   1.00 7.20  ? 65  ARG A CA  1 
ATOM   280  C C   . ARG A 1 40  ? -5.656  -13.235 2.942   1.00 9.05  ? 65  ARG A C   1 
ATOM   281  O O   . ARG A 1 40  ? -5.889  -14.033 3.873   1.00 9.67  ? 65  ARG A O   1 
ATOM   282  C CB  . ARG A 1 40  ? -3.726  -13.724 1.384   1.00 9.49  ? 65  ARG A CB  1 
ATOM   283  C CG  . ARG A 1 40  ? -3.286  -14.640 0.256   1.00 12.65 ? 65  ARG A CG  1 
ATOM   284  C CD  . ARG A 1 40  ? -1.816  -14.479 -0.025  1.00 16.65 ? 65  ARG A CD  1 
ATOM   285  N NE  . ARG A 1 40  ? -1.334  -15.417 -1.057  1.00 18.94 ? 65  ARG A NE  1 
ATOM   286  C CZ  . ARG A 1 40  ? -0.994  -16.685 -0.842  1.00 15.78 ? 65  ARG A CZ  1 
ATOM   287  N NH1 . ARG A 1 40  ? -0.571  -17.417 -1.864  1.00 25.52 ? 65  ARG A NH1 1 
ATOM   288  N NH2 . ARG A 1 40  ? -1.071  -17.218 0.357   1.00 19.55 ? 65  ARG A NH2 1 
ATOM   289  N N   . LEU A 1 41  ? -5.751  -11.911 3.130   1.00 9.04  ? 66  LEU A N   1 
ATOM   290  C CA  . LEU A 1 41  ? -6.174  -11.390 4.429   1.00 8.55  ? 66  LEU A CA  1 
ATOM   291  C C   . LEU A 1 41  ? -7.625  -11.849 4.707   1.00 10.05 ? 66  LEU A C   1 
ATOM   292  O O   . LEU A 1 41  ? -7.937  -12.246 5.816   1.00 11.06 ? 66  LEU A O   1 
ATOM   293  C CB  . LEU A 1 41  ? -6.116  -9.848  4.466   1.00 8.43  ? 66  LEU A CB  1 
ATOM   294  C CG  . LEU A 1 41  ? -4.699  -9.302  4.345   1.00 10.21 ? 66  LEU A CG  1 
ATOM   295  C CD1 . LEU A 1 41  ? -4.776  -7.771  4.192   1.00 11.38 ? 66  LEU A CD1 1 
ATOM   296  C CD2 . LEU A 1 41  ? -3.815  -9.680  5.558   1.00 10.75 ? 66  LEU A CD2 1 
ATOM   297  N N   . LYS A 1 42  ? -8.486  -11.789 3.696   1.00 10.67 ? 67  LYS A N   1 
ATOM   298  C CA  . LYS A 1 42  ? -9.886  -12.193 3.892   1.00 12.49 ? 67  LYS A CA  1 
ATOM   299  C C   . LYS A 1 42  ? -10.005 -13.685 4.203   1.00 17.67 ? 67  LYS A C   1 
ATOM   300  O O   . LYS A 1 42  ? -10.873 -14.088 4.984   1.00 16.99 ? 67  LYS A O   1 
ATOM   301  C CB  . LYS A 1 42  ? -10.730 -11.855 2.675   1.00 10.60 ? 67  LYS A CB  1 
ATOM   302  C CG  . LYS A 1 42  ? -10.994 -10.355 2.588   1.00 11.41 ? 67  LYS A CG  1 
ATOM   303  C CD  . LYS A 1 42  ? -11.867 -9.970  1.404   1.00 11.95 ? 67  LYS A CD  1 
ATOM   304  C CE  . LYS A 1 42  ? -12.324 -8.517  1.611   1.00 15.13 ? 67  LYS A CE  1 
ATOM   305  N NZ  . LYS A 1 42  ? -13.406 -8.175  0.698   1.00 23.32 ? 67  LYS A NZ  1 
ATOM   306  N N   . LEU A 1 43  ? -9.175  -14.527 3.599   1.00 10.81 ? 68  LEU A N   1 
ATOM   307  C CA  . LEU A 1 43  ? -9.220  -15.949 3.984   1.00 11.93 ? 68  LEU A CA  1 
ATOM   308  C C   . LEU A 1 43  ? -8.760  -16.210 5.404   1.00 16.16 ? 68  LEU A C   1 
ATOM   309  O O   . LEU A 1 43  ? -9.241  -17.139 6.050   1.00 14.11 ? 68  LEU A O   1 
ATOM   310  C CB  . LEU A 1 43  ? -8.377  -16.842 3.057   1.00 12.39 ? 68  LEU A CB  1 
ATOM   311  C CG  . LEU A 1 43  ? -8.972  -17.091 1.682   1.00 15.61 ? 68  LEU A CG  1 
ATOM   312  C CD1 . LEU A 1 43  ? -7.920  -17.654 0.702   1.00 16.63 ? 68  LEU A CD1 1 
ATOM   313  C CD2 . LEU A 1 43  ? -10.193 -18.033 1.807   1.00 13.39 ? 68  LEU A CD2 1 
ATOM   314  N N   . ALA A 1 44  ? -7.781  -15.442 5.879   1.00 12.05 ? 69  ALA A N   1 
ATOM   315  C CA  . ALA A 1 44  ? -7.197  -15.675 7.191   1.00 10.57 ? 69  ALA A CA  1 
ATOM   316  C C   . ALA A 1 44  ? -8.033  -15.093 8.297   1.00 13.63 ? 69  ALA A C   1 
ATOM   317  O O   . ALA A 1 44  ? -7.983  -15.569 9.432   1.00 16.08 ? 69  ALA A O   1 
ATOM   318  C CB  . ALA A 1 44  ? -5.781  -15.078 7.238   1.00 14.55 ? 69  ALA A CB  1 
ATOM   319  N N   . ARG A 1 45  ? -8.799  -14.058 7.974   1.00 13.36 ? 70  ARG A N   1 
ATOM   320  C CA  . ARG A 1 45  ? -9.621  -13.359 8.975   1.00 9.81  ? 70  ARG A CA  1 
ATOM   321  C C   . ARG A 1 45  ? -11.002 -13.155 8.414   1.00 14.56 ? 70  ARG A C   1 
ATOM   322  O O   . ARG A 1 45  ? -11.426 -12.006 8.167   1.00 13.97 ? 70  ARG A O   1 
ATOM   323  C CB  . ARG A 1 45  ? -9.009  -11.983 9.322   1.00 11.86 ? 70  ARG A CB  1 
ATOM   324  C CG  . ARG A 1 45  ? -7.608  -12.066 9.920   1.00 14.84 ? 70  ARG A CG  1 
ATOM   325  C CD  . ARG A 1 45  ? -7.641  -12.711 11.297  1.00 18.88 ? 70  ARG A CD  1 
ATOM   326  N NE  . ARG A 1 45  ? -6.302  -12.728 11.886  1.00 22.66 ? 70  ARG A NE  1 
ATOM   327  C CZ  . ARG A 1 45  ? -5.389  -13.668 11.671  1.00 26.33 ? 70  ARG A CZ  1 
ATOM   328  N NH1 . ARG A 1 45  ? -4.197  -13.583 12.266  1.00 28.42 ? 70  ARG A NH1 1 
ATOM   329  N NH2 . ARG A 1 45  ? -5.658  -14.692 10.856  1.00 28.94 ? 70  ARG A NH2 1 
ATOM   330  N N   . SER A 1 46  ? -11.716 -14.268 8.173   1.00 14.53 ? 71  SER A N   1 
ATOM   331  C CA  . SER A 1 46  ? -12.953 -14.190 7.430   1.00 13.86 ? 71  SER A CA  1 
ATOM   332  C C   . SER A 1 46  ? -13.966 -13.283 8.086   1.00 12.95 ? 71  SER A C   1 
ATOM   333  O O   . SER A 1 46  ? -14.172 -13.336 9.304   1.00 16.88 ? 71  SER A O   1 
ATOM   334  C CB  . SER A 1 46  ? -13.590 -15.581 7.333   1.00 15.67 ? 71  SER A CB  1 
ATOM   335  O OG  . SER A 1 46  ? -12.815 -16.478 6.555   1.00 34.62 ? 71  SER A OG  1 
ATOM   336  N N   . GLY A 1 47  ? -14.563 -12.398 7.286   1.00 14.37 ? 72  GLY A N   1 
ATOM   337  C CA  . GLY A 1 47  ? -15.500 -11.410 7.789   1.00 15.04 ? 72  GLY A CA  1 
ATOM   338  C C   . GLY A 1 47  ? -14.912 -10.202 8.524   1.00 16.96 ? 72  GLY A C   1 
ATOM   339  O O   . GLY A 1 47  ? -15.661 -9.312  8.932   1.00 17.98 ? 72  GLY A O   1 
ATOM   340  N N   . ASP A 1 48  ? -13.584 -10.144 8.668   1.00 17.90 ? 73  ASP A N   1 
ATOM   341  C CA  . ASP A 1 48  ? -12.955 -9.085  9.475   1.00 16.27 ? 73  ASP A CA  1 
ATOM   342  C C   . ASP A 1 48  ? -12.156 -8.044  8.650   1.00 10.96 ? 73  ASP A C   1 
ATOM   343  O O   . ASP A 1 48  ? -11.544 -7.186  9.260   1.00 13.59 ? 73  ASP A O   1 
ATOM   344  C CB  . ASP A 1 48  ? -12.037 -9.698  10.546  1.00 18.10 ? 73  ASP A CB  1 
ATOM   345  C CG  . ASP A 1 48  ? -12.818 -10.388 11.662  1.00 24.03 ? 73  ASP A CG  1 
ATOM   346  O OD1 . ASP A 1 48  ? -14.046 -10.197 11.709  1.00 23.67 ? 73  ASP A OD1 1 
ATOM   347  O OD2 . ASP A 1 48  ? -12.187 -11.084 12.483  1.00 26.61 ? 73  ASP A OD2 1 
ATOM   348  N N   . VAL A 1 49  ? -12.182 -8.124  7.317   1.00 12.05 ? 74  VAL A N   1 
ATOM   349  C CA  . VAL A 1 49  ? -11.278 -7.259  6.515   1.00 11.51 ? 74  VAL A CA  1 
ATOM   350  C C   . VAL A 1 49  ? -12.016 -6.414  5.479   1.00 11.67 ? 74  VAL A C   1 
ATOM   351  O O   . VAL A 1 49  ? -12.782 -6.922  4.653   1.00 14.96 ? 74  VAL A O   1 
ATOM   352  C CB  . VAL A 1 49  ? -10.212 -8.116  5.777   1.00 10.14 ? 74  VAL A CB  1 
ATOM   353  C CG1 . VAL A 1 49  ? -9.242  -7.225  4.957   1.00 13.92 ? 74  VAL A CG1 1 
ATOM   354  C CG2 . VAL A 1 49  ? -9.436  -8.986  6.747   1.00 11.61 ? 74  VAL A CG2 1 
ATOM   355  N N   . ALA A 1 50  ? -11.752 -5.104  5.499   1.00 10.73 ? 75  ALA A N   1 
ATOM   356  C CA  . ALA A 1 50  ? -12.183 -4.192  4.453   1.00 9.75  ? 75  ALA A CA  1 
ATOM   357  C C   . ALA A 1 50  ? -10.965 -3.830  3.598   1.00 12.06 ? 75  ALA A C   1 
ATOM   358  O O   . ALA A 1 50  ? -9.964  -3.330  4.127   1.00 15.38 ? 75  ALA A O   1 
ATOM   359  C CB  . ALA A 1 50  ? -12.731 -2.928  5.089   1.00 10.36 ? 75  ALA A CB  1 
ATOM   360  N N   . CYS A 1 51  ? -11.061 -4.036  2.281   1.00 9.43  ? 76  CYS A N   1 
ATOM   361  C CA  . CYS A 1 51  ? -9.992  -3.654  1.370   1.00 8.18  ? 76  CYS A CA  1 
ATOM   362  C C   . CYS A 1 51  ? -10.387 -2.377  0.639   1.00 10.13 ? 76  CYS A C   1 
ATOM   363  O O   . CYS A 1 51  ? -11.469 -2.267  0.095   1.00 10.71 ? 76  CYS A O   1 
ATOM   364  C CB  . CYS A 1 51  ? -9.728  -4.771  0.352   1.00 10.24 ? 76  CYS A CB  1 
ATOM   365  S SG  . CYS A 1 51  ? -9.199  -6.289  1.158   1.00 10.71 ? 76  CYS A SG  1 
ATOM   366  N N   . GLN A 1 52  ? -9.474  -1.405  0.675   1.00 9.02  ? 77  GLN A N   1 
ATOM   367  C CA  . GLN A 1 52  ? -9.676  -0.101  0.075   1.00 8.47  ? 77  GLN A CA  1 
ATOM   368  C C   . GLN A 1 52  ? -8.507  0.303   -0.774  1.00 8.76  ? 77  GLN A C   1 
ATOM   369  O O   . GLN A 1 52  ? -7.385  0.455   -0.280  1.00 9.36  ? 77  GLN A O   1 
ATOM   370  C CB  . GLN A 1 52  ? -9.857  0.953   1.167   1.00 8.59  ? 77  GLN A CB  1 
ATOM   371  C CG  . GLN A 1 52  ? -10.045 2.357   0.610   1.00 6.99  ? 77  GLN A CG  1 
ATOM   372  C CD  . GLN A 1 52  ? -11.341 2.519   -0.145  1.00 8.24  ? 77  GLN A CD  1 
ATOM   373  O OE1 . GLN A 1 52  ? -12.369 2.229   0.414   1.00 9.38  ? 77  GLN A OE1 1 
ATOM   374  N NE2 . GLN A 1 52  ? -11.298 3.000   -1.382  1.00 9.01  ? 77  GLN A NE2 1 
ATOM   375  N N   . GLY A 1 53  ? -8.743  0.442   -2.057  1.00 8.86  ? 78  GLY A N   1 
ATOM   376  C CA  . GLY A 1 53  ? -7.694  0.885   -2.973  1.00 8.64  ? 78  GLY A CA  1 
ATOM   377  C C   . GLY A 1 53  ? -7.624  2.400   -2.988  1.00 8.15  ? 78  GLY A C   1 
ATOM   378  O O   . GLY A 1 53  ? -8.633  3.099   -2.715  1.00 9.27  ? 78  GLY A O   1 
ATOM   379  N N   . VAL A 1 54  ? -6.453  2.940   -3.346  1.00 7.54  ? 79  VAL A N   1 
ATOM   380  C CA  . VAL A 1 54  ? -6.290  4.384   -3.502  1.00 8.19  ? 79  VAL A CA  1 
ATOM   381  C C   . VAL A 1 54  ? -6.653  4.788   -4.939  1.00 7.84  ? 79  VAL A C   1 
ATOM   382  O O   . VAL A 1 54  ? -5.897  4.539   -5.884  1.00 8.27  ? 79  VAL A O   1 
ATOM   383  C CB  . VAL A 1 54  ? -4.828  4.808   -3.195  1.00 7.68  ? 79  VAL A CB  1 
ATOM   384  C CG1 . VAL A 1 54  ? -4.685  6.328   -3.249  1.00 9.50  ? 79  VAL A CG1 1 
ATOM   385  C CG2 . VAL A 1 54  ? -4.417  4.315   -1.820  1.00 8.38  ? 79  VAL A CG2 1 
ATOM   386  N N   . GLY A 1 55  ? -7.814  5.413   -5.092  1.00 9.33  ? 80  GLY A N   1 
ATOM   387  C CA  . GLY A 1 55  ? -8.257  5.895   -6.387  1.00 9.96  ? 80  GLY A CA  1 
ATOM   388  C C   . GLY A 1 55  ? -9.586  6.546   -6.115  1.00 9.83  ? 80  GLY A C   1 
ATOM   389  O O   . GLY A 1 55  ? -10.130 6.428   -5.026  1.00 11.87 ? 80  GLY A O   1 
ATOM   390  N N   . PRO A 1 56  ? -10.110 7.244   -7.104  1.00 11.67 ? 81  PRO A N   1 
ATOM   391  C CA  . PRO A 1 56  ? -9.654  7.368   -8.482  1.00 16.01 ? 81  PRO A CA  1 
ATOM   392  C C   . PRO A 1 56  ? -8.738  8.562   -8.733  1.00 10.19 ? 81  PRO A C   1 
ATOM   393  O O   . PRO A 1 56  ? -8.305  8.674   -9.873  1.00 12.14 ? 81  PRO A O   1 
ATOM   394  C CB  . PRO A 1 56  ? -10.970 7.569   -9.241  1.00 13.70 ? 81  PRO A CB  1 
ATOM   395  C CG  . PRO A 1 56  ? -11.748 8.424   -8.299  1.00 15.94 ? 81  PRO A CG  1 
ATOM   396  C CD  . PRO A 1 56  ? -11.446 7.852   -6.911  1.00 17.15 ? 81  PRO A CD  1 
ATOM   397  N N   . ARG A 1 57  ? -8.451  9.427   -7.748  1.00 10.38 ? 82  ARG A N   1 
ATOM   398  C CA  . ARG A 1 57  ? -7.596  10.563  -8.053  1.00 10.31 ? 82  ARG A CA  1 
ATOM   399  C C   . ARG A 1 57  ? -6.193  10.085  -8.374  1.00 9.62  ? 82  ARG A C   1 
ATOM   400  O O   . ARG A 1 57  ? -5.479  10.690  -9.196  1.00 14.38 ? 82  ARG A O   1 
ATOM   401  C CB  . ARG A 1 57  ? -7.558  11.580  -6.943  1.00 13.96 ? 82  ARG A CB  1 
ATOM   402  C CG  . ARG A 1 57  ? -8.905  12.285  -6.776  1.00 18.31 ? 82  ARG A CG  1 
ATOM   403  C CD  . ARG A 1 57  ? -8.811  13.368  -5.750  1.00 35.21 ? 82  ARG A CD  1 
ATOM   404  N NE  . ARG A 1 57  ? -7.717  14.298  -6.030  1.00 47.36 ? 82  ARG A NE  1 
ATOM   405  C CZ  . ARG A 1 57  ? -7.856  15.454  -6.670  1.00 57.44 ? 82  ARG A CZ  1 
ATOM   406  N NH1 . ARG A 1 57  ? -9.047  15.820  -7.126  1.00 83.43 ? 82  ARG A NH1 1 
ATOM   407  N NH2 . ARG A 1 57  ? -6.802  16.243  -6.860  1.00 63.44 ? 82  ARG A NH2 1 
ATOM   408  N N   . TYR A 1 58  ? -5.797  9.002   -7.710  1.00 10.38 ? 83  TYR A N   1 
ATOM   409  C CA  . TYR A 1 58  ? -4.558  8.357   -8.107  1.00 8.96  ? 83  TYR A CA  1 
ATOM   410  C C   . TYR A 1 58  ? -4.849  7.604   -9.409  1.00 9.00  ? 83  TYR A C   1 
ATOM   411  O O   . TYR A 1 58  ? -5.575  6.588   -9.406  1.00 10.18 ? 83  TYR A O   1 
ATOM   412  C CB  . TYR A 1 58  ? -4.069  7.407   -6.983  1.00 8.53  ? 83  TYR A CB  1 
ATOM   413  C CG  . TYR A 1 58  ? -2.900  6.531   -7.407  1.00 7.21  ? 83  TYR A CG  1 
ATOM   414  C CD1 . TYR A 1 58  ? -1.847  7.042   -8.203  1.00 6.93  ? 83  TYR A CD1 1 
ATOM   415  C CD2 . TYR A 1 58  ? -2.837  5.198   -7.019  1.00 6.92  ? 83  TYR A CD2 1 
ATOM   416  C CE1 . TYR A 1 58  ? -0.786  6.220   -8.611  1.00 9.58  ? 83  TYR A CE1 1 
ATOM   417  C CE2 . TYR A 1 58  ? -1.773  4.369   -7.407  1.00 8.15  ? 83  TYR A CE2 1 
ATOM   418  C CZ  . TYR A 1 58  ? -0.770  4.878   -8.216  1.00 9.57  ? 83  TYR A CZ  1 
ATOM   419  O OH  . TYR A 1 58  ? 0.291   4.075   -8.600  1.00 9.11  ? 83  TYR A OH  1 
ATOM   420  N N   . THR A 1 59  ? -4.275  8.101   -10.516 1.00 11.09 ? 84  THR A N   1 
ATOM   421  C CA  . THR A 1 59  ? -4.599  7.542   -11.837 1.00 10.84 ? 84  THR A CA  1 
ATOM   422  C C   . THR A 1 59  ? -3.636  6.455   -12.293 1.00 10.85 ? 84  THR A C   1 
ATOM   423  O O   . THR A 1 59  ? -3.875  5.808   -13.335 1.00 13.77 ? 84  THR A O   1 
ATOM   424  C CB  . THR A 1 59  ? -4.597  8.637   -12.919 1.00 13.48 ? 84  THR A CB  1 
ATOM   425  O OG1 . THR A 1 59  ? -3.323  9.306   -12.904 1.00 16.72 ? 84  THR A OG1 1 
ATOM   426  C CG2 . THR A 1 59  ? -5.717  9.647   -12.625 1.00 17.37 ? 84  THR A CG2 1 
ATOM   427  N N   . ALA A 1 60  ? -2.549  6.280   -11.532 1.00 9.16  ? 85  ALA A N   1 
ATOM   428  C CA  . ALA A 1 60  ? -1.526  5.259   -11.836 1.00 9.23  ? 85  ALA A CA  1 
ATOM   429  C C   . ALA A 1 60  ? -0.977  5.419   -13.255 1.00 12.82 ? 85  ALA A C   1 
ATOM   430  O O   . ALA A 1 60  ? -0.744  4.452   -13.970 1.00 14.13 ? 85  ALA A O   1 
ATOM   431  C CB  . ALA A 1 60  ? -2.097  3.866   -11.603 1.00 9.91  ? 85  ALA A CB  1 
ATOM   432  N N   . ASP A 1 61  ? -0.741  6.656   -13.656 1.00 13.14 ? 86  ASP A N   1 
ATOM   433  C CA  . ASP A 1 61  ? -0.196  6.883   -14.998 1.00 10.42 ? 86  ASP A CA  1 
ATOM   434  C C   . ASP A 1 61  ? 1.324   6.804   -14.963 1.00 11.88 ? 86  ASP A C   1 
ATOM   435  O O   . ASP A 1 61  ? 1.974   7.176   -13.976 1.00 14.75 ? 86  ASP A O   1 
ATOM   436  C CB  . ASP A 1 61  ? -0.680  8.248   -15.509 1.00 14.83 ? 86  ASP A CB  1 
ATOM   437  C CG  . ASP A 1 61  ? -0.071  9.404   -14.744 1.00 21.53 ? 86  ASP A CG  1 
ATOM   438  O OD1 . ASP A 1 61  ? -0.345  9.544   -13.545 1.00 21.31 ? 86  ASP A OD1 1 
ATOM   439  O OD2 . ASP A 1 61  ? 0.690   10.185  -15.354 1.00 33.07 ? 86  ASP A OD2 1 
ATOM   440  N N   . LEU A 1 62  ? 1.905   6.331   -16.064 1.00 14.86 ? 87  LEU A N   1 
ATOM   441  C CA  . LEU A 1 62  ? 3.361   6.164   -16.158 1.00 14.00 ? 87  LEU A CA  1 
ATOM   442  C C   . LEU A 1 62  ? 4.148   7.460   -15.947 1.00 11.95 ? 87  LEU A C   1 
ATOM   443  O O   . LEU A 1 62  ? 5.162   7.440   -15.248 1.00 13.71 ? 87  LEU A O   1 
ATOM   444  C CB  . LEU A 1 62  ? 3.726   5.479   -17.478 1.00 16.50 ? 87  LEU A CB  1 
ATOM   445  C CG  . LEU A 1 62  ? 3.497   3.969   -17.328 1.00 17.02 ? 87  LEU A CG  1 
ATOM   446  C CD1 . LEU A 1 62  ? 3.440   3.348   -18.713 1.00 27.62 ? 87  LEU A CD1 1 
ATOM   447  C CD2 . LEU A 1 62  ? 4.585   3.258   -16.473 1.00 17.07 ? 87  LEU A CD2 1 
ATOM   448  N N   . PRO A 1 63  ? 3.735   8.568   -16.581 1.00 16.26 ? 88  PRO A N   1 
ATOM   449  C CA  . PRO A 1 63  ? 4.579   9.758   -16.438 1.00 16.21 ? 88  PRO A CA  1 
ATOM   450  C C   . PRO A 1 63  ? 4.802   10.225  -15.004 1.00 15.96 ? 88  PRO A C   1 
ATOM   451  O O   . PRO A 1 63  ? 5.819   10.862  -14.713 1.00 16.37 ? 88  PRO A O   1 
ATOM   452  C CB  . PRO A 1 63  ? 3.794   10.810  -17.226 1.00 21.27 ? 88  PRO A CB  1 
ATOM   453  C CG  . PRO A 1 63  ? 3.165   9.995   -18.347 1.00 20.42 ? 88  PRO A CG  1 
ATOM   454  C CD  . PRO A 1 63  ? 2.729   8.730   -17.656 1.00 18.46 ? 88  PRO A CD  1 
ATOM   455  N N   . SER A 1 64  ? 3.847   9.963   -14.108 1.00 13.28 ? 89  SER A N   1 
ATOM   456  C CA  . SER A 1 64  ? 3.945   10.515  -12.766 1.00 10.99 ? 89  SER A CA  1 
ATOM   457  C C   . SER A 1 64  ? 5.114   9.917   -11.974 1.00 12.20 ? 89  SER A C   1 
ATOM   458  O O   . SER A 1 64  ? 5.515   10.486  -10.957 1.00 10.53 ? 89  SER A O   1 
ATOM   459  C CB  . SER A 1 64  ? 2.622   10.332  -11.990 1.00 13.78 ? 89  SER A CB  1 
ATOM   460  O OG  . SER A 1 64  ? 1.599   11.165  -12.535 1.00 17.03 ? 89  SER A OG  1 
ATOM   461  N N   . ASN A 1 65  ? 5.639   8.773   -12.414 1.00 12.19 ? 90  ASN A N   1 
ATOM   462  C CA  . ASN A 1 65  ? 6.795   8.185   -11.750 1.00 11.20 ? 90  ASN A CA  1 
ATOM   463  C C   . ASN A 1 65  ? 7.998   9.123   -11.732 1.00 11.02 ? 90  ASN A C   1 
ATOM   464  O O   . ASN A 1 65  ? 8.865   9.018   -10.854 1.00 13.26 ? 90  ASN A O   1 
ATOM   465  C CB  . ASN A 1 65  ? 7.191   6.841   -12.382 0.88 7.08  ? 90  ASN A CB  1 
ATOM   466  C CG  . ASN A 1 65  ? 6.179   5.757   -12.122 1.00 12.73 ? 90  ASN A CG  1 
ATOM   467  O OD1 . ASN A 1 65  ? 6.124   5.217   -11.013 1.00 12.87 ? 90  ASN A OD1 1 
ATOM   468  N ND2 . ASN A 1 65  ? 5.408   5.394   -13.151 1.00 14.06 ? 90  ASN A ND2 1 
ATOM   469  N N   . ALA A 1 66  ? 8.039   10.041  -12.694 1.00 13.16 ? 91  ALA A N   1 
ATOM   470  C CA  . ALA A 1 66  ? 9.201   10.938  -12.804 1.00 14.19 ? 91  ALA A CA  1 
ATOM   471  C C   . ALA A 1 66  ? 9.076   12.215  -12.002 1.00 16.19 ? 91  ALA A C   1 
ATOM   472  O O   . ALA A 1 66  ? 10.029  12.997  -11.958 1.00 17.20 ? 91  ALA A O   1 
ATOM   473  C CB  . ALA A 1 66  ? 9.449   11.294  -14.271 1.00 15.96 ? 91  ALA A CB  1 
ATOM   474  N N   . LEU A 1 67  ? 7.925   12.446  -11.369 1.00 13.53 ? 92  LEU A N   1 
ATOM   475  C CA  . LEU A 1 67  ? 7.743   13.628  -10.518 1.00 13.36 ? 92  LEU A CA  1 
ATOM   476  C C   . LEU A 1 67  ? 8.569   13.507  -9.248  1.00 12.67 ? 92  LEU A C   1 
ATOM   477  O O   . LEU A 1 67  ? 9.039   12.432  -8.900  1.00 12.99 ? 92  LEU A O   1 
ATOM   478  C CB  . LEU A 1 67  ? 6.264   13.778  -10.176 1.00 14.44 ? 92  LEU A CB  1 
ATOM   479  C CG  . LEU A 1 67  ? 5.343   14.070  -11.345 1.00 12.88 ? 92  LEU A CG  1 
ATOM   480  C CD1 . LEU A 1 67  ? 3.872   13.960  -10.938 1.00 13.50 ? 92  LEU A CD1 1 
ATOM   481  C CD2 . LEU A 1 67  ? 5.643   15.467  -11.863 1.00 17.40 ? 92  LEU A CD2 1 
ATOM   482  N N   . PRO A 1 68  ? 8.786   14.627  -8.540  1.00 15.42 ? 93  PRO A N   1 
ATOM   483  C CA  . PRO A 1 68  ? 9.718   14.667  -7.401  1.00 24.47 ? 93  PRO A CA  1 
ATOM   484  C C   . PRO A 1 68  ? 9.702   13.479  -6.423  1.00 35.15 ? 93  PRO A C   1 
ATOM   485  O O   . PRO A 1 68  ? 10.735  12.867  -6.157  1.00 41.76 ? 93  PRO A O   1 
ATOM   486  C CB  . PRO A 1 68  ? 9.319   15.974  -6.719  1.00 26.78 ? 93  PRO A CB  1 
ATOM   487  C CG  . PRO A 1 68  ? 9.063   16.880  -7.926  1.00 16.90 ? 93  PRO A CG  1 
ATOM   488  C CD  . PRO A 1 68  ? 8.375   15.981  -8.964  1.00 18.43 ? 93  PRO A CD  1 
ATOM   489  N N   . GLU A 1 69  ? 8.535   13.180  -5.893  1.00 15.78 ? 94  GLU A N   1 
ATOM   490  C CA  . GLU A 1 69  ? 8.326   12.083  -4.911  1.00 11.41 ? 94  GLU A CA  1 
ATOM   491  C C   . GLU A 1 69  ? 7.949   10.740  -5.584  1.00 13.65 ? 94  GLU A C   1 
ATOM   492  O O   . GLU A 1 69  ? 7.602   9.755   -4.928  1.00 10.50 ? 94  GLU A O   1 
ATOM   493  C CB  . GLU A 1 69  ? 7.174   12.495  -4.002  1.00 10.61 ? 94  GLU A CB  1 
ATOM   494  C CG  . GLU A 1 69  ? 7.570   13.679  -3.098  1.00 14.25 ? 94  GLU A CG  1 
ATOM   495  C CD  . GLU A 1 69  ? 6.499   14.023  -2.122  1.00 12.48 ? 94  GLU A CD  1 
ATOM   496  O OE1 . GLU A 1 69  ? 6.222   13.191  -1.229  1.00 12.44 ? 94  GLU A OE1 1 
ATOM   497  O OE2 . GLU A 1 69  ? 5.919   15.124  -2.249  1.00 13.56 ? 94  GLU A OE2 1 
ATOM   498  N N   . GLY A 1 70  ? 7.975   10.701  -6.905  1.00 10.85 ? 95  GLY A N   1 
ATOM   499  C CA  . GLY A 1 70  ? 7.697   9.459   -7.609  1.00 11.37 ? 95  GLY A CA  1 
ATOM   500  C C   . GLY A 1 70  ? 6.228   9.163   -7.886  1.00 8.75  ? 95  GLY A C   1 
ATOM   501  O O   . GLY A 1 70  ? 5.869   8.083   -8.342  1.00 9.52  ? 95  GLY A O   1 
ATOM   502  N N   . THR A 1 71  ? 5.378   10.153  -7.623  1.00 10.58 ? 96  THR A N   1 
ATOM   503  C CA  . THR A 1 71  ? 3.968   10.046  -7.995  1.00 9.42  ? 96  THR A CA  1 
ATOM   504  C C   . THR A 1 71  ? 3.373   11.455  -7.963  1.00 10.68 ? 96  THR A C   1 
ATOM   505  O O   . THR A 1 71  ? 4.093   12.438  -7.719  1.00 11.66 ? 96  THR A O   1 
ATOM   506  C CB  . THR A 1 71  ? 3.200   9.069   -7.009  1.00 9.01  ? 96  THR A CB  1 
ATOM   507  O OG1 . THR A 1 71  ? 1.857   8.883   -7.469  1.00 9.19  ? 96  THR A OG1 1 
ATOM   508  C CG2 . THR A 1 71  ? 3.155   9.636   -5.579  1.00 8.77  ? 96  THR A CG2 1 
ATOM   509  N N   . SER A 1 72  ? 2.067   11.563  -8.204  1.00 9.83  ? 97  SER A N   1 
ATOM   510  C CA  . SER A 1 72  ? 1.407   12.868  -8.168  1.00 11.86 ? 97  SER A CA  1 
ATOM   511  C C   . SER A 1 72  ? 1.037   13.326  -6.762  1.00 11.28 ? 97  SER A C   1 
ATOM   512  O O   . SER A 1 72  ? 0.869   12.507  -5.819  1.00 11.46 ? 97  SER A O   1 
ATOM   513  C CB  . SER A 1 72  ? 0.128   12.811  -8.966  1.00 11.87 ? 97  SER A CB  1 
ATOM   514  O OG  . SER A 1 72  ? -0.845  12.005  -8.294  1.00 11.69 ? 97  SER A OG  1 
ATOM   515  N N   . GLN A 1 73  ? 0.908   14.640  -6.603  1.00 10.04 ? 98  GLN A N   1 
ATOM   516  C CA  . GLN A 1 73  ? 0.493   15.188  -5.315  1.00 9.22  ? 98  GLN A CA  1 
ATOM   517  C C   . GLN A 1 73  ? -0.947  14.747  -5.021  1.00 10.83 ? 98  GLN A C   1 
ATOM   518  O O   . GLN A 1 73  ? -1.307  14.497  -3.858  1.00 11.76 ? 98  GLN A O   1 
ATOM   519  C CB  . GLN A 1 73  ? 0.641   16.720  -5.314  1.00 10.77 ? 98  GLN A CB  1 
ATOM   520  C CG  . GLN A 1 73  ? 2.106   17.181  -5.282  1.00 14.25 ? 98  GLN A CG  1 
ATOM   521  C CD  . GLN A 1 73  ? 2.904   16.587  -4.099  1.00 17.19 ? 98  GLN A CD  1 
ATOM   522  O OE1 . GLN A 1 73  ? 3.962   15.982  -4.290  1.00 19.19 ? 98  GLN A OE1 1 
ATOM   523  N NE2 . GLN A 1 73  ? 2.414   16.780  -2.899  1.00 14.70 ? 98  GLN A NE2 1 
ATOM   524  N N   . ALA A 1 74  ? -1.771  14.678  -6.062  1.00 10.91 ? 99  ALA A N   1 
ATOM   525  C CA  . ALA A 1 74  ? -3.174  14.254  -5.917  1.00 10.49 ? 99  ALA A CA  1 
ATOM   526  C C   . ALA A 1 74  ? -3.250  12.856  -5.339  1.00 11.71 ? 99  ALA A C   1 
ATOM   527  O O   . ALA A 1 74  ? -4.088  12.595  -4.445  1.00 12.69 ? 99  ALA A O   1 
ATOM   528  C CB  . ALA A 1 74  ? -3.919  14.288  -7.245  1.00 11.45 ? 99  ALA A CB  1 
ATOM   529  N N   . ALA A 1 75  ? -2.370  11.966  -5.804  1.00 9.85  ? 100 ALA A N   1 
ATOM   530  C CA  . ALA A 1 75  ? -2.396  10.569  -5.336  1.00 9.37  ? 100 ALA A CA  1 
ATOM   531  C C   . ALA A 1 75  ? -1.999  10.499  -3.864  1.00 8.60  ? 100 ALA A C   1 
ATOM   532  O O   . ALA A 1 75  ? -2.613  9.778   -3.056  1.00 8.36  ? 100 ALA A O   1 
ATOM   533  C CB  . ALA A 1 75  ? -1.451  9.706   -6.145  1.00 9.55  ? 100 ALA A CB  1 
ATOM   534  N N   . ILE A 1 76  ? -0.944  11.216  -3.501  1.00 8.33  ? 101 ILE A N   1 
ATOM   535  C CA  . ILE A 1 76  ? -0.502  11.284  -2.122  1.00 7.56  ? 101 ILE A CA  1 
ATOM   536  C C   . ILE A 1 76  ? -1.613  11.844  -1.212  1.00 7.39  ? 101 ILE A C   1 
ATOM   537  O O   . ILE A 1 76  ? -1.887  11.265  -0.154  1.00 9.84  ? 101 ILE A O   1 
ATOM   538  C CB  . ILE A 1 76  ? 0.800   12.130  -2.038  1.00 8.34  ? 101 ILE A CB  1 
ATOM   539  C CG1 . ILE A 1 76  ? 1.959   11.330  -2.639  1.00 8.59  ? 101 ILE A CG1 1 
ATOM   540  C CG2 . ILE A 1 76  ? 1.087   12.503  -0.584  1.00 10.75 ? 101 ILE A CG2 1 
ATOM   541  C CD1 . ILE A 1 76  ? 3.199   12.196  -2.903  1.00 10.54 ? 101 ILE A CD1 1 
ATOM   542  N N   . ALA A 1 77  ? -2.246  12.936  -1.639  1.00 9.20  ? 102 ALA A N   1 
ATOM   543  C CA  . ALA A 1 77  ? -3.334  13.508  -0.868  1.00 9.65  ? 102 ALA A CA  1 
ATOM   544  C C   . ALA A 1 77  ? -4.517  12.564  -0.724  1.00 11.60 ? 102 ALA A C   1 
ATOM   545  O O   . ALA A 1 77  ? -5.122  12.499  0.358   1.00 10.68 ? 102 ALA A O   1 
ATOM   546  C CB  . ALA A 1 77  ? -3.757  14.829  -1.533  1.00 11.45 ? 102 ALA A CB  1 
ATOM   547  N N   . GLU A 1 78  ? -4.824  11.808  -1.785  1.00 10.25 ? 103 GLU A N   1 
ATOM   548  C CA  . GLU A 1 78  ? -5.943  10.885  -1.709  1.00 7.73  ? 103 GLU A CA  1 
ATOM   549  C C   . GLU A 1 78  ? -5.620  9.780   -0.693  1.00 8.15  ? 103 GLU A C   1 
ATOM   550  O O   . GLU A 1 78  ? -6.445  9.416   0.136   1.00 10.12 ? 103 GLU A O   1 
ATOM   551  C CB  . GLU A 1 78  ? -6.265  10.332  -3.090  1.00 8.41  ? 103 GLU A CB  1 
ATOM   552  C CG  . GLU A 1 78  ? -7.423  9.356   -3.112  1.00 10.00 ? 103 GLU A CG  1 
ATOM   553  C CD  . GLU A 1 78  ? -7.760  8.957   -4.524  1.00 11.15 ? 103 GLU A CD  1 
ATOM   554  O OE1 . GLU A 1 78  ? -6.882  8.359   -5.189  1.00 10.57 ? 103 GLU A OE1 1 
ATOM   555  O OE2 . GLU A 1 78  ? -8.882  9.278   -5.025  1.00 12.94 ? 103 GLU A OE2 1 
ATOM   556  N N   . ALA A 1 79  ? -4.428  9.212   -0.788  1.00 7.59  ? 104 ALA A N   1 
ATOM   557  C CA  . ALA A 1 79  ? -4.052  8.133   0.121   1.00 7.42  ? 104 ALA A CA  1 
ATOM   558  C C   . ALA A 1 79  ? -4.017  8.664   1.555   1.00 8.63  ? 104 ALA A C   1 
ATOM   559  O O   . ALA A 1 79  ? -4.520  7.998   2.468   1.00 9.72  ? 104 ALA A O   1 
ATOM   560  C CB  . ALA A 1 79  ? -2.672  7.559   -0.266  1.00 9.72  ? 104 ALA A CB  1 
ATOM   561  N N   . GLN A 1 80  ? -3.439  9.861   1.757   1.00 8.82  ? 105 GLN A N   1 
ATOM   562  C CA  . GLN A 1 80  ? -3.352  10.420  3.096   1.00 8.56  ? 105 GLN A CA  1 
ATOM   563  C C   . GLN A 1 80  ? -4.772  10.588  3.674   1.00 7.81  ? 105 GLN A C   1 
ATOM   564  O O   . GLN A 1 80  ? -5.045  10.178  4.822   1.00 9.70  ? 105 GLN A O   1 
ATOM   565  C CB  . GLN A 1 80  ? -2.595  11.771  3.047   1.00 11.69 ? 105 GLN A CB  1 
ATOM   566  C CG  . GLN A 1 80  ? -2.172  12.356  4.378   1.00 14.43 ? 105 GLN A CG  1 
ATOM   567  C CD  . GLN A 1 80  ? -1.497  13.717  4.135   1.00 10.37 ? 105 GLN A CD  1 
ATOM   568  O OE1 . GLN A 1 80  ? -0.882  13.912  3.087   1.00 18.48 ? 105 GLN A OE1 1 
ATOM   569  N NE2 . GLN A 1 80  ? -1.571  14.590  5.117   1.00 25.06 ? 105 GLN A NE2 1 
ATOM   570  N N   . GLY A 1 81  ? -5.679  11.076  2.843   1.00 9.69  ? 106 GLY A N   1 
ATOM   571  C CA  . GLY A 1 81  ? -7.068  11.218  3.268   1.00 10.87 ? 106 GLY A CA  1 
ATOM   572  C C   . GLY A 1 81  ? -7.754  9.908   3.631   1.00 10.67 ? 106 GLY A C   1 
ATOM   573  O O   . GLY A 1 81  ? -8.565  9.855   4.549   1.00 11.92 ? 106 GLY A O   1 
ATOM   574  N N   . LEU A 1 82  ? -7.425  8.840   2.917   1.00 9.11  ? 107 LEU A N   1 
ATOM   575  C CA  . LEU A 1 82  ? -8.002  7.530   3.256   1.00 7.61  ? 107 LEU A CA  1 
ATOM   576  C C   . LEU A 1 82  ? -7.489  7.006   4.598   1.00 8.06  ? 107 LEU A C   1 
ATOM   577  O O   . LEU A 1 82  ? -8.231  6.385   5.342   1.00 9.12  ? 107 LEU A O   1 
ATOM   578  C CB  . LEU A 1 82  ? -7.727  6.528   2.102   1.00 8.38  ? 107 LEU A CB  1 
ATOM   579  C CG  . LEU A 1 82  ? -8.565  6.792   0.839   1.00 7.80  ? 107 LEU A CG  1 
ATOM   580  C CD1 . LEU A 1 82  ? -8.007  6.056   -0.421  1.00 10.57 ? 107 LEU A CD1 1 
ATOM   581  C CD2 . LEU A 1 82  ? -10.067 6.436   1.046   1.00 8.93  ? 107 LEU A CD2 1 
ATOM   582  N N   . PHE A 1 83  ? -6.191  7.175   4.899   1.00 8.55  ? 108 PHE A N   1 
ATOM   583  C CA  . PHE A 1 83  ? -5.714  6.783   6.218   1.00 8.48  ? 108 PHE A CA  1 
ATOM   584  C C   . PHE A 1 83  ? -6.418  7.557   7.308   1.00 10.07 ? 108 PHE A C   1 
ATOM   585  O O   . PHE A 1 83  ? -6.828  6.955   8.322   1.00 9.79  ? 108 PHE A O   1 
ATOM   586  C CB  . PHE A 1 83  ? -4.189  6.993   6.340   1.00 10.63 ? 108 PHE A CB  1 
ATOM   587  C CG  . PHE A 1 83  ? -3.375  5.948   5.605   1.00 8.28  ? 108 PHE A CG  1 
ATOM   588  C CD1 . PHE A 1 83  ? -3.276  4.659   6.137   1.00 9.80  ? 108 PHE A CD1 1 
ATOM   589  C CD2 . PHE A 1 83  ? -2.712  6.264   4.419   1.00 8.88  ? 108 PHE A CD2 1 
ATOM   590  C CE1 . PHE A 1 83  ? -2.520  3.678   5.508   1.00 8.29  ? 108 PHE A CE1 1 
ATOM   591  C CE2 . PHE A 1 83  ? -1.958  5.277   3.745   1.00 8.46  ? 108 PHE A CE2 1 
ATOM   592  C CZ  . PHE A 1 83  ? -1.884  3.974   4.277   1.00 7.67  ? 108 PHE A CZ  1 
ATOM   593  N N   . GLU A 1 84  ? -6.571  8.863   7.089   1.00 10.67 ? 109 GLU A N   1 
ATOM   594  C CA  . GLU A 1 84  ? -7.240  9.711   8.085   1.00 11.81 ? 109 GLU A CA  1 
ATOM   595  C C   . GLU A 1 84  ? -8.696  9.285   8.228   1.00 9.46  ? 109 GLU A C   1 
ATOM   596  O O   . GLU A 1 84  ? -9.223  9.206   9.365   1.00 12.08 ? 109 GLU A O   1 
ATOM   597  C CB  . GLU A 1 84  ? -7.100  11.180  7.665   1.00 9.60  ? 109 GLU A CB  1 
ATOM   598  C CG  . GLU A 1 84  ? -5.660  11.559  7.923   1.00 13.13 ? 109 GLU A CG  1 
ATOM   599  C CD  . GLU A 1 84  ? -5.183  12.824  7.311   1.00 28.12 ? 109 GLU A CD  1 
ATOM   600  O OE1 . GLU A 1 84  ? -5.867  13.342  6.422   1.00 23.53 ? 109 GLU A OE1 1 
ATOM   601  O OE2 . GLU A 1 84  ? -4.106  13.294  7.731   1.00 27.56 ? 109 GLU A OE2 1 
ATOM   602  N N   . GLN A 1 85  ? -9.349  8.995   7.105   1.00 9.59  ? 110 GLN A N   1 
ATOM   603  C CA  . GLN A 1 85  ? -10.744 8.577   7.139   1.00 11.03 ? 110 GLN A CA  1 
ATOM   604  C C   . GLN A 1 85  ? -10.914 7.217   7.843   1.00 14.50 ? 110 GLN A C   1 
ATOM   605  O O   . GLN A 1 85  ? -11.898 7.006   8.562   1.00 11.89 ? 110 GLN A O   1 
ATOM   606  C CB  . GLN A 1 85  ? -11.282 8.496   5.718   1.00 10.48 ? 110 GLN A CB  1 
ATOM   607  C CG  . GLN A 1 85  ? -12.755 8.112   5.677   1.00 10.20 ? 110 GLN A CG  1 
ATOM   608  C CD  . GLN A 1 85  ? -13.367 8.278   4.301   0.96 21.17 ? 110 GLN A CD  1 
ATOM   609  O OE1 . GLN A 1 85  ? -14.397 8.946   4.139   0.74 25.30 ? 110 GLN A OE1 1 
ATOM   610  N NE2 . GLN A 1 85  ? -12.738 7.710   3.311   1.00 17.67 ? 110 GLN A NE2 1 
ATOM   611  N N   . ALA A 1 86  ? -9.982  6.263   7.637   1.00 9.26  ? 111 ALA A N   1 
ATOM   612  C CA  . ALA A 1 86  ? -10.120 5.007   8.352   1.00 9.01  ? 111 ALA A CA  1 
ATOM   613  C C   . ALA A 1 86  ? -10.162 5.228   9.863   1.00 10.46 ? 111 ALA A C   1 
ATOM   614  O O   . ALA A 1 86  ? -10.997 4.634   10.550  1.00 10.69 ? 111 ALA A O   1 
ATOM   615  C CB  . ALA A 1 86  ? -8.962  4.048   8.013   1.00 10.16 ? 111 ALA A CB  1 
ATOM   616  N N   . VAL A 1 87  ? -9.269  6.071   10.370  1.00 9.51  ? 112 VAL A N   1 
ATOM   617  C CA  . VAL A 1 87  ? -9.160  6.287   11.802  1.00 9.43  ? 112 VAL A CA  1 
ATOM   618  C C   . VAL A 1 87  ? -10.407 7.022   12.353  1.00 10.26 ? 112 VAL A C   1 
ATOM   619  O O   . VAL A 1 87  ? -10.879 6.692   13.461  1.00 11.96 ? 112 VAL A O   1 
ATOM   620  C CB  . VAL A 1 87  ? -7.878  7.045   12.160  1.00 10.51 ? 112 VAL A CB  1 
ATOM   621  C CG1 . VAL A 1 87  ? -7.850  7.347   13.638  1.00 15.24 ? 112 VAL A CG1 1 
ATOM   622  C CG2 . VAL A 1 87  ? -6.658  6.164   11.769  1.00 12.13 ? 112 VAL A CG2 1 
ATOM   623  N N   . SER A 1 88  ? -10.932 7.988   11.615  1.00 9.80  ? 113 SER A N   1 
ATOM   624  C CA  A SER A 1 88  ? -12.084 8.773   12.080  0.46 10.99 ? 113 SER A CA  1 
ATOM   625  C CA  B SER A 1 88  ? -12.065 8.755   12.121  0.54 10.92 ? 113 SER A CA  1 
ATOM   626  C C   . SER A 1 88  ? -13.400 8.031   11.929  1.00 13.33 ? 113 SER A C   1 
ATOM   627  O O   . SER A 1 88  ? -14.231 8.003   12.851  1.00 12.86 ? 113 SER A O   1 
ATOM   628  C CB  A SER A 1 88  ? -12.198 10.071  11.285  0.46 10.82 ? 113 SER A CB  1 
ATOM   629  C CB  B SER A 1 88  ? -12.098 10.139  11.469  0.54 11.09 ? 113 SER A CB  1 
ATOM   630  O OG  A SER A 1 88  ? -11.059 10.883  11.445  0.46 11.57 ? 113 SER A OG  1 
ATOM   631  O OG  B SER A 1 88  ? -11.973 10.041  10.064  0.54 11.95 ? 113 SER A OG  1 
ATOM   632  N N   . LYS A 1 89  ? -13.604 7.436   10.762  1.00 11.67 ? 114 LYS A N   1 
ATOM   633  C CA  . LYS A 1 89  ? -14.840 6.743   10.473  1.00 11.52 ? 114 LYS A CA  1 
ATOM   634  C C   . LYS A 1 89  ? -14.953 5.438   11.243  1.00 14.61 ? 114 LYS A C   1 
ATOM   635  O O   . LYS A 1 89  ? -16.068 5.002   11.592  1.00 12.51 ? 114 LYS A O   1 
ATOM   636  C CB  . LYS A 1 89  ? -14.926 6.462   8.975   1.00 14.33 ? 114 LYS A CB  1 
ATOM   637  C CG  . LYS A 1 89  ? -16.243 5.883   8.545   1.00 12.08 ? 114 LYS A CG  1 
ATOM   638  C CD  . LYS A 1 89  ? -16.257 5.609   7.031   1.00 15.88 ? 114 LYS A CD  1 
ATOM   639  C CE  . LYS A 1 89  ? -17.656 5.194   6.584   1.00 15.92 ? 114 LYS A CE  1 
ATOM   640  N NZ  . LYS A 1 89  ? -17.712 5.004   5.082   1.00 23.73 ? 114 LYS A NZ  1 
ATOM   641  N N   . CYS A 1 90  ? -13.809 4.794   11.489  1.00 11.72 ? 115 CYS A N   1 
ATOM   642  C CA  . CYS A 1 90  ? -13.777 3.479   12.136  1.00 11.70 ? 115 CYS A CA  1 
ATOM   643  C C   . CYS A 1 90  ? -12.753 3.470   13.274  1.00 12.18 ? 115 CYS A C   1 
ATOM   644  O O   . CYS A 1 90  ? -11.667 2.920   13.146  1.00 11.91 ? 115 CYS A O   1 
ATOM   645  C CB  . CYS A 1 90  ? -13.436 2.393   11.093  1.00 11.11 ? 115 CYS A CB  1 
ATOM   646  S SG  . CYS A 1 90  ? -14.525 2.304   9.681   1.00 13.50 ? 115 CYS A SG  1 
ATOM   647  N N   . PRO A 1 91  ? -13.089 4.074   14.416  1.00 13.44 ? 116 PRO A N   1 
ATOM   648  C CA  . PRO A 1 91  ? -12.096 4.261   15.480  1.00 11.79 ? 116 PRO A CA  1 
ATOM   649  C C   . PRO A 1 91  ? -11.507 2.990   16.058  1.00 11.58 ? 116 PRO A C   1 
ATOM   650  O O   . PRO A 1 91  ? -10.428 3.062   16.625  1.00 16.85 ? 116 PRO A O   1 
ATOM   651  C CB  . PRO A 1 91  ? -12.871 5.055   16.551  1.00 14.95 ? 116 PRO A CB  1 
ATOM   652  C CG  . PRO A 1 91  ? -13.861 5.832   15.711  1.00 13.84 ? 116 PRO A CG  1 
ATOM   653  C CD  . PRO A 1 91  ? -14.334 4.839   14.664  1.00 13.65 ? 116 PRO A CD  1 
ATOM   654  N N   . ASP A 1 92  ? -12.169 1.864   15.838  1.00 12.65 ? 117 ASP A N   1 
ATOM   655  C CA  . ASP A 1 92  ? -11.664 0.595   16.379  1.00 16.33 ? 117 ASP A CA  1 
ATOM   656  C C   . ASP A 1 92  ? -10.827 -0.194  15.366  1.00 18.74 ? 117 ASP A C   1 
ATOM   657  O O   . ASP A 1 92  ? -10.278 -1.258  15.723  1.00 15.61 ? 117 ASP A O   1 
ATOM   658  C CB  . ASP A 1 92  ? -12.806 -0.310  16.827  1.00 17.73 ? 117 ASP A CB  1 
ATOM   659  C CG  . ASP A 1 92  ? -13.498 0.201   18.056  1.00 29.66 ? 117 ASP A CG  1 
ATOM   660  O OD1 . ASP A 1 92  ? -12.818 0.841   18.879  1.00 27.12 ? 117 ASP A OD1 1 
ATOM   661  O OD2 . ASP A 1 92  ? -14.712 -0.063  18.198  1.00 38.52 ? 117 ASP A OD2 1 
ATOM   662  N N   . THR A 1 93  ? -10.758 0.278   14.110  1.00 11.64 ? 118 THR A N   1 
ATOM   663  C CA  . THR A 1 93  ? -10.040 -0.503  13.082  1.00 10.33 ? 118 THR A CA  1 
ATOM   664  C C   . THR A 1 93  ? -8.528  -0.463  13.271  1.00 12.54 ? 118 THR A C   1 
ATOM   665  O O   . THR A 1 93  ? -7.965  0.529   13.801  1.00 14.05 ? 118 THR A O   1 
ATOM   666  C CB  . THR A 1 93  ? -10.458 -0.121  11.648  1.00 10.89 ? 118 THR A CB  1 
ATOM   667  O OG1 . THR A 1 93  ? -10.189 -1.240  10.774  1.00 11.07 ? 118 THR A OG1 1 
ATOM   668  C CG2 . THR A 1 93  ? -9.681  1.107   11.125  1.00 10.71 ? 118 THR A CG2 1 
ATOM   669  N N   . GLN A 1 94  ? -7.875  -1.545  12.859  1.00 9.66  ? 119 GLN A N   1 
ATOM   670  C CA  . GLN A 1 94  ? -6.411  -1.557  12.748  1.00 10.39 ? 119 GLN A CA  1 
ATOM   671  C C   . GLN A 1 94  ? -6.110  -1.535  11.251  1.00 9.21  ? 119 GLN A C   1 
ATOM   672  O O   . GLN A 1 94  ? -6.697  -2.291  10.475  1.00 11.55 ? 119 GLN A O   1 
ATOM   673  C CB  . GLN A 1 94  ? -5.807  -2.819  13.345  1.00 12.44 ? 119 GLN A CB  1 
ATOM   674  C CG  . GLN A 1 94  ? -6.034  -3.030  14.838  1.00 15.80 ? 119 GLN A CG  1 
ATOM   675  C CD  . GLN A 1 94  ? -5.193  -4.189  15.316  1.00 22.75 ? 119 GLN A CD  1 
ATOM   676  O OE1 . GLN A 1 94  ? -4.001  -4.033  15.561  1.00 23.09 ? 119 GLN A OE1 1 
ATOM   677  N NE2 . GLN A 1 94  ? -5.780  -5.373  15.354  1.00 29.49 ? 119 GLN A NE2 1 
ATOM   678  N N   . ILE A 1 95  ? -5.176  -0.678  10.855  1.00 8.95  ? 120 ILE A N   1 
ATOM   679  C CA  . ILE A 1 95  ? -4.870  -0.516  9.451   1.00 8.62  ? 120 ILE A CA  1 
ATOM   680  C C   . ILE A 1 95  ? -3.633  -1.294  9.050   1.00 9.62  ? 120 ILE A C   1 
ATOM   681  O O   . ILE A 1 95  ? -2.619  -1.265  9.740   1.00 9.76  ? 120 ILE A O   1 
ATOM   682  C CB  . ILE A 1 95  ? -4.645  0.986   9.158   1.00 8.24  ? 120 ILE A CB  1 
ATOM   683  C CG1 . ILE A 1 95  ? -5.916  1.792   9.543   1.00 9.06  ? 120 ILE A CG1 1 
ATOM   684  C CG2 . ILE A 1 95  ? -4.318  1.154   7.662   1.00 8.22  ? 120 ILE A CG2 1 
ATOM   685  C CD1 . ILE A 1 95  ? -5.658  3.309   9.550   1.00 10.87 ? 120 ILE A CD1 1 
ATOM   686  N N   . VAL A 1 96  ? -3.721  -1.972  7.905   1.00 8.32  ? 121 VAL A N   1 
ATOM   687  C CA  . VAL A 1 96  ? -2.517  -2.453  7.228   1.00 9.13  ? 121 VAL A CA  1 
ATOM   688  C C   . VAL A 1 96  ? -2.532  -1.912  5.827   1.00 8.62  ? 121 VAL A C   1 
ATOM   689  O O   . VAL A 1 96  ? -3.572  -1.495  5.343   1.00 8.96  ? 121 VAL A O   1 
ATOM   690  C CB  . VAL A 1 96  ? -2.413  -3.994  7.252   1.00 8.38  ? 121 VAL A CB  1 
ATOM   691  C CG1 . VAL A 1 96  ? -2.058  -4.436  8.670   1.00 11.41 ? 121 VAL A CG1 1 
ATOM   692  C CG2 . VAL A 1 96  ? -3.714  -4.688  6.776   1.00 9.10  ? 121 VAL A CG2 1 
ATOM   693  N N   . ALA A 1 97  ? -1.380  -1.844  5.180   1.00 7.41  ? 122 ALA A N   1 
ATOM   694  C CA  . ALA A 1 97  ? -1.354  -1.158  3.902   1.00 6.38  ? 122 ALA A CA  1 
ATOM   695  C C   . ALA A 1 97  ? -0.325  -1.744  2.972   1.00 7.87  ? 122 ALA A C   1 
ATOM   696  O O   . ALA A 1 97  ? 0.523   -2.547  3.368   1.00 7.74  ? 122 ALA A O   1 
ATOM   697  C CB  . ALA A 1 97  ? -1.086  0.346   4.122   1.00 7.91  ? 122 ALA A CB  1 
ATOM   698  N N   . GLY A 1 98  ? -0.387  -1.329  1.713   1.00 8.30  ? 123 GLY A N   1 
ATOM   699  C CA  . GLY A 1 98  ? 0.623   -1.803  0.773   1.00 9.47  ? 123 GLY A CA  1 
ATOM   700  C C   . GLY A 1 98  ? 0.615   -1.001  -0.492  1.00 8.09  ? 123 GLY A C   1 
ATOM   701  O O   . GLY A 1 98  ? -0.283  -0.200  -0.726  1.00 7.33  ? 123 GLY A O   1 
ATOM   702  N N   . GLY A 1 99  ? 1.617   -1.247  -1.320  1.00 5.98  ? 124 GLY A N   1 
ATOM   703  C CA  . GLY A 1 99  ? 1.626   -0.676  -2.649  1.00 5.52  ? 124 GLY A CA  1 
ATOM   704  C C   . GLY A 1 99  ? 2.492   -1.517  -3.542  1.00 7.35  ? 124 GLY A C   1 
ATOM   705  O O   . GLY A 1 99  ? 3.269   -2.374  -3.086  1.00 6.80  ? 124 GLY A O   1 
ATOM   706  N N   . TYR A 1 100 ? 2.366   -1.238  -4.832  1.00 6.98  ? 125 TYR A N   1 
ATOM   707  C CA  . TYR A 1 100 ? 3.161   -1.894  -5.878  1.00 7.03  ? 125 TYR A CA  1 
ATOM   708  C C   . TYR A 1 100 ? 3.682   -0.844  -6.836  1.00 7.95  ? 125 TYR A C   1 
ATOM   709  O O   . TYR A 1 100 ? 2.920   -0.069  -7.409  1.00 7.35  ? 125 TYR A O   1 
ATOM   710  C CB  . TYR A 1 100 ? 2.263   -2.894  -6.636  1.00 7.10  ? 125 TYR A CB  1 
ATOM   711  C CG  . TYR A 1 100 ? 2.916   -3.755  -7.711  1.00 9.02  ? 125 TYR A CG  1 
ATOM   712  C CD1 . TYR A 1 100 ? 4.304   -3.905  -7.804  1.00 9.49  ? 125 TYR A CD1 1 
ATOM   713  C CD2 . TYR A 1 100 ? 2.123   -4.457  -8.596  1.00 8.20  ? 125 TYR A CD2 1 
ATOM   714  C CE1 . TYR A 1 100 ? 4.888   -4.728  -8.813  1.00 8.86  ? 125 TYR A CE1 1 
ATOM   715  C CE2 . TYR A 1 100 ? 2.671   -5.298  -9.538  1.00 7.93  ? 125 TYR A CE2 1 
ATOM   716  C CZ  . TYR A 1 100 ? 4.036   -5.414  -9.662  1.00 10.89 ? 125 TYR A CZ  1 
ATOM   717  O OH  . TYR A 1 100 ? 4.521   -6.268  -10.644 1.00 12.44 ? 125 TYR A OH  1 
HETATM 718  N N   . SEP A 1 101 ? 5.002   -0.801  -7.023  1.00 7.23  ? 126 SEP A N   1 
HETATM 719  C CA  . SEP A 1 101 ? 5.617   0.133   -7.980  1.00 8.02  ? 126 SEP A CA  1 
HETATM 720  C CB  . SEP A 1 101 ? 5.344   -0.340  -9.407  1.00 9.35  ? 126 SEP A CB  1 
HETATM 721  O OG  . SEP A 1 101 ? 6.152   0.348   -10.334 1.00 10.58 ? 126 SEP A OG  1 
HETATM 722  C C   . SEP A 1 101 ? 5.218   1.575   -7.662  1.00 6.31  ? 126 SEP A C   1 
HETATM 723  O O   . SEP A 1 101 ? 5.468   2.035   -6.511  1.00 7.94  ? 126 SEP A O   1 
HETATM 724  P P   . SEP A 1 101 ? 5.554   0.888   -11.641 1.00 11.22 ? 126 SEP A P   1 
HETATM 725  O O1P . SEP A 1 101 ? 6.643   1.788   -12.183 1.00 19.30 ? 126 SEP A O1P 1 
HETATM 726  O O2P . SEP A 1 101 ? 5.265   -0.235  -12.574 1.00 20.98 ? 126 SEP A O2P 1 
HETATM 727  O O3P . SEP A 1 101 ? 4.350   1.700   -11.337 1.00 9.66  ? 126 SEP A O3P 1 
ATOM   728  N N   . GLN A 1 102 ? 4.609   2.328   -8.589  1.00 7.40  ? 127 GLN A N   1 
ATOM   729  C CA  . GLN A 1 102 ? 4.226   3.698   -8.243  1.00 6.57  ? 127 GLN A CA  1 
ATOM   730  C C   . GLN A 1 102 ? 3.398   3.779   -6.949  1.00 5.76  ? 127 GLN A C   1 
ATOM   731  O O   . GLN A 1 102 ? 3.508   4.738   -6.187  1.00 7.33  ? 127 GLN A O   1 
ATOM   732  C CB  . GLN A 1 102 ? 3.465   4.345   -9.413  1.00 7.42  ? 127 GLN A CB  1 
ATOM   733  C CG  . GLN A 1 102 ? 3.176   5.833   -9.101  1.00 7.49  ? 127 GLN A CG  1 
ATOM   734  C CD  . GLN A 1 102 ? 2.473   6.596   -10.211 1.00 8.76  ? 127 GLN A CD  1 
ATOM   735  O OE1 . GLN A 1 102 ? 2.065   7.726   -9.995  1.00 10.52 ? 127 GLN A OE1 1 
ATOM   736  N NE2 . GLN A 1 102 ? 2.301   5.987   -11.374 1.00 9.39  ? 127 GLN A NE2 1 
ATOM   737  N N   . GLY A 1 103 ? 2.592   2.760   -6.664  1.00 6.25  ? 128 GLY A N   1 
ATOM   738  C CA  . GLY A 1 103 ? 1.796   2.776   -5.457  1.00 6.65  ? 128 GLY A CA  1 
ATOM   739  C C   . GLY A 1 103 ? 2.620   2.801   -4.181  1.00 6.17  ? 128 GLY A C   1 
ATOM   740  O O   . GLY A 1 103 ? 2.152   3.232   -3.136  1.00 6.18  ? 128 GLY A O   1 
ATOM   741  N N   . THR A 1 104 ? 3.854   2.275   -4.254  1.00 7.88  ? 129 THR A N   1 
ATOM   742  C CA  . THR A 1 104 ? 4.768   2.389   -3.106  1.00 6.70  ? 129 THR A CA  1 
ATOM   743  C C   . THR A 1 104 ? 5.243   3.825   -2.892  1.00 8.32  ? 129 THR A C   1 
ATOM   744  O O   . THR A 1 104 ? 5.471   4.233   -1.733  1.00 8.21  ? 129 THR A O   1 
ATOM   745  C CB  . THR A 1 104 ? 5.999   1.448   -3.201  1.00 8.04  ? 129 THR A CB  1 
ATOM   746  O OG1 . THR A 1 104 ? 6.842   1.877   -4.281  1.00 7.39  ? 129 THR A OG1 1 
ATOM   747  C CG2 . THR A 1 104 ? 5.527   -0.035  -3.410  1.00 7.99  ? 129 THR A CG2 1 
ATOM   748  N N   . ALA A 1 105 ? 5.376   4.582   -3.982  1.00 7.03  ? 130 ALA A N   1 
ATOM   749  C CA  . ALA A 1 105 ? 5.693   6.002   -3.829  1.00 8.61  ? 130 ALA A CA  1 
ATOM   750  C C   . ALA A 1 105 ? 4.513   6.760   -3.215  1.00 9.35  ? 130 ALA A C   1 
ATOM   751  O O   . ALA A 1 105 ? 4.679   7.688   -2.417  1.00 8.56  ? 130 ALA A O   1 
ATOM   752  C CB  . ALA A 1 105 ? 6.100   6.583   -5.186  1.00 8.49  ? 130 ALA A CB  1 
ATOM   753  N N   . VAL A 1 106 ? 3.301   6.356   -3.592  1.00 7.68  ? 131 VAL A N   1 
ATOM   754  C CA  . VAL A 1 106 ? 2.097   6.923   -2.978  1.00 7.61  ? 131 VAL A CA  1 
ATOM   755  C C   . VAL A 1 106 ? 2.105   6.645   -1.484  1.00 6.98  ? 131 VAL A C   1 
ATOM   756  O O   . VAL A 1 106 ? 1.882   7.551   -0.667  1.00 7.46  ? 131 VAL A O   1 
ATOM   757  C CB  . VAL A 1 106 ? 0.838   6.302   -3.643  1.00 5.93  ? 131 VAL A CB  1 
ATOM   758  C CG1 . VAL A 1 106 ? -0.433  6.730   -2.872  1.00 7.67  ? 131 VAL A CG1 1 
ATOM   759  C CG2 . VAL A 1 106 ? 0.731   6.745   -5.125  1.00 7.46  ? 131 VAL A CG2 1 
ATOM   760  N N   . MET A 1 107 ? 2.394   5.395   -1.099  1.00 6.90  ? 132 MET A N   1 
ATOM   761  C CA  . MET A 1 107 ? 2.420   5.051   0.325   1.00 7.99  ? 132 MET A CA  1 
ATOM   762  C C   . MET A 1 107 ? 3.473   5.829   1.099   1.00 8.38  ? 132 MET A C   1 
ATOM   763  O O   . MET A 1 107 ? 3.200   6.329   2.185   1.00 8.74  ? 132 MET A O   1 
ATOM   764  C CB  . MET A 1 107 ? 2.631   3.542   0.519   1.00 9.85  ? 132 MET A CB  1 
ATOM   765  C CG  . MET A 1 107 ? 1.412   2.740   0.117   1.00 8.83  ? 132 MET A CG  1 
ATOM   766  S SD  . MET A 1 107 ? 0.105   3.012   1.352   1.00 10.71 ? 132 MET A SD  1 
ATOM   767  C CE  . MET A 1 107 ? -1.424  2.821   0.414   1.00 12.14 ? 132 MET A CE  1 
ATOM   768  N N   . ASN A 1 108 ? 4.691   5.896   0.571   1.00 8.43  ? 133 ASN A N   1 
ATOM   769  C CA  . ASN A 1 108 ? 5.757   6.641   1.248   1.00 8.42  ? 133 ASN A CA  1 
ATOM   770  C C   . ASN A 1 108 ? 5.371   8.098   1.404   1.00 8.81  ? 133 ASN A C   1 
ATOM   771  O O   . ASN A 1 108 ? 5.516   8.689   2.477   1.00 9.42  ? 133 ASN A O   1 
ATOM   772  C CB  . ASN A 1 108 ? 7.065   6.471   0.448   1.00 6.47  ? 133 ASN A CB  1 
ATOM   773  C CG  . ASN A 1 108 ? 8.218   7.301   1.001   1.00 9.15  ? 133 ASN A CG  1 
ATOM   774  O OD1 . ASN A 1 108 ? 8.758   8.180   0.311   1.00 13.20 ? 133 ASN A OD1 1 
ATOM   775  N ND2 . ASN A 1 108 ? 8.568   7.048   2.232   1.00 6.30  ? 133 ASN A ND2 1 
ATOM   776  N N   . GLY A 1 109 ? 4.844   8.689   0.336   1.00 6.92  ? 134 GLY A N   1 
ATOM   777  C CA  . GLY A 1 109 ? 4.549   10.131  0.367   1.00 7.03  ? 134 GLY A CA  1 
ATOM   778  C C   . GLY A 1 109 ? 3.403   10.445  1.318   1.00 9.96  ? 134 GLY A C   1 
ATOM   779  O O   . GLY A 1 109 ? 3.406   11.460  2.005   1.00 10.39 ? 134 GLY A O   1 
ATOM   780  N N   . ALA A 1 110 ? 2.400   9.567   1.369   1.00 8.77  ? 135 ALA A N   1 
ATOM   781  C CA  . ALA A 1 110 ? 1.263   9.790   2.248   1.00 6.74  ? 135 ALA A CA  1 
ATOM   782  C C   . ALA A 1 110 ? 1.604   9.489   3.717   1.00 7.58  ? 135 ALA A C   1 
ATOM   783  O O   . ALA A 1 110 ? 1.288   10.286  4.597   1.00 8.92  ? 135 ALA A O   1 
ATOM   784  C CB  . ALA A 1 110 ? 0.078   8.925   1.789   1.00 8.04  ? 135 ALA A CB  1 
ATOM   785  N N   . ILE A 1 111 ? 2.209   8.334   3.987   1.00 8.90  ? 136 ILE A N   1 
ATOM   786  C CA  . ILE A 1 111 ? 2.440   7.918   5.371   1.00 6.82  ? 136 ILE A CA  1 
ATOM   787  C C   . ILE A 1 111 ? 3.430   8.854   6.056   1.00 8.79  ? 136 ILE A C   1 
ATOM   788  O O   . ILE A 1 111 ? 3.226   9.187   7.232   1.00 8.93  ? 136 ILE A O   1 
ATOM   789  C CB  . ILE A 1 111 ? 2.848   6.428   5.432   1.00 7.90  ? 136 ILE A CB  1 
ATOM   790  C CG1 . ILE A 1 111 ? 1.631   5.577   5.021   1.00 8.16  ? 136 ILE A CG1 1 
ATOM   791  C CG2 . ILE A 1 111 ? 3.320   6.056   6.828   1.00 8.84  ? 136 ILE A CG2 1 
ATOM   792  C CD1 . ILE A 1 111 ? 1.915   4.108   4.900   1.00 8.22  ? 136 ILE A CD1 1 
ATOM   793  N N   . LYS A 1 112 ? 4.464   9.296   5.360   1.00 8.31  ? 137 LYS A N   1 
ATOM   794  C CA  . LYS A 1 112 ? 5.435   10.209  5.990   1.00 8.85  ? 137 LYS A CA  1 
ATOM   795  C C   . LYS A 1 112 ? 4.777   11.520  6.429   1.00 10.08 ? 137 LYS A C   1 
ATOM   796  O O   . LYS A 1 112 ? 5.346   12.219  7.284   1.00 9.11  ? 137 LYS A O   1 
ATOM   797  C CB  . LYS A 1 112 ? 6.639   10.489  5.071   1.00 8.88  ? 137 LYS A CB  1 
ATOM   798  C CG  . LYS A 1 112 ? 6.409   11.527  4.002   1.00 8.86  ? 137 LYS A CG  1 
ATOM   799  C CD  . LYS A 1 112 ? 7.586   11.590  3.009   1.00 8.74  ? 137 LYS A CD  1 
ATOM   800  C CE  . LYS A 1 112 ? 7.487   12.805  2.101   1.00 9.25  ? 137 LYS A CE  1 
ATOM   801  N NZ  . LYS A 1 112 ? 8.726   12.805  1.211   1.00 12.14 ? 137 LYS A NZ  1 
ATOM   802  N N   . ARG A 1 113 ? 3.632   11.876  5.854   1.00 8.77  ? 138 ARG A N   1 
ATOM   803  C CA  . ARG A 1 113 ? 2.963   13.129  6.185   1.00 8.87  ? 138 ARG A CA  1 
ATOM   804  C C   . ARG A 1 113 ? 1.942   13.021  7.313   1.00 10.09 ? 138 ARG A C   1 
ATOM   805  O O   . ARG A 1 113 ? 1.420   14.049  7.789   1.00 11.57 ? 138 ARG A O   1 
ATOM   806  C CB  . ARG A 1 113 ? 2.261   13.701  4.937   1.00 9.13  ? 138 ARG A CB  1 
ATOM   807  C CG  . ARG A 1 113 ? 3.205   14.270  3.875   1.00 8.90  ? 138 ARG A CG  1 
ATOM   808  C CD  . ARG A 1 113 ? 2.405   14.742  2.666   1.00 11.89 ? 138 ARG A CD  1 
ATOM   809  N NE  . ARG A 1 113 ? 3.138   15.623  1.764   1.00 11.56 ? 138 ARG A NE  1 
ATOM   810  C CZ  . ARG A 1 113 ? 3.994   15.217  0.826   1.00 9.28  ? 138 ARG A CZ  1 
ATOM   811  N NH1 . ARG A 1 113 ? 4.280   13.911  0.671   1.00 8.65  ? 138 ARG A NH1 1 
ATOM   812  N NH2 . ARG A 1 113 ? 4.584   16.114  0.025   1.00 10.85 ? 138 ARG A NH2 1 
ATOM   813  N N   . LEU A 1 114 ? 1.648   11.800  7.753   1.00 9.84  ? 139 LEU A N   1 
ATOM   814  C CA  . LEU A 1 114 ? 0.637   11.588  8.788   1.00 9.94  ? 139 LEU A CA  1 
ATOM   815  C C   . LEU A 1 114 ? 1.159   11.937  10.185  1.00 12.34 ? 139 LEU A C   1 
ATOM   816  O O   . LEU A 1 114 ? 2.360   11.879  10.430  1.00 12.70 ? 139 LEU A O   1 
ATOM   817  C CB  . LEU A 1 114 ? 0.168   10.121  8.759   1.00 9.81  ? 139 LEU A CB  1 
ATOM   818  C CG  . LEU A 1 114 ? -0.540  9.698   7.482   1.00 9.55  ? 139 LEU A CG  1 
ATOM   819  C CD1 . LEU A 1 114 ? -0.756  8.167   7.602   1.00 11.35 ? 139 LEU A CD1 1 
ATOM   820  C CD2 . LEU A 1 114 ? -1.869  10.378  7.322   1.00 10.96 ? 139 LEU A CD2 1 
ATOM   821  N N   . SER A 1 115 ? 0.235   12.323  11.061  1.00 13.80 ? 140 SER A N   1 
ATOM   822  C CA  . SER A 1 115 ? 0.532   12.500  12.478  1.00 11.82 ? 140 SER A CA  1 
ATOM   823  C C   . SER A 1 115 ? 0.947   11.201  13.152  1.00 10.68 ? 140 SER A C   1 
ATOM   824  O O   . SER A 1 115 ? 0.597   10.082  12.687  1.00 12.47 ? 140 SER A O   1 
ATOM   825  C CB  . SER A 1 115 ? -0.742  13.019  13.180  1.00 15.71 ? 140 SER A CB  1 
ATOM   826  O OG  . SER A 1 115 ? -1.763  12.004  13.195  1.00 20.02 ? 140 SER A OG  1 
ATOM   827  N N   . ALA A 1 116 ? 1.679   11.291  14.252  1.00 16.08 ? 141 ALA A N   1 
ATOM   828  C CA  . ALA A 1 116 ? 2.027   10.083  14.984  1.00 16.13 ? 141 ALA A CA  1 
ATOM   829  C C   . ALA A 1 116 ? 0.815   9.267   15.420  1.00 11.87 ? 141 ALA A C   1 
ATOM   830  O O   . ALA A 1 116 ? 0.905   8.032   15.443  1.00 13.57 ? 141 ALA A O   1 
ATOM   831  C CB  . ALA A 1 116 ? 2.891   10.428  16.220  1.00 20.44 ? 141 ALA A CB  1 
ATOM   832  N N   . ASP A 1 117 ? -0.293  9.928   15.755  1.00 13.94 ? 142 ASP A N   1 
ATOM   833  C CA  . ASP A 1 117 ? -1.476  9.228   16.224  1.00 17.77 ? 142 ASP A CA  1 
ATOM   834  C C   . ASP A 1 117 ? -2.065  8.351   15.128  1.00 15.72 ? 142 ASP A C   1 
ATOM   835  O O   . ASP A 1 117 ? -2.487  7.235   15.392  1.00 17.66 ? 142 ASP A O   1 
ATOM   836  C CB  . ASP A 1 117 ? -2.522  10.226  16.682  1.00 22.67 ? 142 ASP A CB  1 
ATOM   837  C CG  . ASP A 1 117 ? -1.999  11.123  17.769  1.00 60.64 ? 142 ASP A CG  1 
ATOM   838  O OD1 . ASP A 1 117 ? -2.091  10.722  18.952  1.00 58.70 ? 142 ASP A OD1 1 
ATOM   839  O OD2 . ASP A 1 117 ? -1.459  12.205  17.432  1.00 68.36 ? 142 ASP A OD2 1 
ATOM   840  N N   . VAL A 1 118 ? -2.064  8.845   13.896  1.00 14.35 ? 143 VAL A N   1 
ATOM   841  C CA  . VAL A 1 118 ? -2.635  8.061   12.802  1.00 13.66 ? 143 VAL A CA  1 
ATOM   842  C C   . VAL A 1 118 ? -1.626  6.990   12.399  1.00 10.11 ? 143 VAL A C   1 
ATOM   843  O O   . VAL A 1 118 ? -2.010  5.845   12.137  1.00 11.34 ? 143 VAL A O   1 
ATOM   844  C CB  . VAL A 1 118 ? -2.984  8.939   11.586  1.00 13.34 ? 143 VAL A CB  1 
ATOM   845  C CG1 . VAL A 1 118 ? -3.412  8.090   10.367  1.00 14.07 ? 143 VAL A CG1 1 
ATOM   846  C CG2 . VAL A 1 118 ? -4.104  9.941   11.959  1.00 17.25 ? 143 VAL A CG2 1 
ATOM   847  N N   . GLN A 1 119 ? -0.344  7.347   12.364  1.00 10.16 ? 144 GLN A N   1 
ATOM   848  C CA  . GLN A 1 119 ? 0.696   6.346   12.100  1.00 9.68  ? 144 GLN A CA  1 
ATOM   849  C C   . GLN A 1 119 ? 0.647   5.158   13.044  1.00 10.20 ? 144 GLN A C   1 
ATOM   850  O O   . GLN A 1 119 ? 0.884   4.017   12.630  1.00 11.36 ? 144 GLN A O   1 
ATOM   851  C CB  . GLN A 1 119 ? 2.103   6.968   12.143  1.00 9.49  ? 144 GLN A CB  1 
ATOM   852  C CG  . GLN A 1 119 ? 2.383   7.894   11.002  1.00 9.14  ? 144 GLN A CG  1 
ATOM   853  C CD  . GLN A 1 119 ? 3.768   8.454   11.078  1.00 13.26 ? 144 GLN A CD  1 
ATOM   854  O OE1 . GLN A 1 119 ? 4.391   8.481   12.158  1.00 14.04 ? 144 GLN A OE1 1 
ATOM   855  N NE2 . GLN A 1 119 ? 4.270   8.921   9.954   1.00 8.72  ? 144 GLN A NE2 1 
ATOM   856  N N   . ASP A 1 120 ? 0.328   5.410   14.322  1.00 12.10 ? 145 ASP A N   1 
ATOM   857  C CA  A ASP A 1 120 ? 0.273   4.329   15.294  0.51 12.93 ? 145 ASP A CA  1 
ATOM   858  C CA  B ASP A 1 120 ? 0.212   4.365   15.332  0.49 12.99 ? 145 ASP A CA  1 
ATOM   859  C C   . ASP A 1 120 ? -0.835  3.311   14.981  1.00 11.56 ? 145 ASP A C   1 
ATOM   860  O O   . ASP A 1 120 ? -0.729  2.169   15.373  1.00 14.95 ? 145 ASP A O   1 
ATOM   861  C CB  A ASP A 1 120 ? 0.140   4.860   16.734  0.51 11.89 ? 145 ASP A CB  1 
ATOM   862  C CB  B ASP A 1 120 ? -0.136  4.990   16.691  0.49 12.10 ? 145 ASP A CB  1 
ATOM   863  C CG  A ASP A 1 120 ? 1.422   5.519   17.246  0.51 13.97 ? 145 ASP A CG  1 
ATOM   864  C CG  B ASP A 1 120 ? -0.299  3.958   17.777  0.49 19.46 ? 145 ASP A CG  1 
ATOM   865  O OD1 A ASP A 1 120 ? 2.511   5.295   16.687  0.51 16.57 ? 145 ASP A OD1 1 
ATOM   866  O OD1 B ASP A 1 120 ? 0.711   3.328   18.149  0.49 20.67 ? 145 ASP A OD1 1 
ATOM   867  O OD2 A ASP A 1 120 ? 1.340   6.244   18.258  0.51 16.81 ? 145 ASP A OD2 1 
ATOM   868  O OD2 B ASP A 1 120 ? -1.441  3.778   18.260  0.49 31.09 ? 145 ASP A OD2 1 
ATOM   869  N N   . LYS A 1 121 ? -1.852  3.725   14.245  1.00 11.08 ? 146 LYS A N   1 
ATOM   870  C CA  . LYS A 1 121 ? -2.935  2.810   13.830  1.00 11.68 ? 146 LYS A CA  1 
ATOM   871  C C   . LYS A 1 121 ? -2.523  1.946   12.626  1.00 9.88  ? 146 LYS A C   1 
ATOM   872  O O   . LYS A 1 121 ? -3.194  0.975   12.329  1.00 11.74 ? 146 LYS A O   1 
ATOM   873  C CB  . LYS A 1 121 ? -4.163  3.613   13.460  1.00 13.22 ? 146 LYS A CB  1 
ATOM   874  C CG  . LYS A 1 121 ? -4.883  4.299   14.647  1.00 18.05 ? 146 LYS A CG  1 
ATOM   875  C CD  . LYS A 1 121 ? -5.688  3.267   15.423  1.00 24.13 ? 146 LYS A CD  1 
ATOM   876  C CE  . LYS A 1 121 ? -6.420  3.936   16.613  1.00 28.21 ? 146 LYS A CE  1 
ATOM   877  N NZ  . LYS A 1 121 ? -7.876  4.209   16.301  1.00 25.04 ? 146 LYS A NZ  1 
ATOM   878  N N   . ILE A 1 122 ? -1.450  2.321   11.926  1.00 9.63  ? 147 ILE A N   1 
ATOM   879  C CA  . ILE A 1 122 ? -0.985  1.567   10.768  1.00 8.73  ? 147 ILE A CA  1 
ATOM   880  C C   . ILE A 1 122 ? 0.023   0.551   11.266  1.00 10.66 ? 147 ILE A C   1 
ATOM   881  O O   . ILE A 1 122 ? 1.171   0.886   11.604  1.00 12.39 ? 147 ILE A O   1 
ATOM   882  C CB  . ILE A 1 122 ? -0.319  2.490   9.715   1.00 7.85  ? 147 ILE A CB  1 
ATOM   883  C CG1 . ILE A 1 122 ? -1.262  3.618   9.316   1.00 10.69 ? 147 ILE A CG1 1 
ATOM   884  C CG2 . ILE A 1 122 ? 0.133   1.654   8.493   1.00 9.29  ? 147 ILE A CG2 1 
ATOM   885  C CD1 . ILE A 1 122 ? -0.613  4.672   8.388   1.00 11.06 ? 147 ILE A CD1 1 
ATOM   886  N N   . LYS A 1 123 ? -0.399  -0.713  11.295  1.00 10.68 ? 148 LYS A N   1 
ATOM   887  C CA  . LYS A 1 123 ? 0.395   -1.725  11.982  1.00 9.75  ? 148 LYS A CA  1 
ATOM   888  C C   . LYS A 1 123 ? 1.477   -2.337  11.112  1.00 10.96 ? 148 LYS A C   1 
ATOM   889  O O   . LYS A 1 123 ? 2.507   -2.820  11.627  1.00 10.97 ? 148 LYS A O   1 
ATOM   890  C CB  . LYS A 1 123 ? -0.517  -2.839  12.514  1.00 10.65 ? 148 LYS A CB  1 
ATOM   891  C CG  . LYS A 1 123 ? -1.650  -2.306  13.455  1.00 11.40 ? 148 LYS A CG  1 
ATOM   892  C CD  . LYS A 1 123 ? -1.068  -1.485  14.585  1.00 18.77 ? 148 LYS A CD  1 
ATOM   893  C CE  . LYS A 1 123 ? -2.174  -1.077  15.538  1.00 21.20 ? 148 LYS A CE  1 
ATOM   894  N NZ  . LYS A 1 123 ? -1.611  -0.196  16.610  1.00 23.41 ? 148 LYS A NZ  1 
ATOM   895  N N   . GLY A 1 124 ? 1.250   -2.356  9.793   1.00 9.27  ? 149 GLY A N   1 
ATOM   896  C CA  . GLY A 1 124 ? 2.262   -2.908  8.887   1.00 7.06  ? 149 GLY A CA  1 
ATOM   897  C C   . GLY A 1 124 ? 1.998   -2.414  7.486   1.00 7.04  ? 149 GLY A C   1 
ATOM   898  O O   . GLY A 1 124 ? 0.842   -2.145  7.131   1.00 8.40  ? 149 GLY A O   1 
ATOM   899  N N   . VAL A 1 125 ? 3.054   -2.348  6.690   1.00 6.94  ? 150 VAL A N   1 
ATOM   900  C CA  . VAL A 1 125 ? 2.960   -1.908  5.288   1.00 7.83  ? 150 VAL A CA  1 
ATOM   901  C C   . VAL A 1 125 ? 3.860   -2.781  4.463   1.00 8.81  ? 150 VAL A C   1 
ATOM   902  O O   . VAL A 1 125 ? 5.001   -3.042  4.836   1.00 9.08  ? 150 VAL A O   1 
ATOM   903  C CB  . VAL A 1 125 ? 3.464   -0.436  5.121   1.00 7.69  ? 150 VAL A CB  1 
ATOM   904  C CG1 . VAL A 1 125 ? 3.234   0.030   3.703   1.00 9.15  ? 150 VAL A CG1 1 
ATOM   905  C CG2 . VAL A 1 125 ? 2.754   0.515   6.140   1.00 8.17  ? 150 VAL A CG2 1 
ATOM   906  N N   . VAL A 1 126 ? 3.345   -3.275  3.351   1.00 7.02  ? 151 VAL A N   1 
ATOM   907  C CA  . VAL A 1 126 ? 4.143   -4.087  2.437   1.00 8.68  ? 151 VAL A CA  1 
ATOM   908  C C   . VAL A 1 126 ? 4.334   -3.346  1.118   1.00 8.62  ? 151 VAL A C   1 
ATOM   909  O O   . VAL A 1 126 ? 3.380   -2.820  0.508   1.00 8.11  ? 151 VAL A O   1 
ATOM   910  C CB  . VAL A 1 126 ? 3.550   -5.511  2.196   1.00 8.86  ? 151 VAL A CB  1 
ATOM   911  C CG1 . VAL A 1 126 ? 3.614   -6.319  3.485   1.00 9.51  ? 151 VAL A CG1 1 
ATOM   912  C CG2 . VAL A 1 126 ? 2.101   -5.455  1.651   1.00 9.96  ? 151 VAL A CG2 1 
ATOM   913  N N   . LEU A 1 127 ? 5.579   -3.301  0.654   1.00 7.15  ? 152 LEU A N   1 
ATOM   914  C CA  . LEU A 1 127 ? 5.915   -2.515  -0.536  1.00 6.66  ? 152 LEU A CA  1 
ATOM   915  C C   . LEU A 1 127 ? 6.539   -3.388  -1.598  1.00 9.95  ? 152 LEU A C   1 
ATOM   916  O O   . LEU A 1 127 ? 7.668   -3.840  -1.428  1.00 10.34 ? 152 LEU A O   1 
ATOM   917  C CB  . LEU A 1 127 ? 6.863   -1.362  -0.170  1.00 7.61  ? 152 LEU A CB  1 
ATOM   918  C CG  . LEU A 1 127 ? 6.307   -0.383  0.880   1.00 7.54  ? 152 LEU A CG  1 
ATOM   919  C CD1 . LEU A 1 127 ? 7.391   0.656   1.255   1.00 9.14  ? 152 LEU A CD1 1 
ATOM   920  C CD2 . LEU A 1 127 ? 5.051   0.331   0.362   1.00 7.57  ? 152 LEU A CD2 1 
ATOM   921  N N   . PHE A 1 128 ? 5.821   -3.687  -2.671  1.00 7.91  ? 153 PHE A N   1 
ATOM   922  C CA  . PHE A 1 128 ? 6.398   -4.537  -3.725  1.00 6.45  ? 153 PHE A CA  1 
ATOM   923  C C   . PHE A 1 128 ? 6.992   -3.683  -4.813  1.00 8.59  ? 153 PHE A C   1 
ATOM   924  O O   . PHE A 1 128 ? 6.329   -2.768  -5.298  1.00 8.03  ? 153 PHE A O   1 
ATOM   925  C CB  . PHE A 1 128 ? 5.291   -5.371  -4.393  1.00 5.89  ? 153 PHE A CB  1 
ATOM   926  C CG  . PHE A 1 128 ? 4.508   -6.239  -3.442  1.00 7.29  ? 153 PHE A CG  1 
ATOM   927  C CD1 . PHE A 1 128 ? 4.993   -7.482  -2.998  1.00 8.02  ? 153 PHE A CD1 1 
ATOM   928  C CD2 . PHE A 1 128 ? 3.252   -5.817  -3.014  1.00 8.47  ? 153 PHE A CD2 1 
ATOM   929  C CE1 . PHE A 1 128 ? 4.220   -8.282  -2.114  1.00 7.89  ? 153 PHE A CE1 1 
ATOM   930  C CE2 . PHE A 1 128 ? 2.469   -6.609  -2.137  1.00 9.14  ? 153 PHE A CE2 1 
ATOM   931  C CZ  . PHE A 1 128 ? 2.958   -7.844  -1.671  1.00 7.95  ? 153 PHE A CZ  1 
ATOM   932  N N   . GLY A 1 129 ? 8.245   -3.938  -5.208  1.00 7.99  ? 154 GLY A N   1 
ATOM   933  C CA  . GLY A 1 129 ? 8.842   -3.171  -6.305  1.00 8.71  ? 154 GLY A CA  1 
ATOM   934  C C   . GLY A 1 129 ? 8.888   -1.692  -5.921  1.00 9.50  ? 154 GLY A C   1 
ATOM   935  O O   . GLY A 1 129 ? 8.364   -0.802  -6.613  1.00 8.84  ? 154 GLY A O   1 
ATOM   936  N N   . TYR A 1 130 ? 9.522   -1.415  -4.785  1.00 7.66  ? 155 TYR A N   1 
ATOM   937  C CA  . TYR A 1 130 ? 9.514   -0.070  -4.173  1.00 7.02  ? 155 TYR A CA  1 
ATOM   938  C C   . TYR A 1 130 ? 10.361  0.914   -4.930  1.00 9.52  ? 155 TYR A C   1 
ATOM   939  O O   . TYR A 1 130 ? 11.588  0.859   -4.886  1.00 8.96  ? 155 TYR A O   1 
ATOM   940  C CB  . TYR A 1 130 ? 10.050  -0.218  -2.747  1.00 7.74  ? 155 TYR A CB  1 
ATOM   941  C CG  . TYR A 1 130 ? 9.975   1.008   -1.862  1.00 7.05  ? 155 TYR A CG  1 
ATOM   942  C CD1 . TYR A 1 130 ? 9.109   2.082   -2.136  1.00 7.43  ? 155 TYR A CD1 1 
ATOM   943  C CD2 . TYR A 1 130 ? 10.779  1.079   -0.702  1.00 7.36  ? 155 TYR A CD2 1 
ATOM   944  C CE1 . TYR A 1 130 ? 9.048   3.196   -1.270  1.00 7.54  ? 155 TYR A CE1 1 
ATOM   945  C CE2 . TYR A 1 130 ? 10.718  2.182   0.151   1.00 7.61  ? 155 TYR A CE2 1 
ATOM   946  C CZ  . TYR A 1 130 ? 9.841   3.223   -0.135  1.00 7.46  ? 155 TYR A CZ  1 
ATOM   947  O OH  . TYR A 1 130 ? 9.743   4.310   0.708   1.00 9.18  ? 155 TYR A OH  1 
ATOM   948  N N   . THR A 1 131 ? 9.715   1.838   -5.628  1.00 8.04  ? 156 THR A N   1 
ATOM   949  C CA  . THR A 1 131 ? 10.392  2.763   -6.533  1.00 7.97  ? 156 THR A CA  1 
ATOM   950  C C   . THR A 1 131 ? 11.181  3.828   -5.773  1.00 9.12  ? 156 THR A C   1 
ATOM   951  O O   . THR A 1 131 ? 11.996  4.547   -6.389  1.00 11.45 ? 156 THR A O   1 
ATOM   952  C CB  . THR A 1 131 ? 9.414   3.464   -7.458  1.00 9.72  ? 156 THR A CB  1 
ATOM   953  O OG1 . THR A 1 131 ? 8.422   4.154   -6.671  1.00 9.52  ? 156 THR A OG1 1 
ATOM   954  C CG2 . THR A 1 131 ? 8.731   2.438   -8.384  1.00 8.58  ? 156 THR A CG2 1 
ATOM   955  N N   . ARG A 1 132 ? 10.931  3.956   -4.468  1.00 9.19  ? 157 ARG A N   1 
ATOM   956  C CA  . ARG A 1 132 ? 11.722  4.868   -3.626  1.00 8.72  ? 157 ARG A CA  1 
ATOM   957  C C   . ARG A 1 132 ? 12.671  4.131   -2.705  1.00 7.47  ? 157 ARG A C   1 
ATOM   958  O O   . ARG A 1 132 ? 13.172  4.707   -1.740  1.00 9.28  ? 157 ARG A O   1 
ATOM   959  C CB  . ARG A 1 132 ? 10.831  5.815   -2.794  1.00 10.99 ? 157 ARG A CB  1 
ATOM   960  C CG  . ARG A 1 132 ? 9.687   6.423   -3.596  1.00 10.67 ? 157 ARG A CG  1 
ATOM   961  C CD  . ARG A 1 132 ? 10.160  7.198   -4.792  1.00 11.52 ? 157 ARG A CD  1 
ATOM   962  N NE  . ARG A 1 132 ? 10.906  8.379   -4.397  1.00 12.11 ? 157 ARG A NE  1 
ATOM   963  C CZ  . ARG A 1 132 ? 11.351  9.253   -5.277  1.00 16.57 ? 157 ARG A CZ  1 
ATOM   964  N NH1 . ARG A 1 132 ? 12.002  10.324  -4.851  1.00 22.92 ? 157 ARG A NH1 1 
ATOM   965  N NH2 . ARG A 1 132 ? 11.167  9.034   -6.574  1.00 17.71 ? 157 ARG A NH2 1 
ATOM   966  N N   . ASN A 1 133 ? 12.939  2.857   -2.986  1.00 8.76  ? 158 ASN A N   1 
ATOM   967  C CA  . ASN A 1 133 ? 13.789  2.077   -2.093  1.00 10.24 ? 158 ASN A CA  1 
ATOM   968  C C   . ASN A 1 133 ? 15.170  2.698   -1.878  1.00 9.62  ? 158 ASN A C   1 
ATOM   969  O O   . ASN A 1 133 ? 15.598  2.846   -0.741  1.00 9.54  ? 158 ASN A O   1 
ATOM   970  C CB  . ASN A 1 133 ? 13.950  0.675   -2.626  1.00 8.82  ? 158 ASN A CB  1 
ATOM   971  C CG  . ASN A 1 133 ? 14.805  -0.150  -1.715  1.00 9.20  ? 158 ASN A CG  1 
ATOM   972  O OD1 . ASN A 1 133 ? 14.344  -0.548  -0.626  1.00 10.09 ? 158 ASN A OD1 1 
ATOM   973  N ND2 . ASN A 1 133 ? 16.045  -0.413  -2.124  1.00 11.72 ? 158 ASN A ND2 1 
ATOM   974  N N   . ALA A 1 134 ? 15.864  3.038   -2.961  1.00 10.71 ? 159 ALA A N   1 
ATOM   975  C CA  . ALA A 1 134 ? 17.194  3.672   -2.800  1.00 10.22 ? 159 ALA A CA  1 
ATOM   976  C C   . ALA A 1 134 ? 17.123  5.010   -2.112  1.00 11.89 ? 159 ALA A C   1 
ATOM   977  O O   . ALA A 1 134 ? 17.919  5.318   -1.198  1.00 16.74 ? 159 ALA A O   1 
ATOM   978  C CB  . ALA A 1 134 ? 17.843  3.825   -4.165  1.00 11.73 ? 159 ALA A CB  1 
ATOM   979  N N   . GLN A 1 135 ? 16.164  5.828   -2.544  1.00 11.51 ? 160 GLN A N   1 
ATOM   980  C CA  . GLN A 1 135 ? 16.011  7.199   -2.098  1.00 11.59 ? 160 GLN A CA  1 
ATOM   981  C C   . GLN A 1 135 ? 15.669  7.281   -0.614  1.00 12.92 ? 160 GLN A C   1 
ATOM   982  O O   . GLN A 1 135 ? 16.064  8.238   0.068   1.00 16.44 ? 160 GLN A O   1 
ATOM   983  C CB  . GLN A 1 135 ? 14.921  7.890   -2.922  1.00 13.86 ? 160 GLN A CB  1 
ATOM   984  C CG  . GLN A 1 135 ? 15.191  8.051   -4.424  1.00 17.03 ? 160 GLN A CG  1 
ATOM   985  C CD  . GLN A 1 135 ? 14.721  6.893   -5.283  1.00 14.10 ? 160 GLN A CD  1 
ATOM   986  O OE1 . GLN A 1 135 ? 14.691  5.742   -4.842  1.00 10.16 ? 160 GLN A OE1 1 
ATOM   987  N NE2 . GLN A 1 135 ? 14.399  7.187   -6.552  1.00 18.80 ? 160 GLN A NE2 1 
ATOM   988  N N   . GLU A 1 136 ? 14.930  6.281   -0.138  1.00 11.29 ? 161 GLU A N   1 
ATOM   989  C CA  . GLU A 1 136 ? 14.464  6.228   1.241   1.00 10.78 ? 161 GLU A CA  1 
ATOM   990  C C   . GLU A 1 136 ? 15.178  5.196   2.114   1.00 9.54  ? 161 GLU A C   1 
ATOM   991  O O   . GLU A 1 136 ? 14.769  4.952   3.267   1.00 12.18 ? 161 GLU A O   1 
ATOM   992  C CB  . GLU A 1 136 ? 12.934  6.002   1.273   1.00 10.36 ? 161 GLU A CB  1 
ATOM   993  C CG  . GLU A 1 136 ? 12.135  7.087   0.595   1.00 10.12 ? 161 GLU A CG  1 
ATOM   994  C CD  . GLU A 1 136 ? 12.117  8.410   1.350   1.00 11.11 ? 161 GLU A CD  1 
ATOM   995  O OE1 . GLU A 1 136 ? 12.763  8.505   2.434   1.00 12.78 ? 161 GLU A OE1 1 
ATOM   996  O OE2 . GLU A 1 136 ? 11.417  9.322   0.890   1.00 12.91 ? 161 GLU A OE2 1 
ATOM   997  N N   . ARG A 1 137 ? 16.265  4.619   1.583   1.00 11.15 ? 162 ARG A N   1 
ATOM   998  C CA  . ARG A 1 137 ? 17.049  3.629   2.306   1.00 14.75 ? 162 ARG A CA  1 
ATOM   999  C C   . ARG A 1 137 ? 16.181  2.513   2.842   1.00 10.50 ? 162 ARG A C   1 
ATOM   1000 O O   . ARG A 1 137 ? 16.296  2.063   3.984   1.00 13.85 ? 162 ARG A O   1 
ATOM   1001 C CB  . ARG A 1 137 ? 17.842  4.289   3.448   1.00 19.06 ? 162 ARG A CB  1 
ATOM   1002 C CG  . ARG A 1 137 ? 18.745  5.354   2.923   1.00 34.09 ? 162 ARG A CG  1 
ATOM   1003 C CD  . ARG A 1 137 ? 20.094  5.374   3.620   1.00 48.32 ? 162 ARG A CD  1 
ATOM   1004 N NE  . ARG A 1 137 ? 20.943  6.364   2.964   1.00 77.49 ? 162 ARG A NE  1 
ATOM   1005 C CZ  . ARG A 1 137 ? 21.551  7.372   3.581   1.00 67.93 ? 162 ARG A CZ  1 
ATOM   1006 N NH1 . ARG A 1 137 ? 22.288  8.220   2.874   1.00 61.81 ? 162 ARG A NH1 1 
ATOM   1007 N NH2 . ARG A 1 137 ? 21.437  7.523   4.899   1.00 46.40 ? 162 ARG A NH2 1 
ATOM   1008 N N   . GLY A 1 138 ? 15.299  2.008   1.980   1.00 11.04 ? 163 GLY A N   1 
ATOM   1009 C CA  . GLY A 1 138 ? 14.600  0.789   2.331   1.00 9.96  ? 163 GLY A CA  1 
ATOM   1010 C C   . GLY A 1 138 ? 13.502  0.893   3.382   1.00 10.90 ? 163 GLY A C   1 
ATOM   1011 O O   . GLY A 1 138 ? 13.112  -0.092  3.978   1.00 10.69 ? 163 GLY A O   1 
ATOM   1012 N N   . GLN A 1 139 ? 12.976  2.087   3.579   1.00 10.06 ? 164 GLN A N   1 
ATOM   1013 C CA  . GLN A 1 139 ? 11.899  2.258   4.533   1.00 9.00  ? 164 GLN A CA  1 
ATOM   1014 C C   . GLN A 1 139 ? 10.974  3.337   4.047   1.00 7.45  ? 164 GLN A C   1 
ATOM   1015 O O   . GLN A 1 139 ? 11.194  3.914   2.981   1.00 9.83  ? 164 GLN A O   1 
ATOM   1016 C CB  . GLN A 1 139 ? 12.423  2.636   5.951   1.00 12.44 ? 164 GLN A CB  1 
ATOM   1017 C CG  . GLN A 1 139 ? 13.078  4.019   6.016   1.00 10.70 ? 164 GLN A CG  1 
ATOM   1018 C CD  . GLN A 1 139 ? 13.411  4.401   7.465   1.00 14.31 ? 164 GLN A CD  1 
ATOM   1019 O OE1 . GLN A 1 139 ? 14.450  4.013   7.968   1.00 20.43 ? 164 GLN A OE1 1 
ATOM   1020 N NE2 . GLN A 1 139 ? 12.531  5.126   8.118   1.00 13.02 ? 164 GLN A NE2 1 
ATOM   1021 N N   . ILE A 1 140 ? 9.968   3.655   4.866   1.00 6.91  ? 165 ILE A N   1 
ATOM   1022 C CA  . ILE A 1 140 ? 9.150   4.851   4.637   1.00 8.97  ? 165 ILE A CA  1 
ATOM   1023 C C   . ILE A 1 140 ? 9.680   5.949   5.547   1.00 9.50  ? 165 ILE A C   1 
ATOM   1024 O O   . ILE A 1 140 ? 9.952   5.726   6.736   1.00 11.14 ? 165 ILE A O   1 
ATOM   1025 C CB  . ILE A 1 140 ? 7.631   4.546   4.904   1.00 10.37 ? 165 ILE A CB  1 
ATOM   1026 C CG1 . ILE A 1 140 ? 7.108   3.631   3.800   1.00 9.10  ? 165 ILE A CG1 1 
ATOM   1027 C CG2 . ILE A 1 140 ? 6.736   5.856   5.027   1.00 8.99  ? 165 ILE A CG2 1 
ATOM   1028 C CD1 . ILE A 1 140 ? 5.590   3.279   4.005   1.00 10.30 ? 165 ILE A CD1 1 
ATOM   1029 N N   . ALA A 1 141 ? 9.790   7.155   4.993   1.00 9.63  ? 166 ALA A N   1 
ATOM   1030 C CA  . ALA A 1 141 ? 10.317  8.276   5.794   1.00 10.15 ? 166 ALA A CA  1 
ATOM   1031 C C   . ALA A 1 141 ? 9.408   8.591   6.964   1.00 11.81 ? 166 ALA A C   1 
ATOM   1032 O O   . ALA A 1 141 ? 8.171   8.480   6.881   1.00 10.65 ? 166 ALA A O   1 
ATOM   1033 C CB  . ALA A 1 141 ? 10.457  9.494   4.905   1.00 9.09  ? 166 ALA A CB  1 
ATOM   1034 N N   . ASN A 1 142 ? 10.007  8.999   8.086   1.00 8.29  ? 167 ASN A N   1 
ATOM   1035 C CA  . ASN A 1 142 ? 9.205   9.464   9.220   1.00 11.65 ? 167 ASN A CA  1 
ATOM   1036 C C   . ASN A 1 142 ? 8.199   8.426   9.743   1.00 10.34 ? 167 ASN A C   1 
ATOM   1037 O O   . ASN A 1 142 ? 7.125   8.786   10.227  1.00 11.63 ? 167 ASN A O   1 
ATOM   1038 C CB  . ASN A 1 142 ? 8.476   10.786  8.866   1.00 11.10 ? 167 ASN A CB  1 
ATOM   1039 C CG  . ASN A 1 142 ? 7.797   11.443  10.071  1.00 12.27 ? 167 ASN A CG  1 
ATOM   1040 O OD1 . ASN A 1 142 ? 8.311   11.393  11.217  1.00 14.29 ? 167 ASN A OD1 1 
ATOM   1041 N ND2 . ASN A 1 142 ? 6.648   12.041  9.835   1.00 11.24 ? 167 ASN A ND2 1 
ATOM   1042 N N   . PHE A 1 143 ? 8.585   7.157   9.655   1.00 9.30  ? 168 PHE A N   1 
ATOM   1043 C CA  . PHE A 1 143 ? 7.714   6.060   10.057  1.00 11.87 ? 168 PHE A CA  1 
ATOM   1044 C C   . PHE A 1 143 ? 8.627   4.884   10.456  1.00 9.56  ? 168 PHE A C   1 
ATOM   1045 O O   . PHE A 1 143 ? 9.719   4.714   9.894   1.00 10.28 ? 168 PHE A O   1 
ATOM   1046 C CB  . PHE A 1 143 ? 6.849   5.692   8.830   1.00 11.80 ? 168 PHE A CB  1 
ATOM   1047 C CG  . PHE A 1 143 ? 5.771   4.658   9.102   1.00 10.02 ? 168 PHE A CG  1 
ATOM   1048 C CD1 . PHE A 1 143 ? 4.650   4.988   9.877   1.00 11.25 ? 168 PHE A CD1 1 
ATOM   1049 C CD2 . PHE A 1 143 ? 5.872   3.358   8.571   1.00 9.26  ? 168 PHE A CD2 1 
ATOM   1050 C CE1 . PHE A 1 143 ? 3.640   4.033   10.107  1.00 10.27 ? 168 PHE A CE1 1 
ATOM   1051 C CE2 . PHE A 1 143 ? 4.857   2.413   8.789   1.00 8.31  ? 168 PHE A CE2 1 
ATOM   1052 C CZ  . PHE A 1 143 ? 3.765   2.744   9.558   1.00 10.88 ? 168 PHE A CZ  1 
ATOM   1053 N N   . PRO A 1 144 ? 8.212   4.080   11.448  1.00 11.96 ? 169 PRO A N   1 
ATOM   1054 C CA  . PRO A 1 144 ? 9.156   3.050   11.907  1.00 11.38 ? 169 PRO A CA  1 
ATOM   1055 C C   . PRO A 1 144 ? 9.527   2.015   10.839  1.00 12.60 ? 169 PRO A C   1 
ATOM   1056 O O   . PRO A 1 144 ? 8.669   1.482   10.071  1.00 11.71 ? 169 PRO A O   1 
ATOM   1057 C CB  . PRO A 1 144 ? 8.417   2.404   13.102  1.00 13.37 ? 169 PRO A CB  1 
ATOM   1058 C CG  . PRO A 1 144 ? 7.457   3.445   13.563  1.00 13.41 ? 169 PRO A CG  1 
ATOM   1059 C CD  . PRO A 1 144 ? 6.997   4.126   12.284  1.00 13.24 ? 169 PRO A CD  1 
ATOM   1060 N N   . LYS A 1 145 ? 10.821  1.718   10.778  1.00 12.72 ? 170 LYS A N   1 
ATOM   1061 C CA  . LYS A 1 145 ? 11.323  0.741   9.824   1.00 11.62 ? 170 LYS A CA  1 
ATOM   1062 C C   . LYS A 1 145 ? 10.702  -0.615  10.087  1.00 11.54 ? 170 LYS A C   1 
ATOM   1063 O O   . LYS A 1 145 ? 10.467  -1.387  9.143   1.00 13.53 ? 170 LYS A O   1 
ATOM   1064 C CB  . LYS A 1 145 ? 12.850  0.577   9.974   1.00 18.99 ? 170 LYS A CB  1 
ATOM   1065 C CG  . LYS A 1 145 ? 13.652  1.781   9.594   1.00 33.20 ? 170 LYS A CG  1 
ATOM   1066 C CD  . LYS A 1 145 ? 15.103  1.645   10.049  1.00 62.00 ? 170 LYS A CD  1 
ATOM   1067 C CE  . LYS A 1 145 ? 15.242  1.915   11.546  1.00 65.80 ? 170 LYS A CE  1 
ATOM   1068 N NZ  . LYS A 1 145 ? 16.671  2.002   11.980  1.00 69.00 ? 170 LYS A NZ  1 
ATOM   1069 N N   . ASP A 1 146 ? 10.490  -0.960  11.355  1.00 13.09 ? 171 ASP A N   1 
ATOM   1070 C CA  . ASP A 1 146 ? 10.048  -2.323  11.655  1.00 14.61 ? 171 ASP A CA  1 
ATOM   1071 C C   . ASP A 1 146 ? 8.593   -2.583  11.277  1.00 14.10 ? 171 ASP A C   1 
ATOM   1072 O O   . ASP A 1 146 ? 8.149   -3.745  11.281  1.00 15.52 ? 171 ASP A O   1 
ATOM   1073 C CB  . ASP A 1 146 ? 10.375  -2.734  13.117  1.00 18.39 ? 171 ASP A CB  1 
ATOM   1074 C CG  . ASP A 1 146 ? 9.780   -1.788  14.154  1.00 38.18 ? 171 ASP A CG  1 
ATOM   1075 O OD1 . ASP A 1 146 ? 8.637   -1.325  13.994  1.00 28.47 ? 171 ASP A OD1 1 
ATOM   1076 O OD2 . ASP A 1 146 ? 10.472  -1.510  15.154  1.00 64.30 ? 171 ASP A OD2 1 
ATOM   1077 N N   . LYS A 1 147 ? 7.882   -1.531  10.870  1.00 12.15 ? 172 LYS A N   1 
ATOM   1078 C CA  . LYS A 1 147 ? 6.503   -1.710  10.423  1.00 9.76  ? 172 LYS A CA  1 
ATOM   1079 C C   . LYS A 1 147 ? 6.388   -1.857  8.916   1.00 12.56 ? 172 LYS A C   1 
ATOM   1080 O O   . LYS A 1 147 ? 5.256   -1.975  8.393   1.00 12.66 ? 172 LYS A O   1 
ATOM   1081 C CB  . LYS A 1 147 ? 5.578   -0.587  10.900  1.00 11.55 ? 172 LYS A CB  1 
ATOM   1082 C CG  . LYS A 1 147 ? 5.305   -0.685  12.409  1.00 13.56 ? 172 LYS A CG  1 
ATOM   1083 C CD  . LYS A 1 147 ? 4.044   -0.010  12.877  1.00 20.99 ? 172 LYS A CD  1 
ATOM   1084 C CE  . LYS A 1 147 ? 4.167   1.457   12.960  1.00 19.73 ? 172 LYS A CE  1 
ATOM   1085 N NZ  . LYS A 1 147 ? 2.870   2.027   13.565  1.00 15.05 ? 172 LYS A NZ  1 
ATOM   1086 N N   . VAL A 1 148 ? 7.515   -1.806  8.213   1.00 10.86 ? 173 VAL A N   1 
ATOM   1087 C CA  . VAL A 1 148 ? 7.495   -1.883  6.760   1.00 9.25  ? 173 VAL A CA  1 
ATOM   1088 C C   . VAL A 1 148 ? 8.280   -3.104  6.296   1.00 10.17 ? 173 VAL A C   1 
ATOM   1089 O O   . VAL A 1 148 ? 9.385   -3.377  6.795   1.00 15.86 ? 173 VAL A O   1 
ATOM   1090 C CB  . VAL A 1 148 ? 8.145   -0.639  6.168   1.00 10.74 ? 173 VAL A CB  1 
ATOM   1091 C CG1 . VAL A 1 148 ? 8.241   -0.751  4.638   1.00 11.45 ? 173 VAL A CG1 1 
ATOM   1092 C CG2 . VAL A 1 148 ? 7.336   0.614   6.556   1.00 12.71 ? 173 VAL A CG2 1 
ATOM   1093 N N   . LYS A 1 149 ? 7.723   -3.873  5.366   1.00 7.52  ? 174 LYS A N   1 
ATOM   1094 C CA  . LYS A 1 149 ? 8.513   -4.900  4.704   1.00 9.88  ? 174 LYS A CA  1 
ATOM   1095 C C   . LYS A 1 149 ? 8.550   -4.595  3.220   1.00 9.25  ? 174 LYS A C   1 
ATOM   1096 O O   . LYS A 1 149 ? 7.526   -4.439  2.579   1.00 9.66  ? 174 LYS A O   1 
ATOM   1097 C CB  . LYS A 1 149 ? 7.967   -6.309  4.982   1.00 10.53 ? 174 LYS A CB  1 
ATOM   1098 C CG  . LYS A 1 149 ? 8.885   -7.396  4.478   1.00 11.41 ? 174 LYS A CG  1 
ATOM   1099 C CD  . LYS A 1 149 ? 8.616   -8.744  5.181   1.00 18.10 ? 174 LYS A CD  1 
ATOM   1100 C CE  . LYS A 1 149 ? 9.644   -9.747  4.690   1.00 20.52 ? 174 LYS A CE  1 
ATOM   1101 N NZ  . LYS A 1 149 ? 9.418   -11.074 5.308   1.00 21.31 ? 174 LYS A NZ  1 
ATOM   1102 N N   . VAL A 1 150 ? 9.752   -4.500  2.688   1.00 8.76  ? 175 VAL A N   1 
ATOM   1103 C CA  . VAL A 1 150 ? 9.989   -4.194  1.293   1.00 8.21  ? 175 VAL A CA  1 
ATOM   1104 C C   . VAL A 1 150 ? 10.329  -5.462  0.538   1.00 9.63  ? 175 VAL A C   1 
ATOM   1105 O O   . VAL A 1 150 ? 11.209  -6.238  0.951   1.00 11.53 ? 175 VAL A O   1 
ATOM   1106 C CB  . VAL A 1 150 ? 11.133  -3.198  1.113   1.00 7.72  ? 175 VAL A CB  1 
ATOM   1107 C CG1 . VAL A 1 150 ? 11.354  -2.923  -0.379  1.00 12.30 ? 175 VAL A CG1 1 
ATOM   1108 C CG2 . VAL A 1 150 ? 10.856  -1.903  1.857   1.00 10.83 ? 175 VAL A CG2 1 
ATOM   1109 N N   . TYR A 1 151 ? 9.611   -5.669  -0.558  1.00 8.84  ? 176 TYR A N   1 
ATOM   1110 C CA  . TYR A 1 151 ? 9.872   -6.772  -1.480  1.00 9.12  ? 176 TYR A CA  1 
ATOM   1111 C C   . TYR A 1 151 ? 10.470  -6.212  -2.737  1.00 11.22 ? 176 TYR A C   1 
ATOM   1112 O O   . TYR A 1 151 ? 9.761   -5.608  -3.561  1.00 10.72 ? 176 TYR A O   1 
ATOM   1113 C CB  . TYR A 1 151 ? 8.599   -7.563  -1.777  1.00 9.72  ? 176 TYR A CB  1 
ATOM   1114 C CG  . TYR A 1 151 ? 8.034   -8.186  -0.532  1.00 9.82  ? 176 TYR A CG  1 
ATOM   1115 C CD1 . TYR A 1 151 ? 8.418   -9.471  -0.127  1.00 8.99  ? 176 TYR A CD1 1 
ATOM   1116 C CD2 . TYR A 1 151 ? 7.128   -7.491  0.272   1.00 9.81  ? 176 TYR A CD2 1 
ATOM   1117 C CE1 . TYR A 1 151 ? 7.917   -10.009 1.009   1.00 11.13 ? 176 TYR A CE1 1 
ATOM   1118 C CE2 . TYR A 1 151 ? 6.611   -8.038  1.424   1.00 11.16 ? 176 TYR A CE2 1 
ATOM   1119 C CZ  . TYR A 1 151 ? 6.990   -9.316  1.778   1.00 12.05 ? 176 TYR A CZ  1 
ATOM   1120 O OH  . TYR A 1 151 ? 6.499   -9.876  2.918   1.00 14.51 ? 176 TYR A OH  1 
ATOM   1121 N N   . CYS A 1 152 ? 11.790  -6.342  -2.870  1.00 10.53 ? 177 CYS A N   1 
ATOM   1122 C CA  . CYS A 1 152 ? 12.493  -5.907  -4.070  1.00 9.84  ? 177 CYS A CA  1 
ATOM   1123 C C   . CYS A 1 152 ? 13.179  -7.115  -4.649  1.00 13.42 ? 177 CYS A C   1 
ATOM   1124 O O   . CYS A 1 152 ? 14.172  -7.601  -4.100  1.00 14.69 ? 177 CYS A O   1 
ATOM   1125 C CB  . CYS A 1 152 ? 13.538  -4.842  -3.748  1.00 11.62 ? 177 CYS A CB  1 
ATOM   1126 S SG  . CYS A 1 152 ? 12.831  -3.148  -3.626  1.00 13.36 ? 177 CYS A SG  1 
ATOM   1127 N N   . ALA A 1 153 ? 12.623  -7.645  -5.727  1.00 10.45 ? 178 ALA A N   1 
ATOM   1128 C CA  . ALA A 1 153 ? 13.182  -8.845  -6.326  1.00 9.84  ? 178 ALA A CA  1 
ATOM   1129 C C   . ALA A 1 153 ? 14.537  -8.571  -6.898  1.00 10.10 ? 178 ALA A C   1 
ATOM   1130 O O   . ALA A 1 153 ? 14.861  -7.479  -7.314  1.00 11.56 ? 178 ALA A O   1 
ATOM   1131 C CB  . ALA A 1 153 ? 12.240  -9.293  -7.417  1.00 11.89 ? 178 ALA A CB  1 
ATOM   1132 N N   . VAL A 1 154 ? 15.378  -9.617  -6.940  1.00 11.79 ? 179 VAL A N   1 
ATOM   1133 C CA  . VAL A 1 154 ? 16.694  -9.423  -7.532  1.00 12.36 ? 179 VAL A CA  1 
ATOM   1134 C C   . VAL A 1 154 ? 16.562  -9.003  -9.004  1.00 13.52 ? 179 VAL A C   1 
ATOM   1135 O O   . VAL A 1 154 ? 15.852  -9.645  -9.799  1.00 16.08 ? 179 VAL A O   1 
ATOM   1136 C CB  . VAL A 1 154 ? 17.532  -10.734 -7.424  1.00 12.86 ? 179 VAL A CB  1 
ATOM   1137 C CG1 . VAL A 1 154 ? 18.864  -10.592 -8.141  1.00 16.25 ? 179 VAL A CG1 1 
ATOM   1138 C CG2 . VAL A 1 154 ? 17.747  -11.104 -5.971  1.00 17.49 ? 179 VAL A CG2 1 
ATOM   1139 N N   . GLY A 1 155 ? 17.191  -7.895  -9.344  1.00 12.14 ? 180 GLY A N   1 
ATOM   1140 C CA  . GLY A 1 155 ? 17.136  -7.393  -10.691 1.00 14.15 ? 180 GLY A CA  1 
ATOM   1141 C C   . GLY A 1 155 ? 15.889  -6.550  -10.969 1.00 17.66 ? 180 GLY A C   1 
ATOM   1142 O O   . GLY A 1 155 ? 15.692  -6.136  -12.104 1.00 15.14 ? 180 GLY A O   1 
ATOM   1143 N N   . ASP A 1 156 ? 15.072  -6.266  -9.945  1.00 13.77 ? 181 ASP A N   1 
ATOM   1144 C CA  . ASP A 1 156 ? 14.038  -5.256  -10.136 1.00 9.90  ? 181 ASP A CA  1 
ATOM   1145 C C   . ASP A 1 156 ? 14.707  -3.878  -9.955  1.00 8.05  ? 181 ASP A C   1 
ATOM   1146 O O   . ASP A 1 156 ? 14.890  -3.375  -8.792  1.00 11.51 ? 181 ASP A O   1 
ATOM   1147 C CB  . ASP A 1 156 ? 12.842  -5.411  -9.166  1.00 9.82  ? 181 ASP A CB  1 
ATOM   1148 C CG  . ASP A 1 156 ? 11.727  -4.398  -9.468  1.00 9.02  ? 181 ASP A CG  1 
ATOM   1149 O OD1 . ASP A 1 156 ? 12.008  -3.508  -10.300 1.00 10.70 ? 181 ASP A OD1 1 
ATOM   1150 O OD2 . ASP A 1 156 ? 10.642  -4.529  -8.848  1.00 9.71  ? 181 ASP A OD2 1 
ATOM   1151 N N   . LEU A 1 157 ? 15.018  -3.231  -11.071 1.00 12.63 ? 182 LEU A N   1 
ATOM   1152 C CA  . LEU A 1 157 ? 15.870  -2.050  -11.058 1.00 9.95  ? 182 LEU A CA  1 
ATOM   1153 C C   . LEU A 1 157 ? 15.210  -0.785  -10.506 1.00 11.31 ? 182 LEU A C   1 
ATOM   1154 O O   . LEU A 1 157 ? 15.855  0.244   -10.263 1.00 13.28 ? 182 LEU A O   1 
ATOM   1155 C CB  . LEU A 1 157 ? 16.445  -1.820  -12.467 1.00 14.16 ? 182 LEU A CB  1 
ATOM   1156 C CG  . LEU A 1 157 ? 17.209  -2.983  -13.072 1.00 17.90 ? 182 LEU A CG  1 
ATOM   1157 C CD1 . LEU A 1 157 ? 17.729  -2.532  -14.465 1.00 18.57 ? 182 LEU A CD1 1 
ATOM   1158 C CD2 . LEU A 1 157 ? 18.353  -3.424  -12.144 1.00 18.36 ? 182 LEU A CD2 1 
ATOM   1159 N N   . VAL A 1 158 ? 13.896  -0.871  -10.257 1.00 11.15 ? 183 VAL A N   1 
ATOM   1160 C CA  . VAL A 1 158 ? 13.257  0.321   -9.736  1.00 9.31  ? 183 VAL A CA  1 
ATOM   1161 C C   . VAL A 1 158 ? 13.621  0.517   -8.262  1.00 8.90  ? 183 VAL A C   1 
ATOM   1162 O O   . VAL A 1 158 ? 13.446  1.636   -7.728  1.00 10.63 ? 183 VAL A O   1 
ATOM   1163 C CB  . VAL A 1 158 ? 11.678  0.328   -9.893  1.00 9.83  ? 183 VAL A CB  1 
ATOM   1164 C CG1 . VAL A 1 158 ? 11.260  0.059   -11.363 1.00 12.25 ? 183 VAL A CG1 1 
ATOM   1165 C CG2 . VAL A 1 158 ? 10.975  -0.595  -8.881  1.00 11.98 ? 183 VAL A CG2 1 
ATOM   1166 N N   . CYS A 1 159 ? 14.182  -0.546  -7.651  1.00 10.67 ? 184 CYS A N   1 
ATOM   1167 C CA  . CYS A 1 159 ? 14.648  -0.457  -6.257  1.00 9.29  ? 184 CYS A CA  1 
ATOM   1168 C C   . CYS A 1 159 ? 16.047  0.126   -6.131  1.00 10.69 ? 184 CYS A C   1 
ATOM   1169 O O   . CYS A 1 159 ? 16.529  0.367   -5.023  1.00 13.29 ? 184 CYS A O   1 
ATOM   1170 C CB  . CYS A 1 159 ? 14.612  -1.844  -5.613  1.00 10.20 ? 184 CYS A CB  1 
ATOM   1171 S SG  . CYS A 1 159 ? 12.930  -2.562  -5.601  1.00 12.52 ? 184 CYS A SG  1 
ATOM   1172 N N   . LEU A 1 160 ? 16.664  0.416   -7.281  1.00 13.77 ? 185 LEU A N   1 
ATOM   1173 C CA  . LEU A 1 160 ? 18.042  0.900   -7.355  1.00 14.32 ? 185 LEU A CA  1 
ATOM   1174 C C   . LEU A 1 160 ? 18.079  2.349   -7.804  1.00 18.97 ? 185 LEU A C   1 
ATOM   1175 O O   . LEU A 1 160 ? 19.077  2.816   -8.316  1.00 18.10 ? 185 LEU A O   1 
ATOM   1176 C CB  . LEU A 1 160 ? 18.833  0.025   -8.351  1.00 13.40 ? 185 LEU A CB  1 
ATOM   1177 C CG  . LEU A 1 160 ? 18.945  -1.458  -8.037  1.00 19.98 ? 185 LEU A CG  1 
ATOM   1178 C CD1 . LEU A 1 160 ? 19.989  -2.181  -8.924  1.00 23.71 ? 185 LEU A CD1 1 
ATOM   1179 C CD2 . LEU A 1 160 ? 19.331  -1.584  -6.588  1.00 23.08 ? 185 LEU A CD2 1 
ATOM   1180 N N   . GLY A 1 161 ? 16.984  3.070   -7.615  1.00 14.78 ? 186 GLY A N   1 
ATOM   1181 C CA  . GLY A 1 161 ? 16.946  4.490   -7.910  1.00 16.03 ? 186 GLY A CA  1 
ATOM   1182 C C   . GLY A 1 161 ? 16.761  4.791   -9.391  1.00 15.82 ? 186 GLY A C   1 
ATOM   1183 O O   . GLY A 1 161 ? 17.097  5.897   -9.830  1.00 20.63 ? 186 GLY A O   1 
ATOM   1184 N N   . THR A 1 162 ? 16.237  3.834   -10.152 1.00 13.64 ? 187 THR A N   1 
ATOM   1185 C CA  . THR A 1 162 ? 15.933  4.064   -11.565 1.00 14.94 ? 187 THR A CA  1 
ATOM   1186 C C   . THR A 1 162 ? 14.464  3.795   -11.774 1.00 16.48 ? 187 THR A C   1 
ATOM   1187 O O   . THR A 1 162 ? 13.768  3.363   -10.863 1.00 15.52 ? 187 THR A O   1 
ATOM   1188 C CB  . THR A 1 162 ? 16.706  3.100   -12.509 1.00 15.19 ? 187 THR A CB  1 
ATOM   1189 O OG1 . THR A 1 162 ? 16.097  1.804   -12.521 1.00 16.92 ? 187 THR A OG1 1 
ATOM   1190 C CG2 . THR A 1 162 ? 18.153  2.977   -12.050 1.00 17.77 ? 187 THR A CG2 1 
ATOM   1191 N N   . LEU A 1 163 ? 13.990  4.053   -12.987 1.00 17.07 ? 188 LEU A N   1 
ATOM   1192 C CA  . LEU A 1 163 ? 12.622  3.691   -13.367 1.00 17.96 ? 188 LEU A CA  1 
ATOM   1193 C C   . LEU A 1 163 ? 12.631  2.607   -14.439 1.00 17.96 ? 188 LEU A C   1 
ATOM   1194 O O   . LEU A 1 163 ? 11.655  2.384   -15.156 1.00 18.64 ? 188 LEU A O   1 
ATOM   1195 C CB  . LEU A 1 163 ? 11.857  4.935   -13.835 1.00 15.58 ? 188 LEU A CB  1 
ATOM   1196 C CG  . LEU A 1 163 ? 11.671  5.974   -12.728 1.00 21.90 ? 188 LEU A CG  1 
ATOM   1197 C CD1 . LEU A 1 163 ? 10.904  7.147   -13.310 1.00 25.12 ? 188 LEU A CD1 1 
ATOM   1198 C CD2 . LEU A 1 163 ? 10.933  5.346   -11.564 1.00 26.70 ? 188 LEU A CD2 1 
ATOM   1199 N N   . ILE A 1 164 ? 13.750  1.899   -14.529 1.00 17.00 ? 189 ILE A N   1 
ATOM   1200 C CA  . ILE A 1 164 ? 13.848  0.827   -15.495 1.00 17.43 ? 189 ILE A CA  1 
ATOM   1201 C C   . ILE A 1 164 ? 13.031  -0.398  -15.102 1.00 15.55 ? 189 ILE A C   1 
ATOM   1202 O O   . ILE A 1 164 ? 13.191  -0.974  -14.029 1.00 17.21 ? 189 ILE A O   1 
ATOM   1203 C CB  . ILE A 1 164 ? 15.318  0.402   -15.697 1.00 16.94 ? 189 ILE A CB  1 
ATOM   1204 C CG1 . ILE A 1 164 ? 16.144  1.573   -16.239 1.00 19.96 ? 189 ILE A CG1 1 
ATOM   1205 C CG2 . ILE A 1 164 ? 15.364  -0.814  -16.627 1.00 22.02 ? 189 ILE A CG2 1 
ATOM   1206 C CD1 . ILE A 1 164 ? 15.535  2.217   -17.459 1.00 34.48 ? 189 ILE A CD1 1 
ATOM   1207 N N   . VAL A 1 165 ? 12.148  -0.831  -15.990 1.00 14.65 ? 190 VAL A N   1 
ATOM   1208 C CA  . VAL A 1 165 ? 11.268  -1.949  -15.698 1.00 14.24 ? 190 VAL A CA  1 
ATOM   1209 C C   . VAL A 1 165 ? 11.791  -3.203  -16.393 1.00 19.96 ? 190 VAL A C   1 
ATOM   1210 O O   . VAL A 1 165 ? 11.846  -3.301  -17.643 1.00 19.79 ? 190 VAL A O   1 
ATOM   1211 C CB  . VAL A 1 165 ? 9.803   -1.631  -16.102 1.00 17.53 ? 190 VAL A CB  1 
ATOM   1212 C CG1 . VAL A 1 165 ? 8.926   -2.892  -15.982 1.00 19.65 ? 190 VAL A CG1 1 
ATOM   1213 C CG2 . VAL A 1 165 ? 9.279   -0.430  -15.252 1.00 18.17 ? 190 VAL A CG2 1 
ATOM   1214 N N   . ALA A 1 166 ? 12.216  -4.161  -15.585 1.00 20.83 ? 191 ALA A N   1 
ATOM   1215 C CA  . ALA A 1 166 ? 12.801  -5.392  -16.081 1.00 19.51 ? 191 ALA A CA  1 
ATOM   1216 C C   . ALA A 1 166 ? 11.973  -6.556  -15.575 1.00 18.97 ? 191 ALA A C   1 
ATOM   1217 O O   . ALA A 1 166 ? 11.159  -6.388  -14.671 1.00 14.67 ? 191 ALA A O   1 
ATOM   1218 C CB  . ALA A 1 166 ? 14.251  -5.502  -15.591 1.00 19.94 ? 191 ALA A CB  1 
ATOM   1219 N N   . PRO A 1 167 ? 12.147  -7.766  -16.131 1.00 16.08 ? 192 PRO A N   1 
ATOM   1220 C CA  . PRO A 1 167 ? 11.256  -8.864  -15.773 1.00 13.06 ? 192 PRO A CA  1 
ATOM   1221 C C   . PRO A 1 167 ? 11.012  -9.196  -14.277 1.00 12.39 ? 192 PRO A C   1 
ATOM   1222 O O   . PRO A 1 167 ? 9.896   -9.552  -13.899 1.00 14.25 ? 192 PRO A O   1 
ATOM   1223 C CB  . PRO A 1 167 ? 11.853  -10.061 -16.534 1.00 19.97 ? 192 PRO A CB  1 
ATOM   1224 C CG  . PRO A 1 167 ? 12.446  -9.443  -17.659 1.00 17.73 ? 192 PRO A CG  1 
ATOM   1225 C CD  . PRO A 1 167 ? 13.035  -8.156  -17.252 1.00 17.96 ? 192 PRO A CD  1 
ATOM   1226 N N   . PRO A 1 168 ? 12.040  -9.053  -13.408 1.00 13.41 ? 193 PRO A N   1 
ATOM   1227 C CA  . PRO A 1 168 ? 11.781  -9.383  -12.001 1.00 14.49 ? 193 PRO A CA  1 
ATOM   1228 C C   . PRO A 1 168 ? 10.740  -8.449  -11.360 1.00 9.81  ? 193 PRO A C   1 
ATOM   1229 O O   . PRO A 1 168 ? 10.201  -8.761  -10.308 1.00 11.73 ? 193 PRO A O   1 
ATOM   1230 C CB  . PRO A 1 168 ? 13.174  -9.221  -11.351 1.00 12.03 ? 193 PRO A CB  1 
ATOM   1231 C CG  . PRO A 1 168 ? 14.135  -9.521  -12.517 1.00 15.78 ? 193 PRO A CG  1 
ATOM   1232 C CD  . PRO A 1 168 ? 13.469  -8.818  -13.676 1.00 17.41 ? 193 PRO A CD  1 
ATOM   1233 N N   . HIS A 1 169 ? 10.486  -7.334  -12.024 1.00 10.53 ? 194 HIS A N   1 
ATOM   1234 C CA  . HIS A 1 169 ? 9.474   -6.395  -11.534 1.00 11.08 ? 194 HIS A CA  1 
ATOM   1235 C C   . HIS A 1 169 ? 8.114   -7.030  -11.494 1.00 11.72 ? 194 HIS A C   1 
ATOM   1236 O O   . HIS A 1 169 ? 7.216   -6.512  -10.830 1.00 12.40 ? 194 HIS A O   1 
ATOM   1237 C CB  . HIS A 1 169 ? 9.421   -5.113  -12.390 1.00 11.78 ? 194 HIS A CB  1 
ATOM   1238 C CG  . HIS A 1 169 ? 8.525   -4.047  -11.816 1.00 13.71 ? 194 HIS A CG  1 
ATOM   1239 N ND1 . HIS A 1 169 ? 8.855   -3.346  -10.681 1.00 14.87 ? 194 HIS A ND1 1 
ATOM   1240 C CD2 . HIS A 1 169 ? 7.341   -3.549  -12.236 1.00 17.51 ? 194 HIS A CD2 1 
ATOM   1241 C CE1 . HIS A 1 169 ? 7.914   -2.444  -10.424 1.00 17.31 ? 194 HIS A CE1 1 
ATOM   1242 N NE2 . HIS A 1 169 ? 6.979   -2.559  -11.352 1.00 17.13 ? 194 HIS A NE2 1 
ATOM   1243 N N   . PHE A 1 170 ? 7.918   -8.115  -12.256 1.00 12.10 ? 195 PHE A N   1 
ATOM   1244 C CA  . PHE A 1 170 ? 6.628   -8.798  -12.323 1.00 11.38 ? 195 PHE A CA  1 
ATOM   1245 C C   . PHE A 1 170 ? 6.640   -10.152 -11.674 1.00 15.42 ? 195 PHE A C   1 
ATOM   1246 O O   . PHE A 1 170 ? 5.850   -11.040 -12.043 1.00 16.89 ? 195 PHE A O   1 
ATOM   1247 C CB  . PHE A 1 170 ? 6.158   -8.889  -13.797 1.00 12.84 ? 195 PHE A CB  1 
ATOM   1248 C CG  . PHE A 1 170 ? 6.100   -7.550  -14.466 1.00 12.63 ? 195 PHE A CG  1 
ATOM   1249 C CD1 . PHE A 1 170 ? 5.035   -6.669  -14.232 1.00 11.70 ? 195 PHE A CD1 1 
ATOM   1250 C CD2 . PHE A 1 170 ? 7.141   -7.127  -15.274 1.00 16.26 ? 195 PHE A CD2 1 
ATOM   1251 C CE1 . PHE A 1 170 ? 4.992   -5.417  -14.847 1.00 16.34 ? 195 PHE A CE1 1 
ATOM   1252 C CE2 . PHE A 1 170 ? 7.117   -5.871  -15.873 1.00 17.09 ? 195 PHE A CE2 1 
ATOM   1253 C CZ  . PHE A 1 170 ? 6.053   -4.996  -15.656 1.00 14.74 ? 195 PHE A CZ  1 
ATOM   1254 N N   . SER A 1 171 ? 7.523   -10.331 -10.684 1.00 13.19 ? 196 SER A N   1 
ATOM   1255 C CA  . SER A 1 171 ? 7.681   -11.618 -10.054 1.00 13.99 ? 196 SER A CA  1 
ATOM   1256 C C   . SER A 1 171 ? 7.098   -11.694 -8.631  1.00 14.01 ? 196 SER A C   1 
ATOM   1257 O O   . SER A 1 171 ? 7.313   -12.662 -7.912  1.00 16.42 ? 196 SER A O   1 
ATOM   1258 C CB  . SER A 1 171 ? 9.180   -12.004 -10.064 1.00 13.65 ? 196 SER A CB  1 
ATOM   1259 O OG  . SER A 1 171 ? 9.904   -11.174 -9.165  1.00 17.05 ? 196 SER A OG  1 
ATOM   1260 N N   . TYR A 1 172 ? 6.266   -10.727 -8.251  1.00 12.35 ? 197 TYR A N   1 
ATOM   1261 C CA  . TYR A 1 172 ? 5.851   -10.622 -6.866  1.00 13.65 ? 197 TYR A CA  1 
ATOM   1262 C C   . TYR A 1 172 ? 4.688   -11.485 -6.424  1.00 14.33 ? 197 TYR A C   1 
ATOM   1263 O O   . TYR A 1 172 ? 4.359   -11.522 -5.262  1.00 13.72 ? 197 TYR A O   1 
ATOM   1264 C CB  . TYR A 1 172 ? 5.580   -9.154  -6.539  1.00 11.23 ? 197 TYR A CB  1 
ATOM   1265 C CG  . TYR A 1 172 ? 6.830   -8.333  -6.615  1.00 8.76  ? 197 TYR A CG  1 
ATOM   1266 C CD1 . TYR A 1 172 ? 7.854   -8.533  -5.700  1.00 11.35 ? 197 TYR A CD1 1 
ATOM   1267 C CD2 . TYR A 1 172 ? 7.022   -7.378  -7.615  1.00 7.75  ? 197 TYR A CD2 1 
ATOM   1268 C CE1 . TYR A 1 172 ? 9.032   -7.798  -5.779  1.00 8.57  ? 197 TYR A CE1 1 
ATOM   1269 C CE2 . TYR A 1 172 ? 8.221   -6.648  -7.723  1.00 8.72  ? 197 TYR A CE2 1 
ATOM   1270 C CZ  . TYR A 1 172 ? 9.217   -6.863  -6.760  1.00 8.10  ? 197 TYR A CZ  1 
ATOM   1271 O OH  . TYR A 1 172 ? 10.380  -6.179  -6.871  1.00 9.11  ? 197 TYR A OH  1 
ATOM   1272 N N   . LEU A 1 173 ? 4.052   -12.193 -7.358  1.00 16.19 ? 198 LEU A N   1 
ATOM   1273 C CA  . LEU A 1 173 ? 3.021   -13.157 -6.977  1.00 18.07 ? 198 LEU A CA  1 
ATOM   1274 C C   . LEU A 1 173 ? 3.559   -14.088 -5.893  1.00 15.17 ? 198 LEU A C   1 
ATOM   1275 O O   . LEU A 1 173 ? 2.873   -14.417 -4.926  1.00 17.13 ? 198 LEU A O   1 
ATOM   1276 C CB  . LEU A 1 173 ? 2.689   -14.000 -8.207  1.00 22.61 ? 198 LEU A CB  1 
ATOM   1277 C CG  . LEU A 1 173 ? 1.813   -15.219 -7.947  1.00 29.16 ? 198 LEU A CG  1 
ATOM   1278 C CD1 . LEU A 1 173 ? 0.502   -14.741 -7.345  1.00 28.25 ? 198 LEU A CD1 1 
ATOM   1279 C CD2 . LEU A 1 173 ? 1.599   -15.988 -9.249  1.00 37.75 ? 198 LEU A CD2 1 
ATOM   1280 N N   . SER A 1 174 ? 4.800   -14.512 -6.061  1.00 16.91 ? 199 SER A N   1 
ATOM   1281 C CA  . SER A 1 174 ? 5.382   -15.475 -5.152  1.00 17.20 ? 199 SER A CA  1 
ATOM   1282 C C   . SER A 1 174 ? 5.651   -14.883 -3.762  1.00 19.52 ? 199 SER A C   1 
ATOM   1283 O O   . SER A 1 174 ? 5.917   -15.634 -2.820  1.00 19.62 ? 199 SER A O   1 
ATOM   1284 C CB  . SER A 1 174 ? 6.672   -16.053 -5.729  1.00 25.16 ? 199 SER A CB  1 
ATOM   1285 O OG  . SER A 1 174 ? 7.663   -15.054 -5.848  1.00 30.37 ? 199 SER A OG  1 
ATOM   1286 N N   . ASP A 1 175 ? 5.576   -13.551 -3.628  1.00 12.89 ? 200 ASP A N   1 
ATOM   1287 C CA  . ASP A 1 175 ? 5.813   -12.905 -2.326  1.00 12.03 ? 200 ASP A CA  1 
ATOM   1288 C C   . ASP A 1 175 ? 4.530   -12.539 -1.578  1.00 13.24 ? 200 ASP A C   1 
ATOM   1289 O O   . ASP A 1 175 ? 4.582   -12.043 -0.442  1.00 11.95 ? 200 ASP A O   1 
ATOM   1290 C CB  . ASP A 1 175 ? 6.602   -11.594 -2.490  1.00 12.65 ? 200 ASP A CB  1 
ATOM   1291 C CG  . ASP A 1 175 ? 8.059   -11.789 -2.895  1.00 14.71 ? 200 ASP A CG  1 
ATOM   1292 O OD1 . ASP A 1 175 ? 8.731   -12.729 -2.410  1.00 19.06 ? 200 ASP A OD1 1 
ATOM   1293 O OD2 . ASP A 1 175 ? 8.558   -10.958 -3.675  1.00 21.92 ? 200 ASP A OD2 1 
ATOM   1294 N N   . THR A 1 176 ? 3.370   -12.700 -2.218  1.00 13.40 ? 201 THR A N   1 
ATOM   1295 C CA  . THR A 1 176 ? 2.129   -12.225 -1.604  1.00 11.79 ? 201 THR A CA  1 
ATOM   1296 C C   . THR A 1 176 ? 1.703   -12.975 -0.355  1.00 10.81 ? 201 THR A C   1 
ATOM   1297 O O   . THR A 1 176 ? 1.084   -12.377 0.525   1.00 12.43 ? 201 THR A O   1 
ATOM   1298 C CB  . THR A 1 176 ? 0.953   -12.129 -2.629  1.00 15.30 ? 201 THR A CB  1 
ATOM   1299 O OG1 . THR A 1 176 ? 0.749   -13.402 -3.263  1.00 17.43 ? 201 THR A OG1 1 
ATOM   1300 C CG2 . THR A 1 176 ? 1.259   -11.068 -3.699  1.00 16.15 ? 201 THR A CG2 1 
ATOM   1301 N N   . GLY A 1 177 ? 2.017   -14.286 -0.259  1.00 11.68 ? 202 GLY A N   1 
ATOM   1302 C CA  . GLY A 1 177 ? 1.766   -15.020 0.952   1.00 12.45 ? 202 GLY A CA  1 
ATOM   1303 C C   . GLY A 1 177 ? 2.643   -14.512 2.097   1.00 12.24 ? 202 GLY A C   1 
ATOM   1304 O O   . GLY A 1 177 ? 2.153   -14.331 3.191   1.00 13.52 ? 202 GLY A O   1 
ATOM   1305 N N   . ASP A 1 178 ? 3.931   -14.286 1.832   1.00 11.68 ? 203 ASP A N   1 
ATOM   1306 C CA  . ASP A 1 178 ? 4.822   -13.774 2.864   1.00 9.76  ? 203 ASP A CA  1 
ATOM   1307 C C   . ASP A 1 178 ? 4.325   -12.405 3.335   1.00 10.03 ? 203 ASP A C   1 
ATOM   1308 O O   . ASP A 1 178 ? 4.334   -12.123 4.531   1.00 11.28 ? 203 ASP A O   1 
ATOM   1309 C CB  . ASP A 1 178 ? 6.240   -13.661 2.321   1.00 12.60 ? 203 ASP A CB  1 
ATOM   1310 C CG  . ASP A 1 178 ? 7.244   -13.341 3.396   1.00 22.91 ? 203 ASP A CG  1 
ATOM   1311 O OD1 . ASP A 1 178 ? 7.500   -12.141 3.648   1.00 17.92 ? 203 ASP A OD1 1 
ATOM   1312 O OD2 . ASP A 1 178 ? 7.774   -14.307 4.012   1.00 27.53 ? 203 ASP A OD2 1 
ATOM   1313 N N   . ALA A 1 179 ? 3.851   -11.598 2.379   1.00 11.59 ? 204 ALA A N   1 
ATOM   1314 C CA  . ALA A 1 179 ? 3.388   -10.241 2.695   1.00 9.76  ? 204 ALA A CA  1 
ATOM   1315 C C   . ALA A 1 179 ? 2.161   -10.252 3.561   1.00 10.21 ? 204 ALA A C   1 
ATOM   1316 O O   . ALA A 1 179 ? 2.049   -9.483  4.533   1.00 10.86 ? 204 ALA A O   1 
ATOM   1317 C CB  . ALA A 1 179 ? 3.153   -9.450  1.386   1.00 10.55 ? 204 ALA A CB  1 
ATOM   1318 N N   . SER A 1 180 ? 1.210   -11.133 3.211   1.00 10.33 ? 205 SER A N   1 
ATOM   1319 C CA  A SER A 1 180 ? 0.013   -11.310 4.019   0.63 11.38 ? 205 SER A CA  1 
ATOM   1320 C CA  B SER A 1 180 ? 0.021   -11.255 4.006   0.37 11.32 ? 205 SER A CA  1 
ATOM   1321 C C   . SER A 1 180 ? 0.393   -11.770 5.410   1.00 9.81  ? 205 SER A C   1 
ATOM   1322 O O   . SER A 1 180 ? -0.116  -11.267 6.404   1.00 12.10 ? 205 SER A O   1 
ATOM   1323 C CB  A SER A 1 180 ? -0.952  -12.340 3.400   0.63 12.04 ? 205 SER A CB  1 
ATOM   1324 C CB  B SER A 1 180 ? -1.003  -12.129 3.265   0.37 11.08 ? 205 SER A CB  1 
ATOM   1325 O OG  A SER A 1 180 ? -2.039  -12.582 4.290   0.63 14.48 ? 205 SER A OG  1 
ATOM   1326 O OG  B SER A 1 180 ? -1.158  -11.660 1.923   0.37 13.36 ? 205 SER A OG  1 
ATOM   1327 N N   . ASP A 1 181 ? 1.303   -12.752 5.493   1.00 12.79 ? 206 ASP A N   1 
ATOM   1328 C CA  . ASP A 1 181 ? 1.741   -13.258 6.778   1.00 13.09 ? 206 ASP A CA  1 
ATOM   1329 C C   . ASP A 1 181 ? 2.361   -12.127 7.639   1.00 14.06 ? 206 ASP A C   1 
ATOM   1330 O O   . ASP A 1 181 ? 2.133   -12.032 8.856   1.00 13.72 ? 206 ASP A O   1 
ATOM   1331 C CB  . ASP A 1 181 ? 2.805   -14.348 6.592   1.00 13.66 ? 206 ASP A CB  1 
ATOM   1332 C CG  . ASP A 1 181 ? 2.240   -15.659 6.091   1.00 22.43 ? 206 ASP A CG  1 
ATOM   1333 O OD1 . ASP A 1 181 ? 1.004   -15.837 6.112   1.00 22.59 ? 206 ASP A OD1 1 
ATOM   1334 O OD2 . ASP A 1 181 ? 3.064   -16.497 5.671   1.00 26.59 ? 206 ASP A OD2 1 
ATOM   1335 N N   . PHE A 1 182 ? 3.161   -11.275 7.006   1.00 11.98 ? 207 PHE A N   1 
ATOM   1336 C CA  . PHE A 1 182 ? 3.765   -10.169 7.733   1.00 9.07  ? 207 PHE A CA  1 
ATOM   1337 C C   . PHE A 1 182 ? 2.694   -9.226  8.280   1.00 10.95 ? 207 PHE A C   1 
ATOM   1338 O O   . PHE A 1 182 ? 2.698   -8.825  9.463   1.00 11.65 ? 207 PHE A O   1 
ATOM   1339 C CB  . PHE A 1 182 ? 4.753   -9.426  6.800   1.00 10.93 ? 207 PHE A CB  1 
ATOM   1340 C CG  . PHE A 1 182 ? 5.279   -8.154  7.391   1.00 10.32 ? 207 PHE A CG  1 
ATOM   1341 C CD1 . PHE A 1 182 ? 6.304   -8.188  8.333   1.00 13.80 ? 207 PHE A CD1 1 
ATOM   1342 C CD2 . PHE A 1 182 ? 4.731   -6.920  7.053   1.00 11.47 ? 207 PHE A CD2 1 
ATOM   1343 C CE1 . PHE A 1 182 ? 6.766   -6.993  8.936   1.00 13.88 ? 207 PHE A CE1 1 
ATOM   1344 C CE2 . PHE A 1 182 ? 5.226   -5.756  7.620   1.00 13.55 ? 207 PHE A CE2 1 
ATOM   1345 C CZ  . PHE A 1 182 ? 6.241   -5.807  8.564   1.00 13.50 ? 207 PHE A CZ  1 
ATOM   1346 N N   . LEU A 1 183 ? 1.739   -8.873  7.433   1.00 10.49 ? 208 LEU A N   1 
ATOM   1347 C CA  . LEU A 1 183 ? 0.693   -7.955  7.895   1.00 10.97 ? 208 LEU A CA  1 
ATOM   1348 C C   . LEU A 1 183 ? -0.099  -8.574  9.044   1.00 14.00 ? 208 LEU A C   1 
ATOM   1349 O O   . LEU A 1 183 ? -0.398  -7.892  10.003  1.00 13.06 ? 208 LEU A O   1 
ATOM   1350 C CB  . LEU A 1 183 ? -0.257  -7.614  6.750   1.00 10.85 ? 208 LEU A CB  1 
ATOM   1351 C CG  . LEU A 1 183 ? 0.366   -6.793  5.631   1.00 8.43  ? 208 LEU A CG  1 
ATOM   1352 C CD1 . LEU A 1 183 ? -0.677  -6.523  4.545   1.00 10.20 ? 208 LEU A CD1 1 
ATOM   1353 C CD2 . LEU A 1 183 ? 0.953   -5.445  6.140   1.00 10.03 ? 208 LEU A CD2 1 
ATOM   1354 N N   . LEU A 1 184 ? -0.418  -9.862  8.944   1.00 12.17 ? 209 LEU A N   1 
ATOM   1355 C CA  . LEU A 1 184 ? -1.200  -10.532 9.992   1.00 12.34 ? 209 LEU A CA  1 
ATOM   1356 C C   . LEU A 1 184 ? -0.389  -10.574 11.306  1.00 13.91 ? 209 LEU A C   1 
ATOM   1357 O O   . LEU A 1 184 ? -0.938  -10.379 12.395  1.00 15.80 ? 209 LEU A O   1 
ATOM   1358 C CB  . LEU A 1 184 ? -1.595  -11.934 9.547   1.00 17.45 ? 209 LEU A CB  1 
ATOM   1359 C CG  . LEU A 1 184 ? -2.617  -11.946 8.422   1.00 14.60 ? 209 LEU A CG  1 
ATOM   1360 C CD1 . LEU A 1 184 ? -2.625  -13.317 7.780   1.00 16.83 ? 209 LEU A CD1 1 
ATOM   1361 C CD2 . LEU A 1 184 ? -3.994  -11.542 8.931   1.00 16.80 ? 209 LEU A CD2 1 
ATOM   1362 N N   . SER A 1 185 ? 0.913   -10.777 11.182  1.00 14.56 ? 210 SER A N   1 
ATOM   1363 C CA  A SER A 1 185 ? 1.783   -10.843 12.355  0.44 15.06 ? 210 SER A CA  1 
ATOM   1364 C CA  B SER A 1 185 ? 1.768   -10.851 12.361  0.56 15.01 ? 210 SER A CA  1 
ATOM   1365 C C   . SER A 1 185 ? 1.854   -9.490  13.050  1.00 19.62 ? 210 SER A C   1 
ATOM   1366 O O   . SER A 1 185 ? 1.997   -9.402  14.263  1.00 18.53 ? 210 SER A O   1 
ATOM   1367 C CB  A SER A 1 185 ? 3.188   -11.308 11.950  0.44 17.33 ? 210 SER A CB  1 
ATOM   1368 C CB  B SER A 1 185 ? 3.163   -11.357 11.972  0.56 17.38 ? 210 SER A CB  1 
ATOM   1369 O OG  A SER A 1 185 ? 4.086   -11.247 13.050  0.44 22.47 ? 210 SER A OG  1 
ATOM   1370 O OG  B SER A 1 185 ? 3.877   -10.382 11.234  0.56 18.52 ? 210 SER A OG  1 
ATOM   1371 N N   . GLN A 1 186 ? 1.756   -8.412  12.282  1.00 15.78 ? 211 GLN A N   1 
ATOM   1372 C CA  . GLN A 1 186 ? 1.796   -7.073  12.875  1.00 15.04 ? 211 GLN A CA  1 
ATOM   1373 C C   . GLN A 1 186 ? 0.486   -6.689  13.564  1.00 16.57 ? 211 GLN A C   1 
ATOM   1374 O O   . GLN A 1 186 ? 0.446   -5.771  14.392  1.00 20.15 ? 211 GLN A O   1 
ATOM   1375 C CB  . GLN A 1 186 ? 2.109   -6.025  11.797  1.00 16.00 ? 211 GLN A CB  1 
ATOM   1376 C CG  . GLN A 1 186 ? 3.468   -6.200  11.160  1.00 16.69 ? 211 GLN A CG  1 
ATOM   1377 C CD  . GLN A 1 186 ? 4.603   -5.877  12.104  1.00 23.48 ? 211 GLN A CD  1 
ATOM   1378 O OE1 . GLN A 1 186 ? 5.363   -6.756  12.500  1.00 25.84 ? 211 GLN A OE1 1 
ATOM   1379 N NE2 . GLN A 1 186 ? 4.752   -4.607  12.424  1.00 22.32 ? 211 GLN A NE2 1 
ATOM   1380 N N   . LEU A 1 187 ? -0.584  -7.359  13.177  1.00 19.12 ? 212 LEU A N   1 
ATOM   1381 C CA  . LEU A 1 187 ? -1.918  -7.139  13.721  1.00 19.34 ? 212 LEU A CA  1 
ATOM   1382 C C   . LEU A 1 187 ? -2.048  -7.918  15.008  1.00 40.81 ? 212 LEU A C   1 
ATOM   1383 O O   . LEU A 1 187 ? -2.950  -7.617  15.780  1.00 45.05 ? 212 LEU A O   1 
ATOM   1384 C CB  . LEU A 1 187 ? -2.997  -7.586  12.730  1.00 15.29 ? 212 LEU A CB  1 
ATOM   1385 C CG  . LEU A 1 187 ? -3.214  -6.678  11.526  1.00 16.90 ? 212 LEU A CG  1 
ATOM   1386 C CD1 . LEU A 1 187 ? -3.893  -7.407  10.345  1.00 17.73 ? 212 LEU A CD1 1 
ATOM   1387 C CD2 . LEU A 1 187 ? -4.019  -5.454  11.916  1.00 16.26 ? 212 LEU A CD2 1 
ATOM   1388 O OXT . LEU A 1 187 ? -1.263  -8.842  15.287  1.00 35.98 ? 212 LEU A OXT 1 
HETATM 1389 O O   . HOH B 2 .   ? 9.428   2.879   7.652   0.95 9.86  ? 1   HOH A O   1 
HETATM 1390 O O   . HOH B 2 .   ? -4.708  2.132   -6.300  1.00 8.58  ? 2   HOH A O   1 
HETATM 1391 O O   . HOH B 2 .   ? -14.637 1.099   14.235  1.00 17.45 ? 3   HOH A O   1 
HETATM 1392 O O   . HOH B 2 .   ? -2.554  -4.780  -7.801  0.88 6.81  ? 4   HOH A O   1 
HETATM 1393 O O   . HOH B 2 .   ? 14.720  3.006   -5.725  1.00 11.06 ? 5   HOH A O   1 
HETATM 1394 O O   . HOH B 2 .   ? 5.011   -15.942 -0.227  0.76 12.34 ? 6   HOH A O   1 
HETATM 1395 O O   . HOH B 2 .   ? 7.753   11.141  -0.814  0.96 12.29 ? 7   HOH A O   1 
HETATM 1396 O O   . HOH B 2 .   ? 3.974   4.392   14.407  0.96 18.63 ? 8   HOH A O   1 
HETATM 1397 O O   . HOH B 2 .   ? 12.696  3.099   12.673  1.00 24.90 ? 9   HOH A O   1 
HETATM 1398 O O   . HOH B 2 .   ? 14.014  -2.708  3.504   0.93 11.49 ? 10  HOH A O   1 
HETATM 1399 O O   . HOH B 2 .   ? -2.136  10.358  -9.982  1.00 13.36 ? 11  HOH A O   1 
HETATM 1400 O O   . HOH B 2 .   ? 13.463  6.972   4.568   1.00 17.78 ? 12  HOH A O   1 
HETATM 1401 O O   . HOH B 2 .   ? 12.731  -3.453  -12.869 0.94 14.76 ? 13  HOH A O   1 
HETATM 1402 O O   . HOH B 2 .   ? -1.288  -15.049 5.269   0.72 22.79 ? 14  HOH A O   1 
HETATM 1403 O O   . HOH B 2 .   ? 7.362   5.820   -8.631  1.00 12.08 ? 15  HOH A O   1 
HETATM 1404 O O   . HOH B 2 .   ? -1.392  16.235  -8.562  1.00 16.38 ? 16  HOH A O   1 
HETATM 1405 O O   . HOH B 2 .   ? 4.393   -12.608 -10.355 1.00 19.30 ? 17  HOH A O   1 
HETATM 1406 O O   . HOH B 2 .   ? -13.712 -1.223  13.229  1.00 17.53 ? 18  HOH A O   1 
HETATM 1407 O O   . HOH B 2 .   ? 4.311   -9.001  -9.876  1.00 15.03 ? 19  HOH A O   1 
HETATM 1408 O O   . HOH B 2 .   ? -16.259 1.891   6.547   0.94 18.50 ? 20  HOH A O   1 
HETATM 1409 O O   . HOH B 2 .   ? 12.155  -4.512  4.469   1.00 14.81 ? 21  HOH A O   1 
HETATM 1410 O O   . HOH B 2 .   ? -8.991  4.150   -9.552  1.00 14.76 ? 22  HOH A O   1 
HETATM 1411 O O   . HOH B 2 .   ? -4.327  -16.407 3.957   1.00 14.48 ? 23  HOH A O   1 
HETATM 1412 O O   . HOH B 2 .   ? 7.231   8.835   -2.312  1.00 9.64  ? 24  HOH A O   1 
HETATM 1413 O O   . HOH B 2 .   ? -16.000 -2.122  -2.623  1.00 16.25 ? 25  HOH A O   1 
HETATM 1414 O O   . HOH B 2 .   ? 11.576  14.045  -4.423  0.98 36.47 ? 213 HOH A O   1 
HETATM 1415 O O   . HOH B 2 .   ? -16.003 -10.368 3.797   0.46 18.66 ? 214 HOH A O   1 
HETATM 1416 O O   . HOH B 2 .   ? -6.229  -13.188 -11.112 1.00 38.17 ? 215 HOH A O   1 
HETATM 1417 O O   . HOH B 2 .   ? 17.863  5.478   -15.045 0.69 28.35 ? 216 HOH A O   1 
HETATM 1418 O O   . HOH B 2 .   ? 12.653  -9.035  -1.303  0.62 19.24 ? 217 HOH A O   1 
HETATM 1419 O O   . HOH B 2 .   ? -4.369  -13.619 -7.049  1.00 32.99 ? 218 HOH A O   1 
HETATM 1420 O O   . HOH B 2 .   ? -6.191  10.073  15.917  1.00 36.23 ? 219 HOH A O   1 
HETATM 1421 O O   . HOH B 2 .   ? -2.983  -16.294 10.402  0.89 36.82 ? 220 HOH A O   1 
HETATM 1422 O O   . HOH B 2 .   ? -18.520 1.538   -4.038  0.85 37.81 ? 221 HOH A O   1 
HETATM 1423 O O   . HOH B 2 .   ? -1.824  18.126  -2.327  0.93 28.67 ? 222 HOH A O   1 
HETATM 1424 O O   . HOH B 2 .   ? 17.390  -5.680  -16.879 1.00 31.10 ? 223 HOH A O   1 
HETATM 1425 O O   . HOH B 2 .   ? -9.534  5.352   18.431  0.72 33.33 ? 224 HOH A O   1 
HETATM 1426 O O   . HOH B 2 .   ? -7.777  -15.776 -5.543  1.00 37.79 ? 225 HOH A O   1 
HETATM 1427 O O   . HOH B 2 .   ? 14.577  10.158  -7.455  1.00 35.05 ? 226 HOH A O   1 
HETATM 1428 O O   . HOH B 2 .   ? -17.567 7.601   -0.895  0.64 25.51 ? 227 HOH A O   1 
HETATM 1429 O O   . HOH B 2 .   ? -7.728  6.290   -14.048 1.00 38.69 ? 228 HOH A O   1 
HETATM 1430 O O   . HOH B 2 .   ? -4.346  0.520   17.236  0.78 30.93 ? 229 HOH A O   1 
HETATM 1431 O O   . HOH B 2 .   ? 5.912   -14.963 -10.860 0.85 31.47 ? 230 HOH A O   1 
HETATM 1432 O O   . HOH B 2 .   ? -6.932  14.993  -8.916  0.75 28.94 ? 231 HOH A O   1 
HETATM 1433 O O   . HOH B 2 .   ? -8.342  -8.241  14.471  0.93 37.52 ? 232 HOH A O   1 
HETATM 1434 O O   . HOH B 2 .   ? -16.554 -1.129  -5.546  0.99 38.92 ? 233 HOH A O   1 
HETATM 1435 O O   . HOH B 2 .   ? -0.509  16.824  10.716  0.82 34.72 ? 234 HOH A O   1 
HETATM 1436 O O   . HOH B 2 .   ? 12.426  -8.243  6.875   0.83 38.00 ? 235 HOH A O   1 
HETATM 1437 O O   . HOH B 2 .   ? -10.535 -15.855 11.658  0.88 39.18 ? 236 HOH A O   1 
HETATM 1438 O O   . HOH B 2 .   ? 22.907  5.027   3.269   0.84 38.66 ? 237 HOH A O   1 
HETATM 1439 O O   . HOH B 2 .   ? -0.308  8.616   -11.156 0.81 8.83  ? 238 HOH A O   1 
HETATM 1440 O O   . HOH B 2 .   ? 1.584   16.428  -8.987  1.00 16.44 ? 239 HOH A O   1 
HETATM 1441 O O   . HOH B 2 .   ? -8.893  10.758  0.401   0.95 13.18 ? 240 HOH A O   1 
HETATM 1442 O O   . HOH B 2 .   ? -5.271  14.739  2.055   1.00 20.98 ? 241 HOH A O   1 
HETATM 1443 O O   . HOH B 2 .   ? 14.163  -12.246 -6.256  0.99 23.43 ? 242 HOH A O   1 
HETATM 1444 O O   . HOH B 2 .   ? 6.164   10.293  12.940  0.91 17.03 ? 243 HOH A O   1 
HETATM 1445 O O   . HOH B 2 .   ? -10.774 -16.979 8.454   0.67 11.03 ? 244 HOH A O   1 
HETATM 1446 O O   . HOH B 2 .   ? 10.909  9.712   -1.788  1.00 19.35 ? 245 HOH A O   1 
HETATM 1447 O O   . HOH B 2 .   ? -10.527 10.944  -3.700  1.00 19.40 ? 246 HOH A O   1 
HETATM 1448 O O   . HOH B 2 .   ? -2.464  12.952  10.051  1.00 19.60 ? 247 HOH A O   1 
HETATM 1449 O O   . HOH B 2 .   ? -12.428 -5.490  -1.778  0.79 12.74 ? 248 HOH A O   1 
HETATM 1450 O O   . HOH B 2 .   ? 13.501  4.879   -8.492  1.00 16.02 ? 249 HOH A O   1 
HETATM 1451 O O   . HOH B 2 .   ? -15.662 -9.783  1.098   0.91 17.92 ? 250 HOH A O   1 
HETATM 1452 O O   . HOH B 2 .   ? -9.379  -8.471  -3.851  0.77 13.64 ? 251 HOH A O   1 
HETATM 1453 O O   . HOH B 2 .   ? -10.429 -2.921  -7.133  0.82 17.86 ? 252 HOH A O   1 
HETATM 1454 O O   . HOH B 2 .   ? -8.034  6.419   -11.479 0.85 14.57 ? 253 HOH A O   1 
HETATM 1455 O O   . HOH B 2 .   ? -8.278  14.160  5.793   1.00 23.96 ? 254 HOH A O   1 
HETATM 1456 O O   . HOH B 2 .   ? -16.518 -2.636  4.624   1.00 19.33 ? 255 HOH A O   1 
HETATM 1457 O O   . HOH B 2 .   ? -11.074 10.010  -1.210  1.00 23.12 ? 256 HOH A O   1 
HETATM 1458 O O   . HOH B 2 .   ? 7.038   0.365   15.571  1.00 28.11 ? 257 HOH A O   1 
HETATM 1459 O O   . HOH B 2 .   ? 6.201   -9.345  12.206  0.66 22.80 ? 258 HOH A O   1 
HETATM 1460 O O   . HOH B 2 .   ? 1.883   1.114   15.976  1.00 27.97 ? 259 HOH A O   1 
HETATM 1461 O O   . HOH B 2 .   ? -3.483  3.254   -14.806 0.76 17.73 ? 260 HOH A O   1 
HETATM 1462 O O   . HOH B 2 .   ? 4.578   12.546  11.967  0.97 15.02 ? 261 HOH A O   1 
HETATM 1463 O O   . HOH B 2 .   ? 15.687  -14.411 -7.004  0.72 16.76 ? 262 HOH A O   1 
HETATM 1464 O O   . HOH B 2 .   ? 5.207   6.766   14.078  1.00 20.79 ? 263 HOH A O   1 
HETATM 1465 O O   . HOH B 2 .   ? 0.164   5.482   -18.329 1.00 25.00 ? 264 HOH A O   1 
HETATM 1466 O O   . HOH B 2 .   ? 2.348   -17.861 3.197   1.00 31.86 ? 265 HOH A O   1 
HETATM 1467 O O   . HOH B 2 .   ? -13.039 -0.730  8.285   1.00 16.94 ? 266 HOH A O   1 
HETATM 1468 O O   . HOH B 2 .   ? -11.000 8.224   15.694  1.00 19.81 ? 267 HOH A O   1 
HETATM 1469 O O   . HOH B 2 .   ? 2.159   16.499  6.881   0.59 8.06  ? 268 HOH A O   1 
HETATM 1470 O O   . HOH B 2 .   ? 2.739   -2.999  14.462  0.90 25.41 ? 269 HOH A O   1 
HETATM 1471 O O   . HOH B 2 .   ? -0.047  15.846  -1.698  1.00 20.15 ? 270 HOH A O   1 
HETATM 1472 O O   . HOH B 2 .   ? 15.803  -4.969  -6.590  0.64 10.78 ? 271 HOH A O   1 
HETATM 1473 O O   . HOH B 2 .   ? 11.026  -10.044 -3.433  0.92 21.85 ? 272 HOH A O   1 
HETATM 1474 O O   . HOH B 2 .   ? -12.083 -1.117  -8.827  1.00 24.23 ? 273 HOH A O   1 
HETATM 1475 O O   . HOH B 2 .   ? -9.902  12.054  5.599   0.65 14.20 ? 274 HOH A O   1 
HETATM 1476 O O   . HOH B 2 .   ? 15.501  5.492   -15.152 1.00 26.61 ? 275 HOH A O   1 
HETATM 1477 O O   . HOH B 2 .   ? -8.051  11.014  11.228  1.00 20.83 ? 276 HOH A O   1 
HETATM 1478 O O   . HOH B 2 .   ? -8.815  3.283   13.786  0.85 14.33 ? 277 HOH A O   1 
HETATM 1479 O O   . HOH B 2 .   ? -0.759  15.121  9.120   0.87 20.14 ? 278 HOH A O   1 
HETATM 1480 O O   . HOH B 2 .   ? -4.092  -11.078 -8.269  1.00 17.97 ? 279 HOH A O   1 
HETATM 1481 O O   . HOH B 2 .   ? 6.306   -12.735 6.445   0.98 26.55 ? 280 HOH A O   1 
HETATM 1482 O O   . HOH B 2 .   ? 12.881  9.154   8.533   1.00 21.16 ? 281 HOH A O   1 
HETATM 1483 O O   . HOH B 2 .   ? -11.103 10.063  2.080   0.86 25.92 ? 282 HOH A O   1 
HETATM 1484 O O   . HOH B 2 .   ? -3.502  16.673  1.546   0.68 18.36 ? 283 HOH A O   1 
HETATM 1485 O O   . HOH B 2 .   ? 9.690   -6.155  10.766  0.70 23.58 ? 284 HOH A O   1 
HETATM 1486 O O   . HOH B 2 .   ? -0.926  15.814  0.925   1.00 24.76 ? 285 HOH A O   1 
HETATM 1487 O O   . HOH B 2 .   ? 12.081  5.956   11.056  1.00 27.58 ? 286 HOH A O   1 
HETATM 1488 O O   . HOH B 2 .   ? 11.536  11.254  -8.636  1.00 33.29 ? 287 HOH A O   1 
HETATM 1489 O O   . HOH B 2 .   ? 16.085  -3.393  5.023   0.97 29.58 ? 288 HOH A O   1 
HETATM 1490 O O   . HOH B 2 .   ? -10.068 -10.757 -6.395  0.99 24.36 ? 289 HOH A O   1 
HETATM 1491 O O   . HOH B 2 .   ? -8.098  -18.191 9.988   0.89 18.02 ? 290 HOH A O   1 
HETATM 1492 O O   . HOH B 2 .   ? -5.959  13.055  -10.308 1.00 23.97 ? 291 HOH A O   1 
HETATM 1493 O O   . HOH B 2 .   ? -13.075 8.585   0.899   0.62 15.25 ? 292 HOH A O   1 
HETATM 1494 O O   . HOH B 2 .   ? -2.339  -2.946  -16.707 1.00 21.62 ? 293 HOH A O   1 
HETATM 1495 O O   . HOH B 2 .   ? 10.005  7.010   -8.403  1.00 21.03 ? 294 HOH A O   1 
HETATM 1496 O O   . HOH B 2 .   ? -7.850  10.887  13.907  0.88 18.33 ? 295 HOH A O   1 
HETATM 1497 O O   . HOH B 2 .   ? -15.531 -12.364 11.646  0.76 22.64 ? 296 HOH A O   1 
HETATM 1498 O O   . HOH B 2 .   ? -9.250  10.515  -11.669 0.92 25.64 ? 297 HOH A O   1 
HETATM 1499 O O   . HOH B 2 .   ? -6.402  14.162  -4.170  0.97 25.33 ? 298 HOH A O   1 
HETATM 1500 O O   . HOH B 2 .   ? 7.973   8.095   -15.645 0.92 22.08 ? 299 HOH A O   1 
HETATM 1501 O O   . HOH B 2 .   ? -18.614 2.411   8.080   0.85 25.20 ? 300 HOH A O   1 
HETATM 1502 O O   . HOH B 2 .   ? -16.487 -7.705  10.966  0.63 21.84 ? 301 HOH A O   1 
HETATM 1503 O O   . HOH B 2 .   ? -4.230  -14.334 -3.096  0.81 14.24 ? 302 HOH A O   1 
HETATM 1504 O O   . HOH B 2 .   ? 6.169   13.578  -15.173 1.00 26.44 ? 303 HOH A O   1 
HETATM 1505 O O   . HOH B 2 .   ? -9.427  2.329   -13.821 1.00 31.03 ? 304 HOH A O   1 
HETATM 1506 O O   . HOH B 2 .   ? -11.598 3.687   -10.019 1.00 27.93 ? 305 HOH A O   1 
HETATM 1507 O O   . HOH B 2 .   ? 16.583  2.885   6.592   0.94 22.25 ? 306 HOH A O   1 
HETATM 1508 O O   . HOH B 2 .   ? -19.859 0.379   10.545  0.88 21.66 ? 307 HOH A O   1 
HETATM 1509 O O   . HOH B 2 .   ? -14.776 -0.217  6.341   0.99 22.84 ? 308 HOH A O   1 
HETATM 1510 O O   . HOH B 2 .   ? 6.998   17.337  -3.217  0.73 18.24 ? 309 HOH A O   1 
HETATM 1511 O O   . HOH B 2 .   ? 5.917   -16.106 6.030   0.87 27.20 ? 310 HOH A O   1 
HETATM 1512 O O   . HOH B 2 .   ? 10.199  -5.747  8.275   1.00 33.16 ? 311 HOH A O   1 
HETATM 1513 O O   . HOH B 2 .   ? -4.019  18.352  -0.553  1.00 34.79 ? 312 HOH A O   1 
HETATM 1514 O O   . HOH B 2 .   ? 1.346   -14.352 10.282  0.93 24.35 ? 313 HOH A O   1 
HETATM 1515 O O   . HOH B 2 .   ? 17.366  -6.901  -14.223 1.00 24.50 ? 314 HOH A O   1 
HETATM 1516 O O   . HOH B 2 .   ? -4.084  12.881  14.406  0.97 29.12 ? 315 HOH A O   1 
HETATM 1517 O O   . HOH B 2 .   ? -5.524  14.567  4.464   1.00 30.69 ? 316 HOH A O   1 
HETATM 1518 O O   . HOH B 2 .   ? 11.925  0.532   -18.677 1.00 23.35 ? 317 HOH A O   1 
HETATM 1519 O O   . HOH B 2 .   ? -8.413  -12.246 -8.096  1.00 32.49 ? 318 HOH A O   1 
HETATM 1520 O O   . HOH B 2 .   ? 11.505  8.245   12.276  1.00 30.59 ? 319 HOH A O   1 
HETATM 1521 O O   . HOH B 2 .   ? -8.977  13.330  0.214   1.00 28.48 ? 320 HOH A O   1 
HETATM 1522 O O   . HOH B 2 .   ? -9.934  -7.829  -6.548  0.85 31.86 ? 321 HOH A O   1 
HETATM 1523 O O   . HOH B 2 .   ? 9.656   16.807  -2.242  0.96 25.86 ? 322 HOH A O   1 
HETATM 1524 O O   . HOH B 2 .   ? 9.754   3.554   -16.566 0.81 26.62 ? 323 HOH A O   1 
HETATM 1525 O O   . HOH B 2 .   ? 3.253   14.066  -14.969 1.00 34.25 ? 324 HOH A O   1 
HETATM 1526 O O   . HOH B 2 .   ? 9.834   -11.844 -6.134  0.89 22.06 ? 325 HOH A O   1 
HETATM 1527 O O   . HOH B 2 .   ? -9.189  -3.537  -9.320  1.00 32.47 ? 326 HOH A O   1 
HETATM 1528 O O   . HOH B 2 .   ? -6.182  3.302   -13.814 1.00 31.58 ? 327 HOH A O   1 
HETATM 1529 O O   . HOH B 2 .   ? -3.597  6.425   17.577  0.80 25.59 ? 328 HOH A O   1 
HETATM 1530 O O   . HOH B 2 .   ? 10.929  12.648  -1.855  0.99 35.87 ? 329 HOH A O   1 
HETATM 1531 O O   . HOH B 2 .   ? -13.220 -15.377 11.023  0.77 27.25 ? 330 HOH A O   1 
HETATM 1532 O O   . HOH B 2 .   ? -3.730  6.423   -16.013 0.71 23.97 ? 331 HOH A O   1 
HETATM 1533 O O   . HOH B 2 .   ? 11.699  -8.798  1.806   0.99 33.22 ? 332 HOH A O   1 
HETATM 1534 O O   . HOH B 2 .   ? 13.497  7.589   -9.753  1.00 30.24 ? 333 HOH A O   1 
HETATM 1535 O O   . HOH B 2 .   ? -13.082 1.263   -9.874  0.70 28.79 ? 334 HOH A O   1 
HETATM 1536 O O   . HOH B 2 .   ? 20.035  3.605   -0.633  0.91 29.64 ? 335 HOH A O   1 
HETATM 1537 O O   . HOH B 2 .   ? 17.638  -15.317 -5.453  1.00 12.59 ? 336 HOH A O   1 
HETATM 1538 O O   . HOH B 2 .   ? -12.568 8.254   18.122  0.88 13.55 ? 337 HOH A O   1 
HETATM 1539 O O   . HOH B 2 .   ? 17.105  -14.099 -9.005  0.99 18.39 ? 338 HOH A O   1 
HETATM 1540 O O   . HOH B 2 .   ? -3.270  17.994  3.822   1.00 34.45 ? 339 HOH A O   1 
HETATM 1541 O O   . HOH B 2 .   ? -16.097 8.559   1.192   1.00 20.30 ? 340 HOH A O   1 
HETATM 1542 O O   . HOH B 2 .   ? -12.701 12.086  2.561   1.00 28.42 ? 341 HOH A O   1 
HETATM 1543 O O   . HOH B 2 .   ? -5.979  -15.907 -1.499  1.00 22.77 ? 342 HOH A O   1 
HETATM 1544 O O   . HOH B 2 .   ? 11.724  0.374   13.745  1.00 25.70 ? 343 HOH A O   1 
HETATM 1545 O O   . HOH B 2 .   ? 4.958   17.246  -7.897  1.00 30.56 ? 344 HOH A O   1 
HETATM 1546 O O   . HOH B 2 .   ? -2.799  -15.583 -9.446  1.00 31.66 ? 345 HOH A O   1 
HETATM 1547 O O   . HOH B 2 .   ? -9.899  -3.468  -11.971 0.95 31.44 ? 346 HOH A O   1 
HETATM 1548 O O   . HOH B 2 .   ? -5.466  -14.943 -9.677  0.62 23.39 ? 347 HOH A O   1 
HETATM 1549 O O   . HOH B 2 .   ? -15.712 11.479  2.180   1.00 26.80 ? 348 HOH A O   1 
HETATM 1550 O O   . HOH B 2 .   ? 3.460   -1.027  -14.272 0.57 17.02 ? 349 HOH A O   1 
HETATM 1551 O O   . HOH B 2 .   ? 3.980   7.199   -20.850 0.94 25.39 ? 350 HOH A O   1 
HETATM 1552 O O   . HOH B 2 .   ? 5.976   7.740   -19.035 0.77 21.09 ? 351 HOH A O   1 
HETATM 1553 O O   . HOH B 2 .   ? 4.957   14.920  -6.901  0.95 21.61 ? 352 HOH A O   1 
HETATM 1554 O O   . HOH B 2 .   ? -13.906 -12.411 4.643   0.97 19.75 ? 353 HOH A O   1 
HETATM 1555 O O   . HOH B 2 .   ? 2.851   -16.161 -2.306  1.00 23.05 ? 354 HOH A O   1 
HETATM 1556 O O   . HOH B 2 .   ? 8.873   -13.685 0.098   0.96 30.40 ? 355 HOH A O   1 
HETATM 1557 O O   . HOH B 2 .   ? -1.423  -16.091 3.023   1.00 30.40 ? 356 HOH A O   1 
HETATM 1558 O O   . HOH B 2 .   ? -17.517 -4.514  3.201   0.65 19.18 ? 357 HOH A O   1 
HETATM 1559 O O   . HOH B 2 .   ? -11.204 -13.762 11.985  0.80 30.71 ? 358 HOH A O   1 
HETATM 1560 O O   . HOH B 2 .   ? 0.638   15.637  -11.508 1.00 29.44 ? 359 HOH A O   1 
HETATM 1561 O O   . HOH B 2 .   ? -9.524  13.515  12.007  0.87 26.42 ? 360 HOH A O   1 
HETATM 1562 O O   . HOH B 2 .   ? 11.213  11.741  2.011   0.94 14.70 ? 361 HOH A O   1 
HETATM 1563 O O   . HOH B 2 .   ? -10.474 10.805  14.535  0.94 20.47 ? 362 HOH A O   1 
HETATM 1564 O O   . HOH B 2 .   ? 13.179  11.116  3.158   0.67 13.47 ? 363 HOH A O   1 
HETATM 1565 O O   . HOH B 2 .   ? -6.584  -10.922 -9.566  0.93 26.13 ? 364 HOH A O   1 
HETATM 1566 O O   . HOH B 2 .   ? 3.331   18.062  3.507   0.85 29.05 ? 365 HOH A O   1 
HETATM 1567 O O   . HOH B 2 .   ? 17.591  -13.660 -3.171  1.00 21.92 ? 366 HOH A O   1 
HETATM 1568 O O   . HOH B 2 .   ? 14.797  -12.415 -9.433  0.89 25.06 ? 367 HOH A O   1 
HETATM 1569 O O   . HOH B 2 .   ? -8.340  -5.565  14.471  0.71 27.56 ? 368 HOH A O   1 
HETATM 1570 O O   . HOH B 2 .   ? 6.352   14.256  -17.878 0.57 21.61 ? 369 HOH A O   1 
HETATM 1571 O O   . HOH B 2 .   ? -7.743  -15.306 -8.527  1.00 33.48 ? 370 HOH A O   1 
HETATM 1572 O O   . HOH B 2 .   ? 11.996  -2.860  7.116   0.69 19.37 ? 371 HOH A O   1 
HETATM 1573 O O   . HOH B 2 .   ? -2.920  18.132  -7.185  1.00 35.65 ? 372 HOH A O   1 
HETATM 1574 O O   . HOH B 2 .   ? 14.542  8.270   6.721   0.59 21.28 ? 373 HOH A O   1 
HETATM 1575 O O   . HOH B 2 .   ? 9.206   -10.632 8.310   0.96 37.53 ? 374 HOH A O   1 
HETATM 1576 O O   . HOH B 2 .   ? -7.115  0.464   16.429  0.81 28.90 ? 375 HOH A O   1 
HETATM 1577 O O   . HOH B 2 .   ? 13.198  -0.534  6.766   0.81 30.13 ? 376 HOH A O   1 
HETATM 1578 O O   . HOH B 2 .   ? 3.960   14.157  -19.056 0.95 30.28 ? 377 HOH A O   1 
HETATM 1579 O O   . HOH B 2 .   ? -11.726 -7.368  -3.541  0.94 25.09 ? 378 HOH A O   1 
HETATM 1580 O O   . HOH B 2 .   ? -12.208 -10.022 -2.849  0.89 22.04 ? 379 HOH A O   1 
HETATM 1581 O O   . HOH B 2 .   ? -16.104 -9.096  13.138  0.91 33.82 ? 380 HOH A O   1 
HETATM 1582 O O   . HOH B 2 .   ? 16.942  -15.813 -11.076 1.00 37.30 ? 381 HOH A O   1 
HETATM 1583 O O   . HOH B 2 .   ? 12.004  -12.667 -8.524  0.77 28.37 ? 382 HOH A O   1 
HETATM 1584 O O   . HOH B 2 .   ? -11.848 13.936  0.641   0.65 31.19 ? 383 HOH A O   1 
HETATM 1585 O O   . HOH B 2 .   ? -2.683  12.452  -11.694 1.00 26.74 ? 384 HOH A O   1 
HETATM 1586 O O   . HOH B 2 .   ? -15.470 -6.644  3.668   0.73 21.37 ? 385 HOH A O   1 
HETATM 1587 O O   . HOH B 2 .   ? 17.982  -5.533  -8.173  0.69 22.66 ? 386 HOH A O   1 
HETATM 1588 O O   . HOH B 2 .   ? -4.786  13.683  11.686  0.82 28.15 ? 387 HOH A O   1 
HETATM 1589 O O   . HOH B 2 .   ? -14.553 -3.565  14.831  0.94 32.80 ? 388 HOH A O   1 
HETATM 1590 O O   . HOH B 2 .   ? 7.338   17.017  -17.792 1.00 33.76 ? 389 HOH A O   1 
HETATM 1591 O O   . HOH B 2 .   ? -5.779  -18.703 10.622  0.82 34.58 ? 390 HOH A O   1 
HETATM 1592 O O   . HOH B 2 .   ? -13.202 -14.796 3.935   0.56 21.37 ? 391 HOH A O   1 
HETATM 1593 O O   . HOH B 2 .   ? -12.464 -8.193  -1.617  0.60 23.82 ? 392 HOH A O   1 
HETATM 1594 O O   . HOH B 2 .   ? -3.116  -11.200 13.425  0.98 33.77 ? 393 HOH A O   1 
HETATM 1595 O O   . HOH B 2 .   ? -2.834  11.756  -14.241 0.81 31.98 ? 394 HOH A O   1 
HETATM 1596 O O   . HOH B 2 .   ? -7.428  15.635  0.546   0.95 34.19 ? 395 HOH A O   1 
HETATM 1597 O O   . HOH B 2 .   ? 7.272   -15.244 -8.506  0.90 35.44 ? 396 HOH A O   1 
HETATM 1598 O O   . HOH B 2 .   ? 8.530   10.020  -17.510 0.61 25.05 ? 397 HOH A O   1 
HETATM 1599 O O   . HOH B 2 .   ? 5.723   18.792  -10.363 0.63 25.08 ? 398 HOH A O   1 
HETATM 1600 O O   . HOH B 2 .   ? -13.843 -9.644  5.313   0.92 22.20 ? 399 HOH A O   1 
HETATM 1601 O O   . HOH B 2 .   ? 8.578   15.156  -14.204 0.87 30.01 ? 400 HOH A O   1 
HETATM 1602 O O   . HOH B 2 .   ? -5.396  0.407   -17.362 0.87 35.05 ? 401 HOH A O   1 
HETATM 1603 O O   . HOH B 2 .   ? -12.482 -18.240 9.783   0.91 31.62 ? 402 HOH A O   1 
HETATM 1604 O O   . HOH B 2 .   ? -12.545 12.558  5.400   0.57 16.44 ? 403 HOH A O   1 
HETATM 1605 O O   . HOH B 2 .   ? -2.935  -17.051 6.205   0.68 18.78 ? 404 HOH A O   1 
HETATM 1606 O O   . HOH B 2 .   ? 17.001  -7.125  -4.888  0.47 18.67 ? 405 HOH A O   1 
HETATM 1607 O O   . HOH B 2 .   ? -8.754  13.193  -2.833  1.00 27.42 ? 406 HOH A O   1 
HETATM 1608 O O   . HOH B 2 .   ? 22.009  8.999   7.316   0.76 26.69 ? 407 HOH A O   1 
HETATM 1609 O O   . HOH B 2 .   ? 3.545   13.698  14.358  1.00 31.34 ? 408 HOH A O   1 
HETATM 1610 O O   . HOH B 2 .   ? 16.671  -8.652  -2.963  0.50 32.98 ? 409 HOH A O   1 
HETATM 1611 O O   . HOH B 2 .   ? -8.050  -16.022 -2.959  0.83 31.27 ? 410 HOH A O   1 
HETATM 1612 O O   . HOH B 2 .   ? 12.138  11.882  9.346   1.00 23.20 ? 411 HOH A O   1 
HETATM 1613 O O   . HOH B 2 .   ? 6.341   -3.552  14.583  0.78 29.43 ? 412 HOH A O   1 
HETATM 1614 O O   . HOH B 2 .   ? 2.756   -11.358 16.028  0.88 33.90 ? 413 HOH A O   1 
HETATM 1615 O O   . HOH B 2 .   ? -19.651 2.548   12.450  1.00 29.78 ? 414 HOH A O   1 
HETATM 1616 O O   . HOH B 2 .   ? 1.001   13.644  -13.093 0.60 20.05 ? 415 HOH A O   1 
HETATM 1617 O O   . HOH B 2 .   ? 1.546   6.535   -20.567 0.56 25.74 ? 416 HOH A O   1 
HETATM 1618 O O   . HOH B 2 .   ? -0.539  16.974  3.736   0.45 21.27 ? 417 HOH A O   1 
HETATM 1619 O O   . HOH B 2 .   ? 10.215  -8.169  8.974   0.43 20.12 ? 418 HOH A O   1 
HETATM 1620 O O   . HOH B 2 .   ? 11.337  9.546   -10.261 0.77 29.08 ? 419 HOH A O   1 
HETATM 1621 O O   . HOH B 2 .   ? -8.035  -8.750  -10.346 0.87 39.25 ? 420 HOH A O   1 
HETATM 1622 O O   . HOH B 2 .   ? 11.739  -15.055 -8.562  0.76 28.24 ? 421 HOH A O   1 
HETATM 1623 O O   . HOH B 2 .   ? 18.160  -2.364  3.955   0.64 21.92 ? 422 HOH A O   1 
HETATM 1624 O O   . HOH B 2 .   ? -0.017  -14.365 12.646  1.00 37.11 ? 423 HOH A O   1 
HETATM 1625 O O   . HOH B 2 .   ? 3.962   18.901  0.225   0.72 27.00 ? 424 HOH A O   1 
# 
